data_4EM1
# 
_entry.id   4EM1 
# 
_audit_conform.dict_name       mmcif_pdbx.dic 
_audit_conform.dict_version    5.381 
_audit_conform.dict_location   http://mmcif.pdb.org/dictionaries/ascii/mmcif_pdbx.dic 
# 
loop_
_database_2.database_id 
_database_2.database_code 
_database_2.pdbx_database_accession 
_database_2.pdbx_DOI 
PDB   4EM1         pdb_00004em1 10.2210/pdb4em1/pdb 
RCSB  RCSB071787   ?            ?                   
WWPDB D_1000071787 ?            ?                   
# 
loop_
_pdbx_database_related.db_name 
_pdbx_database_related.db_id 
_pdbx_database_related.details 
_pdbx_database_related.content_type 
PDB 4EM0 . unspecified 
PDB 4EM2 . unspecified 
# 
_pdbx_database_status.status_code                     REL 
_pdbx_database_status.entry_id                        4EM1 
_pdbx_database_status.recvd_initial_deposition_date   2012-04-11 
_pdbx_database_status.deposit_site                    RCSB 
_pdbx_database_status.process_site                    PDBJ 
_pdbx_database_status.methods_development_category    ? 
_pdbx_database_status.status_code_sf                  REL 
_pdbx_database_status.status_code_mr                  ? 
_pdbx_database_status.SG_entry                        ? 
_pdbx_database_status.status_code_cs                  ? 
_pdbx_database_status.pdb_format_compatible           Y 
_pdbx_database_status.status_code_nmr_data            ? 
# 
loop_
_audit_author.name 
_audit_author.pdbx_ordinal 
'Chang, Y.M.'   1 
'Chen, C.K.-M.' 2 
'Wang, A.H.-J.' 3 
# 
_citation.id                        primary 
_citation.title                     'Staphylococcus aureus MarR native' 
_citation.journal_abbrev            'To be Published' 
_citation.journal_volume            ? 
_citation.page_first                ? 
_citation.page_last                 ? 
_citation.year                      ? 
_citation.journal_id_ASTM           ? 
_citation.country                   ? 
_citation.journal_id_ISSN           ? 
_citation.journal_id_CSD            0353 
_citation.book_publisher            ? 
_citation.pdbx_database_id_PubMed   ? 
_citation.pdbx_database_id_DOI      ? 
# 
loop_
_citation_author.citation_id 
_citation_author.name 
_citation_author.ordinal 
_citation_author.identifier_ORCID 
primary 'Chang, Y.M.'   1 ? 
primary 'Chen, C.K.-M.' 2 ? 
primary 'Wang, A.H.-J.' 3 ? 
# 
_cell.entry_id           4EM1 
_cell.length_a           36.122 
_cell.length_b           75.218 
_cell.length_c           109.427 
_cell.angle_alpha        90.00 
_cell.angle_beta         90.00 
_cell.angle_gamma        90.00 
_cell.Z_PDB              8 
_cell.pdbx_unique_axis   ? 
_cell.length_a_esd       ? 
_cell.length_b_esd       ? 
_cell.length_c_esd       ? 
_cell.angle_alpha_esd    ? 
_cell.angle_beta_esd     ? 
_cell.angle_gamma_esd    ? 
# 
_symmetry.entry_id                         4EM1 
_symmetry.space_group_name_H-M             'C 2 2 21' 
_symmetry.pdbx_full_space_group_name_H-M   ? 
_symmetry.cell_setting                     ? 
_symmetry.Int_Tables_number                20 
_symmetry.space_group_name_Hall            ? 
# 
loop_
_entity.id 
_entity.type 
_entity.src_method 
_entity.pdbx_description 
_entity.formula_weight 
_entity.pdbx_number_of_molecules 
_entity.pdbx_ec 
_entity.pdbx_mutation 
_entity.pdbx_fragment 
_entity.details 
1 polymer man 'Uncharacterized HTH-type transcriptional regulator SAR2349' 20663.557 1   ? ? ? ? 
2 water   nat water                                                        18.015    103 ? ? ? ? 
# 
_entity_name_com.entity_id   1 
_entity_name_com.name        'Transcriptional regulator MarR' 
# 
_entity_poly.entity_id                      1 
_entity_poly.type                           'polypeptide(L)' 
_entity_poly.nstd_linkage                   no 
_entity_poly.nstd_monomer                   no 
_entity_poly.pdbx_seq_one_letter_code       
;TAAAKFERQHMDSPDLGTDDDDKAMADIGSDFMLSQEFFNSFITIYRPYLKLTEPILEKHNIYYGQWLILRDIAKHQPTT
LIEISHRRAIEKPTARKTLKALIENDLITVENSLEDKRQKFLTLTPKGHELYEIVCLDVQKLQQAVVAKTNISQDQMQET
INVMNQIHEILLKEAHND
;
_entity_poly.pdbx_seq_one_letter_code_can   
;TAAAKFERQHMDSPDLGTDDDDKAMADIGSDFMLSQEFFNSFITIYRPYLKLTEPILEKHNIYYGQWLILRDIAKHQPTT
LIEISHRRAIEKPTARKTLKALIENDLITVENSLEDKRQKFLTLTPKGHELYEIVCLDVQKLQQAVVAKTNISQDQMQET
INVMNQIHEILLKEAHND
;
_entity_poly.pdbx_strand_id                 A 
_entity_poly.pdbx_target_identifier         ? 
# 
loop_
_entity_poly_seq.entity_id 
_entity_poly_seq.num 
_entity_poly_seq.mon_id 
_entity_poly_seq.hetero 
1 1   THR n 
1 2   ALA n 
1 3   ALA n 
1 4   ALA n 
1 5   LYS n 
1 6   PHE n 
1 7   GLU n 
1 8   ARG n 
1 9   GLN n 
1 10  HIS n 
1 11  MET n 
1 12  ASP n 
1 13  SER n 
1 14  PRO n 
1 15  ASP n 
1 16  LEU n 
1 17  GLY n 
1 18  THR n 
1 19  ASP n 
1 20  ASP n 
1 21  ASP n 
1 22  ASP n 
1 23  LYS n 
1 24  ALA n 
1 25  MET n 
1 26  ALA n 
1 27  ASP n 
1 28  ILE n 
1 29  GLY n 
1 30  SER n 
1 31  ASP n 
1 32  PHE n 
1 33  MET n 
1 34  LEU n 
1 35  SER n 
1 36  GLN n 
1 37  GLU n 
1 38  PHE n 
1 39  PHE n 
1 40  ASN n 
1 41  SER n 
1 42  PHE n 
1 43  ILE n 
1 44  THR n 
1 45  ILE n 
1 46  TYR n 
1 47  ARG n 
1 48  PRO n 
1 49  TYR n 
1 50  LEU n 
1 51  LYS n 
1 52  LEU n 
1 53  THR n 
1 54  GLU n 
1 55  PRO n 
1 56  ILE n 
1 57  LEU n 
1 58  GLU n 
1 59  LYS n 
1 60  HIS n 
1 61  ASN n 
1 62  ILE n 
1 63  TYR n 
1 64  TYR n 
1 65  GLY n 
1 66  GLN n 
1 67  TRP n 
1 68  LEU n 
1 69  ILE n 
1 70  LEU n 
1 71  ARG n 
1 72  ASP n 
1 73  ILE n 
1 74  ALA n 
1 75  LYS n 
1 76  HIS n 
1 77  GLN n 
1 78  PRO n 
1 79  THR n 
1 80  THR n 
1 81  LEU n 
1 82  ILE n 
1 83  GLU n 
1 84  ILE n 
1 85  SER n 
1 86  HIS n 
1 87  ARG n 
1 88  ARG n 
1 89  ALA n 
1 90  ILE n 
1 91  GLU n 
1 92  LYS n 
1 93  PRO n 
1 94  THR n 
1 95  ALA n 
1 96  ARG n 
1 97  LYS n 
1 98  THR n 
1 99  LEU n 
1 100 LYS n 
1 101 ALA n 
1 102 LEU n 
1 103 ILE n 
1 104 GLU n 
1 105 ASN n 
1 106 ASP n 
1 107 LEU n 
1 108 ILE n 
1 109 THR n 
1 110 VAL n 
1 111 GLU n 
1 112 ASN n 
1 113 SER n 
1 114 LEU n 
1 115 GLU n 
1 116 ASP n 
1 117 LYS n 
1 118 ARG n 
1 119 GLN n 
1 120 LYS n 
1 121 PHE n 
1 122 LEU n 
1 123 THR n 
1 124 LEU n 
1 125 THR n 
1 126 PRO n 
1 127 LYS n 
1 128 GLY n 
1 129 HIS n 
1 130 GLU n 
1 131 LEU n 
1 132 TYR n 
1 133 GLU n 
1 134 ILE n 
1 135 VAL n 
1 136 CYS n 
1 137 LEU n 
1 138 ASP n 
1 139 VAL n 
1 140 GLN n 
1 141 LYS n 
1 142 LEU n 
1 143 GLN n 
1 144 GLN n 
1 145 ALA n 
1 146 VAL n 
1 147 VAL n 
1 148 ALA n 
1 149 LYS n 
1 150 THR n 
1 151 ASN n 
1 152 ILE n 
1 153 SER n 
1 154 GLN n 
1 155 ASP n 
1 156 GLN n 
1 157 MET n 
1 158 GLN n 
1 159 GLU n 
1 160 THR n 
1 161 ILE n 
1 162 ASN n 
1 163 VAL n 
1 164 MET n 
1 165 ASN n 
1 166 GLN n 
1 167 ILE n 
1 168 HIS n 
1 169 GLU n 
1 170 ILE n 
1 171 LEU n 
1 172 LEU n 
1 173 LYS n 
1 174 GLU n 
1 175 ALA n 
1 176 HIS n 
1 177 ASN n 
1 178 ASP n 
# 
_entity_src_gen.entity_id                          1 
_entity_src_gen.pdbx_src_id                        1 
_entity_src_gen.pdbx_alt_source_flag               sample 
_entity_src_gen.pdbx_seq_type                      ? 
_entity_src_gen.pdbx_beg_seq_num                   ? 
_entity_src_gen.pdbx_end_seq_num                   ? 
_entity_src_gen.gene_src_common_name               ? 
_entity_src_gen.gene_src_genus                     ? 
_entity_src_gen.pdbx_gene_src_gene                 SAR2349 
_entity_src_gen.gene_src_species                   ? 
_entity_src_gen.gene_src_strain                    MRSA252 
_entity_src_gen.gene_src_tissue                    ? 
_entity_src_gen.gene_src_tissue_fraction           ? 
_entity_src_gen.gene_src_details                   ? 
_entity_src_gen.pdbx_gene_src_fragment             ? 
_entity_src_gen.pdbx_gene_src_scientific_name      'Staphylococcus aureus' 
_entity_src_gen.pdbx_gene_src_ncbi_taxonomy_id     282458 
_entity_src_gen.pdbx_gene_src_variant              ? 
_entity_src_gen.pdbx_gene_src_cell_line            ? 
_entity_src_gen.pdbx_gene_src_atcc                 ? 
_entity_src_gen.pdbx_gene_src_organ                ? 
_entity_src_gen.pdbx_gene_src_organelle            ? 
_entity_src_gen.pdbx_gene_src_cell                 ? 
_entity_src_gen.pdbx_gene_src_cellular_location    ? 
_entity_src_gen.host_org_common_name               ? 
_entity_src_gen.pdbx_host_org_scientific_name      'Escherichia coli' 
_entity_src_gen.pdbx_host_org_ncbi_taxonomy_id     562 
_entity_src_gen.host_org_genus                     ? 
_entity_src_gen.pdbx_host_org_gene                 ? 
_entity_src_gen.pdbx_host_org_organ                ? 
_entity_src_gen.host_org_species                   ? 
_entity_src_gen.pdbx_host_org_tissue               ? 
_entity_src_gen.pdbx_host_org_tissue_fraction      ? 
_entity_src_gen.pdbx_host_org_strain               'BL21(DE3)' 
_entity_src_gen.pdbx_host_org_variant              ? 
_entity_src_gen.pdbx_host_org_cell_line            ? 
_entity_src_gen.pdbx_host_org_atcc                 ? 
_entity_src_gen.pdbx_host_org_culture_collection   ? 
_entity_src_gen.pdbx_host_org_cell                 ? 
_entity_src_gen.pdbx_host_org_organelle            ? 
_entity_src_gen.pdbx_host_org_cellular_location    ? 
_entity_src_gen.pdbx_host_org_vector_type          Plasmid 
_entity_src_gen.pdbx_host_org_vector               ? 
_entity_src_gen.host_org_details                   ? 
_entity_src_gen.expression_system_id               ? 
_entity_src_gen.plasmid_name                       pET21 
_entity_src_gen.plasmid_details                    ? 
_entity_src_gen.pdbx_description                   ? 
# 
_struct_ref.id                         1 
_struct_ref.db_name                    UNP 
_struct_ref.db_code                    Y2349_STAAR 
_struct_ref.pdbx_db_accession          Q6GEG9 
_struct_ref.entity_id                  1 
_struct_ref.pdbx_seq_one_letter_code   
;MLSQEFFNSFITIYRPYLKLTEPILEKHNIYYGQWLILRDIAKHQPTTLIEISHRRAIEKPTARKTLKALIENDLITVEN
SLEDKRQKFLTLTPKGHELYEIVCLDVQKLQQAVVAKTNISQDQMQETINVMNQIHEILLKEAHND
;
_struct_ref.pdbx_align_begin           1 
_struct_ref.pdbx_db_isoform            ? 
# 
_struct_ref_seq.align_id                      1 
_struct_ref_seq.ref_id                        1 
_struct_ref_seq.pdbx_PDB_id_code              4EM1 
_struct_ref_seq.pdbx_strand_id                A 
_struct_ref_seq.seq_align_beg                 33 
_struct_ref_seq.pdbx_seq_align_beg_ins_code   ? 
_struct_ref_seq.seq_align_end                 178 
_struct_ref_seq.pdbx_seq_align_end_ins_code   ? 
_struct_ref_seq.pdbx_db_accession             Q6GEG9 
_struct_ref_seq.db_align_beg                  1 
_struct_ref_seq.pdbx_db_align_beg_ins_code    ? 
_struct_ref_seq.db_align_end                  146 
_struct_ref_seq.pdbx_db_align_end_ins_code    ? 
_struct_ref_seq.pdbx_auth_seq_align_beg       39 
_struct_ref_seq.pdbx_auth_seq_align_end       184 
# 
loop_
_struct_ref_seq_dif.align_id 
_struct_ref_seq_dif.pdbx_pdb_id_code 
_struct_ref_seq_dif.mon_id 
_struct_ref_seq_dif.pdbx_pdb_strand_id 
_struct_ref_seq_dif.seq_num 
_struct_ref_seq_dif.pdbx_pdb_ins_code 
_struct_ref_seq_dif.pdbx_seq_db_name 
_struct_ref_seq_dif.pdbx_seq_db_accession_code 
_struct_ref_seq_dif.db_mon_id 
_struct_ref_seq_dif.pdbx_seq_db_seq_num 
_struct_ref_seq_dif.details 
_struct_ref_seq_dif.pdbx_auth_seq_num 
_struct_ref_seq_dif.pdbx_ordinal 
1 4EM1 THR A 1  ? UNP Q6GEG9 ? ? 'expression tag' 7  1  
1 4EM1 ALA A 2  ? UNP Q6GEG9 ? ? 'expression tag' 8  2  
1 4EM1 ALA A 3  ? UNP Q6GEG9 ? ? 'expression tag' 9  3  
1 4EM1 ALA A 4  ? UNP Q6GEG9 ? ? 'expression tag' 10 4  
1 4EM1 LYS A 5  ? UNP Q6GEG9 ? ? 'expression tag' 11 5  
1 4EM1 PHE A 6  ? UNP Q6GEG9 ? ? 'expression tag' 12 6  
1 4EM1 GLU A 7  ? UNP Q6GEG9 ? ? 'expression tag' 13 7  
1 4EM1 ARG A 8  ? UNP Q6GEG9 ? ? 'expression tag' 14 8  
1 4EM1 GLN A 9  ? UNP Q6GEG9 ? ? 'expression tag' 15 9  
1 4EM1 HIS A 10 ? UNP Q6GEG9 ? ? 'expression tag' 16 10 
1 4EM1 MET A 11 ? UNP Q6GEG9 ? ? 'expression tag' 17 11 
1 4EM1 ASP A 12 ? UNP Q6GEG9 ? ? 'expression tag' 18 12 
1 4EM1 SER A 13 ? UNP Q6GEG9 ? ? 'expression tag' 19 13 
1 4EM1 PRO A 14 ? UNP Q6GEG9 ? ? 'expression tag' 20 14 
1 4EM1 ASP A 15 ? UNP Q6GEG9 ? ? 'expression tag' 21 15 
1 4EM1 LEU A 16 ? UNP Q6GEG9 ? ? 'expression tag' 22 16 
1 4EM1 GLY A 17 ? UNP Q6GEG9 ? ? 'expression tag' 23 17 
1 4EM1 THR A 18 ? UNP Q6GEG9 ? ? 'expression tag' 24 18 
1 4EM1 ASP A 19 ? UNP Q6GEG9 ? ? 'expression tag' 25 19 
1 4EM1 ASP A 20 ? UNP Q6GEG9 ? ? 'expression tag' 26 20 
1 4EM1 ASP A 21 ? UNP Q6GEG9 ? ? 'expression tag' 27 21 
1 4EM1 ASP A 22 ? UNP Q6GEG9 ? ? 'expression tag' 28 22 
1 4EM1 LYS A 23 ? UNP Q6GEG9 ? ? 'expression tag' 29 23 
1 4EM1 ALA A 24 ? UNP Q6GEG9 ? ? 'expression tag' 30 24 
1 4EM1 MET A 25 ? UNP Q6GEG9 ? ? 'expression tag' 31 25 
1 4EM1 ALA A 26 ? UNP Q6GEG9 ? ? 'expression tag' 32 26 
1 4EM1 ASP A 27 ? UNP Q6GEG9 ? ? 'expression tag' 33 27 
1 4EM1 ILE A 28 ? UNP Q6GEG9 ? ? 'expression tag' 34 28 
1 4EM1 GLY A 29 ? UNP Q6GEG9 ? ? 'expression tag' 35 29 
1 4EM1 SER A 30 ? UNP Q6GEG9 ? ? 'expression tag' 36 30 
1 4EM1 ASP A 31 ? UNP Q6GEG9 ? ? 'expression tag' 37 31 
1 4EM1 PHE A 32 ? UNP Q6GEG9 ? ? 'expression tag' 38 32 
# 
loop_
_chem_comp.id 
_chem_comp.type 
_chem_comp.mon_nstd_flag 
_chem_comp.name 
_chem_comp.pdbx_synonyms 
_chem_comp.formula 
_chem_comp.formula_weight 
ALA 'L-peptide linking' y ALANINE         ? 'C3 H7 N O2'     89.093  
ARG 'L-peptide linking' y ARGININE        ? 'C6 H15 N4 O2 1' 175.209 
ASN 'L-peptide linking' y ASPARAGINE      ? 'C4 H8 N2 O3'    132.118 
ASP 'L-peptide linking' y 'ASPARTIC ACID' ? 'C4 H7 N O4'     133.103 
CYS 'L-peptide linking' y CYSTEINE        ? 'C3 H7 N O2 S'   121.158 
GLN 'L-peptide linking' y GLUTAMINE       ? 'C5 H10 N2 O3'   146.144 
GLU 'L-peptide linking' y 'GLUTAMIC ACID' ? 'C5 H9 N O4'     147.129 
GLY 'peptide linking'   y GLYCINE         ? 'C2 H5 N O2'     75.067  
HIS 'L-peptide linking' y HISTIDINE       ? 'C6 H10 N3 O2 1' 156.162 
HOH non-polymer         . WATER           ? 'H2 O'           18.015  
ILE 'L-peptide linking' y ISOLEUCINE      ? 'C6 H13 N O2'    131.173 
LEU 'L-peptide linking' y LEUCINE         ? 'C6 H13 N O2'    131.173 
LYS 'L-peptide linking' y LYSINE          ? 'C6 H15 N2 O2 1' 147.195 
MET 'L-peptide linking' y METHIONINE      ? 'C5 H11 N O2 S'  149.211 
PHE 'L-peptide linking' y PHENYLALANINE   ? 'C9 H11 N O2'    165.189 
PRO 'L-peptide linking' y PROLINE         ? 'C5 H9 N O2'     115.130 
SER 'L-peptide linking' y SERINE          ? 'C3 H7 N O3'     105.093 
THR 'L-peptide linking' y THREONINE       ? 'C4 H9 N O3'     119.119 
TRP 'L-peptide linking' y TRYPTOPHAN      ? 'C11 H12 N2 O2'  204.225 
TYR 'L-peptide linking' y TYROSINE        ? 'C9 H11 N O3'    181.189 
VAL 'L-peptide linking' y VALINE          ? 'C5 H11 N O2'    117.146 
# 
_exptl.entry_id          4EM1 
_exptl.method            'X-RAY DIFFRACTION' 
_exptl.crystals_number   1 
# 
_exptl_crystal.id                    1 
_exptl_crystal.density_meas          ? 
_exptl_crystal.density_Matthews      1.80 
_exptl_crystal.density_percent_sol   31.61 
_exptl_crystal.description           ? 
_exptl_crystal.F_000                 ? 
_exptl_crystal.preparation           ? 
# 
_exptl_crystal_grow.crystal_id      1 
_exptl_crystal_grow.method          'VAPOR DIFFUSION, HANGING DROP' 
_exptl_crystal_grow.temp            298 
_exptl_crystal_grow.temp_details    ? 
_exptl_crystal_grow.pH              8.0 
_exptl_crystal_grow.pdbx_details    '20% 5000 MME, 0.2M LiSO4, 0.1M Tris PH 8.0, VAPOR DIFFUSION, HANGING DROP, temperature 298K' 
_exptl_crystal_grow.pdbx_pH_range   . 
# 
_diffrn.id                     1 
_diffrn.ambient_temp           100 
_diffrn.ambient_temp_details   ? 
_diffrn.crystal_id             1 
# 
_diffrn_detector.diffrn_id              1 
_diffrn_detector.detector               CCD 
_diffrn_detector.type                   'ADSC QUANTUM 210' 
_diffrn_detector.pdbx_collection_date   2010-08-24 
_diffrn_detector.details                mirrors 
# 
_diffrn_radiation.diffrn_id                        1 
_diffrn_radiation.wavelength_id                    1 
_diffrn_radiation.pdbx_monochromatic_or_laue_m_l   M 
_diffrn_radiation.monochromator                    graphite 
_diffrn_radiation.pdbx_diffrn_protocol             'SINGLE WAVELENGTH' 
_diffrn_radiation.pdbx_scattering_type             x-ray 
# 
_diffrn_radiation_wavelength.id           1 
_diffrn_radiation_wavelength.wavelength   1 
_diffrn_radiation_wavelength.wt           1.0 
# 
_diffrn_source.diffrn_id                   1 
_diffrn_source.source                      SYNCHROTRON 
_diffrn_source.type                        'NSRRC BEAMLINE BL13B1' 
_diffrn_source.pdbx_synchrotron_site       NSRRC 
_diffrn_source.pdbx_synchrotron_beamline   BL13B1 
_diffrn_source.pdbx_wavelength             ? 
_diffrn_source.pdbx_wavelength_list        1 
# 
_reflns.entry_id                     4EM1 
_reflns.observed_criterion_sigma_I   0 
_reflns.observed_criterion_sigma_F   0 
_reflns.d_resolution_low             22 
_reflns.d_resolution_high            3.0 
_reflns.number_obs                   3179 
_reflns.number_all                   ? 
_reflns.percent_possible_obs         98.3 
_reflns.pdbx_Rmerge_I_obs            0.065 
_reflns.pdbx_Rsym_value              ? 
_reflns.pdbx_netI_over_sigmaI        16.8 
_reflns.B_iso_Wilson_estimate        ? 
_reflns.pdbx_redundancy              3.8 
_reflns.R_free_details               ? 
_reflns.limit_h_max                  ? 
_reflns.limit_h_min                  ? 
_reflns.limit_k_max                  ? 
_reflns.limit_k_min                  ? 
_reflns.limit_l_max                  ? 
_reflns.limit_l_min                  ? 
_reflns.observed_criterion_F_max     ? 
_reflns.observed_criterion_F_min     ? 
_reflns.pdbx_chi_squared             ? 
_reflns.pdbx_scaling_rejects         ? 
_reflns.pdbx_ordinal                 1 
_reflns.pdbx_diffrn_id               1 
# 
_reflns_shell.d_res_high                  2.9 
_reflns_shell.d_res_low                   3.03 
_reflns_shell.percent_possible_all        99.3 
_reflns_shell.Rmerge_I_obs                0.403 
_reflns_shell.pdbx_Rsym_value             ? 
_reflns_shell.meanI_over_sigI_obs         3.6 
_reflns_shell.pdbx_redundancy             3.7 
_reflns_shell.percent_possible_obs        ? 
_reflns_shell.number_unique_all           573 
_reflns_shell.number_measured_all         ? 
_reflns_shell.number_measured_obs         ? 
_reflns_shell.number_unique_obs           ? 
_reflns_shell.pdbx_chi_squared            ? 
_reflns_shell.pdbx_rejects                ? 
_reflns_shell.pdbx_netI_over_sigmaI_obs   ? 
_reflns_shell.number_possible             ? 
_reflns_shell.Rmerge_F_all                ? 
_reflns_shell.Rmerge_F_obs                ? 
_reflns_shell.Rmerge_I_all                ? 
_reflns_shell.meanI_over_sigI_all         ? 
_reflns_shell.pdbx_Rrim_I_all             ? 
_reflns_shell.pdbx_Rpim_I_all             ? 
_reflns_shell.pdbx_ordinal                1 
_reflns_shell.pdbx_diffrn_id              1 
# 
_refine.entry_id                                 4EM1 
_refine.ls_d_res_high                            3.0000 
_refine.ls_d_res_low                             22.0000 
_refine.pdbx_ls_sigma_F                          0.000 
_refine.ls_percent_reflns_obs                    95.8000 
_refine.ls_number_reflns_obs                     3045 
_refine.ls_R_factor_R_work                       0.2693 
_refine.ls_R_factor_R_free                       0.2935 
_refine.ls_percent_reflns_R_free                 4.2000 
_refine.ls_number_reflns_R_free                  135 
_refine.ls_number_reflns_R_work                  2910 
_refine.ls_R_factor_R_free_error                 ? 
_refine.B_iso_mean                               38.9912 
_refine.solvent_model_param_bsol                 171.8300 
_refine.solvent_model_param_ksol                 ? 
_refine.pdbx_isotropic_thermal_model             ? 
_refine.aniso_B[1][1]                            4.1930 
_refine.aniso_B[2][2]                            0.9810 
_refine.aniso_B[3][3]                            -5.1740 
_refine.aniso_B[1][2]                            0.0000 
_refine.aniso_B[1][3]                            0.0000 
_refine.aniso_B[2][3]                            0.0000 
_refine.B_iso_max                                72.650 
_refine.B_iso_min                                1.000 
_refine.pdbx_overall_phase_error                 ? 
_refine.occupancy_max                            1.000 
_refine.occupancy_min                            0.500 
_refine.pdbx_ls_cross_valid_method               THROUGHOUT 
_refine.pdbx_starting_model                      'PDB ENTRY 4EM2' 
_refine.pdbx_method_to_determine_struct          'MOLECULAR REPLACEMENT' 
_refine.pdbx_stereochemistry_target_values       'Engh & Huber' 
_refine.pdbx_R_Free_selection_details            random 
_refine.pdbx_diffrn_id                           1 
_refine.pdbx_refine_id                           'X-RAY DIFFRACTION' 
_refine.ls_R_factor_all                          ? 
_refine.ls_R_factor_obs                          ? 
_refine.ls_number_reflns_all                     ? 
_refine.pdbx_ls_sigma_I                          ? 
_refine.ls_redundancy_reflns_obs                 ? 
_refine.pdbx_data_cutoff_high_absF               ? 
_refine.pdbx_data_cutoff_low_absF                ? 
_refine.ls_number_parameters                     ? 
_refine.ls_number_restraints                     ? 
_refine.ls_R_factor_R_free_error_details         ? 
_refine.pdbx_stereochem_target_val_spec_case     ? 
_refine.solvent_model_details                    ? 
_refine.overall_SU_B                             ? 
_refine.overall_SU_ML                            ? 
_refine.pdbx_overall_ESU_R                       ? 
_refine.pdbx_overall_ESU_R_Free                  ? 
_refine.pdbx_data_cutoff_high_rms_absF           ? 
_refine.details                                  ? 
_refine.correlation_coeff_Fo_to_Fc               ? 
_refine.correlation_coeff_Fo_to_Fc_free          ? 
_refine.pdbx_solvent_vdw_probe_radii             ? 
_refine.pdbx_solvent_ion_probe_radii             ? 
_refine.pdbx_solvent_shrinkage_radii             ? 
_refine.overall_SU_R_Cruickshank_DPI             ? 
_refine.overall_SU_R_free                        ? 
_refine.ls_wR_factor_R_free                      ? 
_refine.ls_wR_factor_R_work                      ? 
_refine.overall_FOM_free_R_set                   ? 
_refine.overall_FOM_work_R_set                   ? 
_refine.pdbx_TLS_residual_ADP_flag               ? 
_refine.pdbx_overall_SU_R_free_Cruickshank_DPI   ? 
_refine.pdbx_overall_SU_R_Blow_DPI               ? 
_refine.pdbx_overall_SU_R_free_Blow_DPI          ? 
# 
_refine_analyze.entry_id                        4EM1 
_refine_analyze.Luzzati_coordinate_error_obs    0.39 
_refine_analyze.Luzzati_sigma_a_obs             0.33 
_refine_analyze.Luzzati_d_res_low_obs           ? 
_refine_analyze.Luzzati_coordinate_error_free   ? 
_refine_analyze.Luzzati_sigma_a_free            ? 
_refine_analyze.Luzzati_d_res_low_free          ? 
_refine_analyze.number_disordered_residues      ? 
_refine_analyze.occupancy_sum_hydrogen          ? 
_refine_analyze.occupancy_sum_non_hydrogen      ? 
_refine_analyze.pdbx_Luzzati_d_res_high_obs     ? 
_refine_analyze.pdbx_refine_id                  'X-RAY DIFFRACTION' 
# 
_refine_hist.pdbx_refine_id                   'X-RAY DIFFRACTION' 
_refine_hist.cycle_id                         LAST 
_refine_hist.pdbx_number_atoms_protein        1183 
_refine_hist.pdbx_number_atoms_nucleic_acid   0 
_refine_hist.pdbx_number_atoms_ligand         0 
_refine_hist.number_atoms_solvent             103 
_refine_hist.number_atoms_total               1286 
_refine_hist.d_res_high                       3.0000 
_refine_hist.d_res_low                        22.0000 
# 
loop_
_refine_ls_restr.pdbx_refine_id 
_refine_ls_restr.type 
_refine_ls_restr.number 
_refine_ls_restr.dev_ideal 
_refine_ls_restr.dev_ideal_target 
_refine_ls_restr.weight 
_refine_ls_restr.pdbx_restraint_function 
'X-RAY DIFFRACTION' c_mcbond_it  ? 1.234 1.500 ? ? 
'X-RAY DIFFRACTION' c_scbond_it  ? 1.548 2.000 ? ? 
'X-RAY DIFFRACTION' c_mcangle_it ? 2.079 2.000 ? ? 
'X-RAY DIFFRACTION' c_scangle_it ? 2.117 2.500 ? ? 
# 
_refine_ls_shell.pdbx_refine_id                   'X-RAY DIFFRACTION' 
_refine_ls_shell.pdbx_total_number_of_bins_used   ? 
_refine_ls_shell.d_res_high                       3.0 
_refine_ls_shell.d_res_low                        3.14 
_refine_ls_shell.number_reflns_R_work             ? 
_refine_ls_shell.R_factor_R_work                  ? 
_refine_ls_shell.percent_reflns_obs               96.6 
_refine_ls_shell.R_factor_R_free                  ? 
_refine_ls_shell.R_factor_R_free_error            ? 
_refine_ls_shell.percent_reflns_R_free            ? 
_refine_ls_shell.number_reflns_R_free             ? 
_refine_ls_shell.number_reflns_all                ? 
_refine_ls_shell.R_factor_all                     ? 
_refine_ls_shell.number_reflns_obs                282 
_refine_ls_shell.redundancy_reflns_obs            ? 
# 
loop_
_pdbx_xplor_file.pdbx_refine_id 
_pdbx_xplor_file.serial_no 
_pdbx_xplor_file.param_file 
_pdbx_xplor_file.topol_file 
'X-RAY DIFFRACTION' 1 protein_rep.param ? 
'X-RAY DIFFRACTION' 2 dna-rna_rep.param ? 
'X-RAY DIFFRACTION' 3 water_rep.param   ? 
'X-RAY DIFFRACTION' 4 ion.param         ? 
# 
_struct.entry_id                  4EM1 
_struct.title                     'staphylococcus aureus MarR native' 
_struct.pdbx_model_details        ? 
_struct.pdbx_CASP_flag            ? 
_struct.pdbx_model_type_details   ? 
# 
_struct_keywords.entry_id        4EM1 
_struct_keywords.pdbx_keywords   TRANSCRIPTION 
_struct_keywords.text            'marR family proteins, MarR, TRANSCRIPTION' 
# 
loop_
_struct_asym.id 
_struct_asym.pdbx_blank_PDB_chainid_flag 
_struct_asym.pdbx_modified 
_struct_asym.entity_id 
_struct_asym.details 
A N N 1 ? 
B N N 2 ? 
# 
_struct_biol.id        1 
_struct_biol.details   ? 
# 
loop_
_struct_conf.conf_type_id 
_struct_conf.id 
_struct_conf.pdbx_PDB_helix_id 
_struct_conf.beg_label_comp_id 
_struct_conf.beg_label_asym_id 
_struct_conf.beg_label_seq_id 
_struct_conf.pdbx_beg_PDB_ins_code 
_struct_conf.end_label_comp_id 
_struct_conf.end_label_asym_id 
_struct_conf.end_label_seq_id 
_struct_conf.pdbx_end_PDB_ins_code 
_struct_conf.beg_auth_comp_id 
_struct_conf.beg_auth_asym_id 
_struct_conf.beg_auth_seq_id 
_struct_conf.end_auth_comp_id 
_struct_conf.end_auth_asym_id 
_struct_conf.end_auth_seq_id 
_struct_conf.pdbx_PDB_helix_class 
_struct_conf.details 
_struct_conf.pdbx_PDB_helix_length 
HELX_P HELX_P1  1  LEU A 34  ? THR A 44  ? LEU A 40  THR A 50  1 ? 11 
HELX_P HELX_P2  2  ILE A 45  ? LYS A 59  ? ILE A 51  LYS A 65  1 ? 15 
HELX_P HELX_P3  3  TYR A 63  ? GLN A 77  ? TYR A 69  GLN A 83  1 ? 15 
HELX_P HELX_P4  4  THR A 80  ? ARG A 88  ? THR A 86  ARG A 94  1 ? 9  
HELX_P HELX_P5  5  GLU A 91  ? THR A 98  ? GLU A 97  THR A 104 1 ? 8  
HELX_P HELX_P6  6  THR A 98  ? ASN A 105 ? THR A 104 ASN A 111 1 ? 8  
HELX_P HELX_P7  7  PRO A 126 ? GLY A 128 ? PRO A 132 GLY A 134 5 ? 3  
HELX_P HELX_P8  8  HIS A 129 ? LYS A 149 ? HIS A 135 LYS A 155 1 ? 21 
HELX_P HELX_P9  9  SER A 153 ? ASN A 165 ? SER A 159 ASN A 171 1 ? 13 
HELX_P HELX_P10 10 ILE A 167 ? LEU A 172 ? ILE A 173 LEU A 178 1 ? 6  
# 
_struct_conf_type.id          HELX_P 
_struct_conf_type.criteria    ? 
_struct_conf_type.reference   ? 
# 
_struct_mon_prot_cis.pdbx_id                1 
_struct_mon_prot_cis.label_comp_id          GLN 
_struct_mon_prot_cis.label_seq_id           77 
_struct_mon_prot_cis.label_asym_id          A 
_struct_mon_prot_cis.label_alt_id           . 
_struct_mon_prot_cis.pdbx_PDB_ins_code      ? 
_struct_mon_prot_cis.auth_comp_id           GLN 
_struct_mon_prot_cis.auth_seq_id            83 
_struct_mon_prot_cis.auth_asym_id           A 
_struct_mon_prot_cis.pdbx_label_comp_id_2   PRO 
_struct_mon_prot_cis.pdbx_label_seq_id_2    78 
_struct_mon_prot_cis.pdbx_label_asym_id_2   A 
_struct_mon_prot_cis.pdbx_PDB_ins_code_2    ? 
_struct_mon_prot_cis.pdbx_auth_comp_id_2    PRO 
_struct_mon_prot_cis.pdbx_auth_seq_id_2     84 
_struct_mon_prot_cis.pdbx_auth_asym_id_2    A 
_struct_mon_prot_cis.pdbx_PDB_model_num     1 
_struct_mon_prot_cis.pdbx_omega_angle       1.54 
# 
_atom_sites.entry_id                    4EM1 
_atom_sites.fract_transf_matrix[1][1]   0.01826645 
_atom_sites.fract_transf_matrix[1][2]   0.00469310 
_atom_sites.fract_transf_matrix[1][3]   0.02026612 
_atom_sites.fract_transf_matrix[2][1]   -0.00778455 
_atom_sites.fract_transf_matrix[2][2]   -0.00657570 
_atom_sites.fract_transf_matrix[2][3]   0.00853920 
_atom_sites.fract_transf_matrix[3][1]   0.00430406 
_atom_sites.fract_transf_matrix[3][2]   -0.00779034 
_atom_sites.fract_transf_matrix[3][3]   -0.00207534 
_atom_sites.fract_transf_vector[1]      -0.072239 
_atom_sites.fract_transf_vector[2]      0.036142 
_atom_sites.fract_transf_vector[3]      -0.104699 
# 
loop_
_atom_type.symbol 
C 
N 
O 
S 
# 
loop_
_atom_site.group_PDB 
_atom_site.id 
_atom_site.type_symbol 
_atom_site.label_atom_id 
_atom_site.label_alt_id 
_atom_site.label_comp_id 
_atom_site.label_asym_id 
_atom_site.label_entity_id 
_atom_site.label_seq_id 
_atom_site.pdbx_PDB_ins_code 
_atom_site.Cartn_x 
_atom_site.Cartn_y 
_atom_site.Cartn_z 
_atom_site.occupancy 
_atom_site.B_iso_or_equiv 
_atom_site.pdbx_formal_charge 
_atom_site.auth_seq_id 
_atom_site.auth_comp_id 
_atom_site.auth_asym_id 
_atom_site.auth_atom_id 
_atom_site.pdbx_PDB_model_num 
ATOM   1    N N   . MET A 1 33  ? 28.197  -14.042 -6.138  1.00 33.57 ? 39  MET A N   1 
ATOM   2    C CA  . MET A 1 33  ? 28.965  -13.190 -5.148  1.00 33.95 ? 39  MET A CA  1 
ATOM   3    C C   . MET A 1 33  ? 28.101  -13.140 -3.919  1.00 33.69 ? 39  MET A C   1 
ATOM   4    O O   . MET A 1 33  ? 27.392  -14.087 -3.606  1.00 32.55 ? 39  MET A O   1 
ATOM   5    C CB  . MET A 1 33  ? 29.188  -11.737 -5.659  1.00 34.62 ? 39  MET A CB  1 
ATOM   6    C CG  . MET A 1 33  ? 30.361  -11.599 -6.632  1.00 36.10 ? 39  MET A CG  1 
ATOM   7    S SD  . MET A 1 33  ? 31.961  -12.092 -5.818  1.00 41.37 ? 39  MET A SD  1 
ATOM   8    C CE  . MET A 1 33  ? 33.133  -11.822 -7.096  1.00 37.41 ? 39  MET A CE  1 
ATOM   9    N N   . LEU A 1 34  ? 28.131  -12.011 -3.233  1.00 33.79 ? 40  LEU A N   1 
ATOM   10   C CA  . LEU A 1 34  ? 27.316  -11.841 -2.041  1.00 32.99 ? 40  LEU A CA  1 
ATOM   11   C C   . LEU A 1 34  ? 25.996  -11.134 -2.396  1.00 32.15 ? 40  LEU A C   1 
ATOM   12   O O   . LEU A 1 34  ? 24.904  -11.725 -2.279  1.00 31.83 ? 40  LEU A O   1 
ATOM   13   C CB  . LEU A 1 34  ? 28.091  -11.013 -1.013  1.00 33.21 ? 40  LEU A CB  1 
ATOM   14   C CG  . LEU A 1 34  ? 27.364  -10.127 0.036   1.00 32.09 ? 40  LEU A CG  1 
ATOM   15   C CD1 . LEU A 1 34  ? 26.731  -10.996 1.145   1.00 31.91 ? 40  LEU A CD1 1 
ATOM   16   C CD2 . LEU A 1 34  ? 28.379  -9.197  0.673   1.00 32.75 ? 40  LEU A CD2 1 
ATOM   17   N N   . SER A 1 35  ? 26.123  -9.889  -2.853  1.00 30.95 ? 41  SER A N   1 
ATOM   18   C CA  . SER A 1 35  ? 24.994  -9.052  -3.209  1.00 29.46 ? 41  SER A CA  1 
ATOM   19   C C   . SER A 1 35  ? 23.752  -9.680  -3.778  1.00 29.33 ? 41  SER A C   1 
ATOM   20   O O   . SER A 1 35  ? 22.619  -9.142  -3.621  1.00 25.66 ? 41  SER A O   1 
ATOM   21   C CB  . SER A 1 35  ? 25.476  -7.913  -4.133  1.00 30.49 ? 41  SER A CB  1 
ATOM   22   O OG  . SER A 1 35  ? 26.409  -8.398  -5.083  1.00 26.77 ? 41  SER A OG  1 
ATOM   23   N N   . GLN A 1 36  ? 23.980  -10.817 -4.426  1.00 29.99 ? 42  GLN A N   1 
ATOM   24   C CA  . GLN A 1 36  ? 22.901  -11.560 -5.081  1.00 30.24 ? 42  GLN A CA  1 
ATOM   25   C C   . GLN A 1 36  ? 22.098  -12.361 -4.034  1.00 30.43 ? 42  GLN A C   1 
ATOM   26   O O   . GLN A 1 36  ? 20.868  -12.361 -4.036  1.00 28.61 ? 42  GLN A O   1 
ATOM   27   C CB  . GLN A 1 36  ? 23.484  -12.503 -6.192  1.00 30.64 ? 42  GLN A CB  1 
ATOM   28   C CG  . GLN A 1 36  ? 22.582  -13.636 -6.700  1.00 27.94 ? 42  GLN A CG  1 
ATOM   29   C CD  . GLN A 1 36  ? 21.635  -13.236 -7.816  1.00 26.10 ? 42  GLN A CD  1 
ATOM   30   O OE1 . GLN A 1 36  ? 20.730  -14.030 -8.164  1.00 25.02 ? 42  GLN A OE1 1 
ATOM   31   N NE2 . GLN A 1 36  ? 21.833  -12.030 -8.398  1.00 24.29 ? 42  GLN A NE2 1 
ATOM   32   N N   . GLU A 1 37  ? 22.792  -13.037 -3.126  1.00 30.20 ? 43  GLU A N   1 
ATOM   33   C CA  . GLU A 1 37  ? 22.084  -13.816 -2.127  1.00 28.91 ? 43  GLU A CA  1 
ATOM   34   C C   . GLU A 1 37  ? 21.352  -12.745 -1.341  1.00 29.99 ? 43  GLU A C   1 
ATOM   35   O O   . GLU A 1 37  ? 20.436  -13.036 -0.570  1.00 28.68 ? 43  GLU A O   1 
ATOM   36   C CB  . GLU A 1 37  ? 23.065  -14.557 -1.203  1.00 28.49 ? 43  GLU A CB  1 
ATOM   37   C CG  . GLU A 1 37  ? 22.449  -15.638 -0.325  1.00 23.95 ? 43  GLU A CG  1 
ATOM   38   C CD  . GLU A 1 37  ? 22.919  -15.569 1.158   1.00 23.42 ? 43  GLU A CD  1 
ATOM   39   O OE1 . GLU A 1 37  ? 24.152  -15.461 1.443   1.00 21.37 ? 43  GLU A OE1 1 
ATOM   40   O OE2 . GLU A 1 37  ? 22.053  -15.638 2.060   1.00 21.80 ? 43  GLU A OE2 1 
ATOM   41   N N   . PHE A 1 38  ? 21.743  -11.496 -1.540  1.00 31.29 ? 44  PHE A N   1 
ATOM   42   C CA  . PHE A 1 38  ? 21.113  -10.403 -0.789  1.00 32.07 ? 44  PHE A CA  1 
ATOM   43   C C   . PHE A 1 38  ? 19.790  -9.755  -1.230  1.00 31.37 ? 44  PHE A C   1 
ATOM   44   O O   . PHE A 1 38  ? 18.845  -9.743  -0.408  1.00 29.60 ? 44  PHE A O   1 
ATOM   45   C CB  . PHE A 1 38  ? 22.127  -9.299  -0.534  1.00 34.62 ? 44  PHE A CB  1 
ATOM   46   C CG  . PHE A 1 38  ? 21.524  -8.043  -0.041  1.00 35.43 ? 44  PHE A CG  1 
ATOM   47   C CD1 . PHE A 1 38  ? 20.929  -7.972  1.202   1.00 35.09 ? 44  PHE A CD1 1 
ATOM   48   C CD2 . PHE A 1 38  ? 21.532  -6.923  -0.841  1.00 36.04 ? 44  PHE A CD2 1 
ATOM   49   C CE1 . PHE A 1 38  ? 20.354  -6.788  1.629   1.00 36.61 ? 44  PHE A CE1 1 
ATOM   50   C CE2 . PHE A 1 38  ? 20.963  -5.752  -0.411  1.00 36.26 ? 44  PHE A CE2 1 
ATOM   51   C CZ  . PHE A 1 38  ? 20.374  -5.687  0.816   1.00 36.35 ? 44  PHE A CZ  1 
ATOM   52   N N   . PHE A 1 39  ? 19.726  -9.219  -2.460  1.00 30.61 ? 45  PHE A N   1 
ATOM   53   C CA  . PHE A 1 39  ? 18.490  -8.602  -2.932  1.00 30.36 ? 45  PHE A CA  1 
ATOM   54   C C   . PHE A 1 39  ? 17.293  -9.573  -3.038  1.00 28.18 ? 45  PHE A C   1 
ATOM   55   O O   . PHE A 1 39  ? 16.112  -9.203  -2.704  1.00 26.72 ? 45  PHE A O   1 
ATOM   56   C CB  . PHE A 1 39  ? 18.689  -7.954  -4.284  1.00 32.07 ? 45  PHE A CB  1 
ATOM   57   C CG  . PHE A 1 39  ? 19.021  -6.501  -4.196  1.00 34.88 ? 45  PHE A CG  1 
ATOM   58   C CD1 . PHE A 1 39  ? 20.335  -6.100  -3.934  1.00 34.89 ? 45  PHE A CD1 1 
ATOM   59   C CD2 . PHE A 1 39  ? 18.035  -5.514  -4.441  1.00 34.47 ? 45  PHE A CD2 1 
ATOM   60   C CE1 . PHE A 1 39  ? 20.650  -4.733  -3.864  1.00 34.56 ? 45  PHE A CE1 1 
ATOM   61   C CE2 . PHE A 1 39  ? 18.359  -4.167  -4.364  1.00 35.34 ? 45  PHE A CE2 1 
ATOM   62   C CZ  . PHE A 1 39  ? 19.679  -3.779  -4.103  1.00 33.92 ? 45  PHE A CZ  1 
ATOM   63   N N   . ASN A 1 40  ? 17.598  -10.793 -3.495  1.00 27.05 ? 46  ASN A N   1 
ATOM   64   C CA  . ASN A 1 40  ? 16.570  -11.773 -3.687  1.00 26.88 ? 46  ASN A CA  1 
ATOM   65   C C   . ASN A 1 40  ? 16.168  -12.499 -2.438  1.00 27.16 ? 46  ASN A C   1 
ATOM   66   O O   . ASN A 1 40  ? 15.241  -13.296 -2.458  1.00 27.03 ? 46  ASN A O   1 
ATOM   67   C CB  . ASN A 1 40  ? 16.977  -12.720 -4.822  1.00 26.28 ? 46  ASN A CB  1 
ATOM   68   C CG  . ASN A 1 40  ? 18.300  -13.412 -4.588  1.00 24.13 ? 46  ASN A CG  1 
ATOM   69   O OD1 . ASN A 1 40  ? 18.423  -14.250 -3.729  1.00 21.71 ? 46  ASN A OD1 1 
ATOM   70   N ND2 . ASN A 1 40  ? 19.291  -13.065 -5.374  1.00 25.31 ? 46  ASN A ND2 1 
ATOM   71   N N   . SER A 1 41  ? 16.844  -12.212 -1.324  1.00 27.60 ? 47  SER A N   1 
ATOM   72   C CA  . SER A 1 41  ? 16.481  -12.858 -0.058  1.00 27.00 ? 47  SER A CA  1 
ATOM   73   C C   . SER A 1 41  ? 15.321  -11.987 0.387   1.00 26.70 ? 47  SER A C   1 
ATOM   74   O O   . SER A 1 41  ? 14.367  -12.513 0.997   1.00 25.54 ? 47  SER A O   1 
ATOM   75   C CB  . SER A 1 41  ? 17.603  -12.829 1.016   1.00 25.89 ? 47  SER A CB  1 
ATOM   76   O OG  . SER A 1 41  ? 18.667  -11.999 0.625   1.00 26.66 ? 47  SER A OG  1 
ATOM   77   N N   . PHE A 1 42  ? 15.381  -10.676 0.083   1.00 27.17 ? 48  PHE A N   1 
ATOM   78   C CA  . PHE A 1 42  ? 14.296  -9.807  0.522   1.00 28.31 ? 48  PHE A CA  1 
ATOM   79   C C   . PHE A 1 42  ? 13.182  -9.680  -0.512  1.00 28.99 ? 48  PHE A C   1 
ATOM   80   O O   . PHE A 1 42  ? 12.066  -9.277  -0.163  1.00 30.01 ? 48  PHE A O   1 
ATOM   81   C CB  . PHE A 1 42  ? 14.830  -8.410  1.100   1.00 28.92 ? 48  PHE A CB  1 
ATOM   82   C CG  . PHE A 1 42  ? 15.197  -7.337  0.006   1.00 28.17 ? 48  PHE A CG  1 
ATOM   83   C CD1 . PHE A 1 42  ? 14.184  -6.571  -0.640  1.00 24.02 ? 48  PHE A CD1 1 
ATOM   84   C CD2 . PHE A 1 42  ? 16.547  -6.962  -0.183  1.00 24.08 ? 48  PHE A CD2 1 
ATOM   85   C CE1 . PHE A 1 42  ? 14.536  -5.607  -1.551  1.00 23.30 ? 48  PHE A CE1 1 
ATOM   86   C CE2 . PHE A 1 42  ? 16.877  -6.019  -1.080  1.00 22.34 ? 48  PHE A CE2 1 
ATOM   87   C CZ  . PHE A 1 42  ? 15.866  -5.270  -1.713  1.00 23.90 ? 48  PHE A CZ  1 
ATOM   88   N N   . ILE A 1 43  ? 13.449  -10.139 -1.754  1.00 30.57 ? 49  ILE A N   1 
ATOM   89   C CA  . ILE A 1 43  ? 12.445  -10.062 -2.832  1.00 32.05 ? 49  ILE A CA  1 
ATOM   90   C C   . ILE A 1 43  ? 11.566  -11.303 -2.889  1.00 29.48 ? 49  ILE A C   1 
ATOM   91   O O   . ILE A 1 43  ? 10.350  -11.227 -3.266  1.00 30.89 ? 49  ILE A O   1 
ATOM   92   C CB  . ILE A 1 43  ? 13.098  -9.803  -4.321  1.00 33.18 ? 49  ILE A CB  1 
ATOM   93   C CG1 . ILE A 1 43  ? 12.548  -8.480  -4.915  1.00 32.67 ? 49  ILE A CG1 1 
ATOM   94   C CG2 . ILE A 1 43  ? 12.753  -10.934 -5.344  1.00 30.94 ? 49  ILE A CG2 1 
ATOM   95   C CD1 . ILE A 1 43  ? 13.162  -7.244  -4.272  1.00 31.01 ? 49  ILE A CD1 1 
ATOM   96   N N   . THR A 1 44  ? 12.171  -12.435 -2.499  1.00 31.56 ? 50  THR A N   1 
ATOM   97   C CA  . THR A 1 44  ? 11.454  -13.702 -2.515  1.00 32.85 ? 50  THR A CA  1 
ATOM   98   C C   . THR A 1 44  ? 10.622  -13.825 -1.275  1.00 31.72 ? 50  THR A C   1 
ATOM   99   O O   . THR A 1 44  ? 10.474  -14.882 -0.677  1.00 33.73 ? 50  THR A O   1 
ATOM   100  C CB  . THR A 1 44  ? 12.378  -14.878 -2.684  1.00 29.98 ? 50  THR A CB  1 
ATOM   101  O OG1 . THR A 1 44  ? 13.562  -14.654 -1.918  1.00 28.06 ? 50  THR A OG1 1 
ATOM   102  C CG2 . THR A 1 44  ? 12.699  -15.040 -4.201  1.00 30.11 ? 50  THR A CG2 1 
ATOM   103  N N   . ILE A 1 45  ? 10.082  -12.682 -0.874  1.00 30.15 ? 51  ILE A N   1 
ATOM   104  C CA  . ILE A 1 45  ? 9.165   -12.611 0.253   1.00 30.38 ? 51  ILE A CA  1 
ATOM   105  C C   . ILE A 1 45  ? 7.942   -11.826 -0.136  1.00 27.45 ? 51  ILE A C   1 
ATOM   106  O O   . ILE A 1 45  ? 6.942   -11.904 0.589   1.00 27.59 ? 51  ILE A O   1 
ATOM   107  C CB  . ILE A 1 45  ? 9.781   -11.965 1.541   1.00 29.77 ? 51  ILE A CB  1 
ATOM   108  C CG1 . ILE A 1 45  ? 10.674  -12.966 2.294   1.00 29.07 ? 51  ILE A CG1 1 
ATOM   109  C CG2 . ILE A 1 45  ? 8.627   -11.511 2.488   1.00 28.70 ? 51  ILE A CG2 1 
ATOM   110  C CD1 . ILE A 1 45  ? 11.063  -12.483 3.677   1.00 26.65 ? 51  ILE A CD1 1 
ATOM   111  N N   . TYR A 1 46  ? 7.932   -11.137 -1.279  1.00 26.76 ? 52  TYR A N   1 
ATOM   112  C CA  . TYR A 1 46  ? 6.725   -10.346 -1.593  1.00 25.99 ? 52  TYR A CA  1 
ATOM   113  C C   . TYR A 1 46  ? 5.469   -11.180 -1.755  1.00 26.47 ? 52  TYR A C   1 
ATOM   114  O O   . TYR A 1 46  ? 4.428   -10.958 -0.971  1.00 25.58 ? 52  TYR A O   1 
ATOM   115  C CB  . TYR A 1 46  ? 6.858   -9.515  -2.863  1.00 24.04 ? 52  TYR A CB  1 
ATOM   116  C CG  . TYR A 1 46  ? 5.701   -8.574  -3.158  1.00 24.94 ? 52  TYR A CG  1 
ATOM   117  C CD1 . TYR A 1 46  ? 5.472   -7.445  -2.335  1.00 26.95 ? 52  TYR A CD1 1 
ATOM   118  C CD2 . TYR A 1 46  ? 4.854   -8.771  -4.297  1.00 25.26 ? 52  TYR A CD2 1 
ATOM   119  C CE1 . TYR A 1 46  ? 4.426   -6.528  -2.616  1.00 27.12 ? 52  TYR A CE1 1 
ATOM   120  C CE2 . TYR A 1 46  ? 3.815   -7.879  -4.600  1.00 24.42 ? 52  TYR A CE2 1 
ATOM   121  C CZ  . TYR A 1 46  ? 3.605   -6.746  -3.746  1.00 26.54 ? 52  TYR A CZ  1 
ATOM   122  O OH  . TYR A 1 46  ? 2.575   -5.830  -3.977  1.00 24.24 ? 52  TYR A OH  1 
ATOM   123  N N   . ARG A 1 47  ? 5.550   -12.094 -2.733  1.00 27.07 ? 53  ARG A N   1 
ATOM   124  C CA  . ARG A 1 47  ? 4.390   -12.877 -3.009  1.00 26.88 ? 53  ARG A CA  1 
ATOM   125  C C   . ARG A 1 47  ? 4.265   -14.055 -2.059  1.00 26.81 ? 53  ARG A C   1 
ATOM   126  O O   . ARG A 1 47  ? 3.229   -14.823 -2.228  1.00 27.60 ? 53  ARG A O   1 
ATOM   127  C CB  . ARG A 1 47  ? 4.356   -13.200 -4.572  1.00 26.09 ? 53  ARG A CB  1 
ATOM   128  C CG  . ARG A 1 47  ? 4.059   -11.792 -5.267  1.00 26.46 ? 53  ARG A CG  1 
ATOM   129  C CD  . ARG A 1 47  ? 3.834   -11.885 -6.753  1.00 25.86 ? 53  ARG A CD  1 
ATOM   130  N NE  . ARG A 1 47  ? 2.688   -11.047 -7.123  1.00 25.77 ? 53  ARG A NE  1 
ATOM   131  C CZ  . ARG A 1 47  ? 2.232   -10.817 -8.362  1.00 25.47 ? 53  ARG A CZ  1 
ATOM   132  N NH1 . ARG A 1 47  ? 2.813   -11.360 -9.424  1.00 27.62 ? 53  ARG A NH1 1 
ATOM   133  N NH2 . ARG A 1 47  ? 1.164   -10.044 -8.550  1.00 25.59 ? 53  ARG A NH2 1 
ATOM   134  N N   . PRO A 1 48  ? 5.237   -14.287 -1.154  1.00 27.12 ? 54  PRO A N   1 
ATOM   135  C CA  . PRO A 1 48  ? 5.066   -15.378 -0.181  1.00 27.04 ? 54  PRO A CA  1 
ATOM   136  C C   . PRO A 1 48  ? 4.325   -14.658 0.952   1.00 26.13 ? 54  PRO A C   1 
ATOM   137  O O   . PRO A 1 48  ? 3.864   -15.267 1.888   1.00 24.43 ? 54  PRO A O   1 
ATOM   138  C CB  . PRO A 1 48  ? 6.451   -15.710 0.235   1.00 28.39 ? 54  PRO A CB  1 
ATOM   139  C CG  . PRO A 1 48  ? 7.145   -15.795 -1.001  1.00 28.89 ? 54  PRO A CG  1 
ATOM   140  C CD  . PRO A 1 48  ? 6.604   -14.460 -1.732  1.00 27.82 ? 54  PRO A CD  1 
ATOM   141  N N   . TYR A 1 49  ? 4.319   -13.345 0.958   1.00 27.34 ? 55  TYR A N   1 
ATOM   142  C CA  . TYR A 1 49  ? 3.624   -12.550 2.037   1.00 28.84 ? 55  TYR A CA  1 
ATOM   143  C C   . TYR A 1 49  ? 2.146   -12.215 1.646   1.00 30.65 ? 55  TYR A C   1 
ATOM   144  O O   . TYR A 1 49  ? 1.225   -12.340 2.456   1.00 30.78 ? 55  TYR A O   1 
ATOM   145  C CB  . TYR A 1 49  ? 4.352   -11.228 2.333   1.00 27.68 ? 55  TYR A CB  1 
ATOM   146  C CG  . TYR A 1 49  ? 3.574   -10.231 3.198   1.00 25.88 ? 55  TYR A CG  1 
ATOM   147  C CD1 . TYR A 1 49  ? 3.414   -10.424 4.577   1.00 25.35 ? 55  TYR A CD1 1 
ATOM   148  C CD2 . TYR A 1 49  ? 2.960   -9.132  2.604   1.00 26.49 ? 55  TYR A CD2 1 
ATOM   149  C CE1 . TYR A 1 49  ? 2.672   -9.561  5.344   1.00 26.65 ? 55  TYR A CE1 1 
ATOM   150  C CE2 . TYR A 1 49  ? 2.220   -8.252  3.323   1.00 27.75 ? 55  TYR A CE2 1 
ATOM   151  C CZ  . TYR A 1 49  ? 2.056   -8.460  4.730   1.00 28.35 ? 55  TYR A CZ  1 
ATOM   152  O OH  . TYR A 1 49  ? 1.312   -7.536  5.473   1.00 22.31 ? 55  TYR A OH  1 
ATOM   153  N N   . LEU A 1 50  ? 1.904   -11.790 0.412   1.00 33.12 ? 56  LEU A N   1 
ATOM   154  C CA  . LEU A 1 50  ? 0.539   -11.498 -0.009  1.00 36.18 ? 56  LEU A CA  1 
ATOM   155  C C   . LEU A 1 50  ? -0.323  -12.788 -0.127  1.00 36.89 ? 56  LEU A C   1 
ATOM   156  O O   . LEU A 1 50  ? -1.560  -12.795 0.162   1.00 36.92 ? 56  LEU A O   1 
ATOM   157  C CB  . LEU A 1 50  ? 0.556   -10.755 -1.355  1.00 37.37 ? 56  LEU A CB  1 
ATOM   158  C CG  . LEU A 1 50  ? 1.052   -9.282  -1.381  1.00 39.57 ? 56  LEU A CG  1 
ATOM   159  C CD1 . LEU A 1 50  ? -0.126  -8.355  -1.760  1.00 37.90 ? 56  LEU A CD1 1 
ATOM   160  C CD2 . LEU A 1 50  ? 1.598   -8.887  -0.009  1.00 38.74 ? 56  LEU A CD2 1 
ATOM   161  N N   . LYS A 1 51  ? 0.328   -13.861 -0.587  1.00 37.88 ? 57  LYS A N   1 
ATOM   162  C CA  . LYS A 1 51  ? -0.314  -15.161 -0.755  1.00 37.69 ? 57  LYS A CA  1 
ATOM   163  C C   . LYS A 1 51  ? -1.065  -15.575 0.521   1.00 36.74 ? 57  LYS A C   1 
ATOM   164  O O   . LYS A 1 51  ? -1.919  -16.469 0.477   1.00 36.46 ? 57  LYS A O   1 
ATOM   165  C CB  . LYS A 1 51  ? 0.746   -16.241 -1.080  1.00 38.65 ? 57  LYS A CB  1 
ATOM   166  C CG  . LYS A 1 51  ? 0.780   -16.726 -2.510  1.00 38.33 ? 57  LYS A CG  1 
ATOM   167  C CD  . LYS A 1 51  ? 1.191   -18.208 -2.610  1.00 38.07 ? 57  LYS A CD  1 
ATOM   168  C CE  . LYS A 1 51  ? 2.659   -18.460 -2.295  1.00 38.09 ? 57  LYS A CE  1 
ATOM   169  N NZ  . LYS A 1 51  ? 3.271   -19.735 -2.842  1.00 35.63 ? 57  LYS A NZ  1 
ATOM   170  N N   . LEU A 1 52  ? -0.732  -14.970 1.656   1.00 35.83 ? 58  LEU A N   1 
ATOM   171  C CA  . LEU A 1 52  ? -1.412  -15.373 2.882   1.00 35.22 ? 58  LEU A CA  1 
ATOM   172  C C   . LEU A 1 52  ? -2.170  -14.174 3.427   1.00 35.43 ? 58  LEU A C   1 
ATOM   173  O O   . LEU A 1 52  ? -2.966  -14.258 4.361   1.00 34.39 ? 58  LEU A O   1 
ATOM   174  C CB  . LEU A 1 52  ? -0.406  -16.031 3.908   1.00 36.10 ? 58  LEU A CB  1 
ATOM   175  C CG  . LEU A 1 52  ? 0.307   -15.402 5.095   1.00 33.69 ? 58  LEU A CG  1 
ATOM   176  C CD1 . LEU A 1 52  ? 1.074   -16.444 5.763   1.00 34.23 ? 58  LEU A CD1 1 
ATOM   177  C CD2 . LEU A 1 52  ? 1.236   -14.307 4.629   1.00 31.98 ? 58  LEU A CD2 1 
ATOM   178  N N   . THR A 1 53  ? -1.930  -13.045 2.792   1.00 35.59 ? 59  THR A N   1 
ATOM   179  C CA  . THR A 1 53  ? -2.620  -11.850 3.174   1.00 36.00 ? 59  THR A CA  1 
ATOM   180  C C   . THR A 1 53  ? -3.903  -11.871 2.294   1.00 37.13 ? 59  THR A C   1 
ATOM   181  O O   . THR A 1 53  ? -4.794  -11.037 2.489   1.00 37.53 ? 59  THR A O   1 
ATOM   182  C CB  . THR A 1 53  ? -1.771  -10.613 2.910   1.00 35.04 ? 59  THR A CB  1 
ATOM   183  O OG1 . THR A 1 53  ? -0.747  -10.925 1.973   1.00 35.46 ? 59  THR A OG1 1 
ATOM   184  C CG2 . THR A 1 53  ? -1.122  -10.147 4.166   1.00 33.86 ? 59  THR A CG2 1 
ATOM   185  N N   . GLU A 1 54  ? -4.011  -12.842 1.359   1.00 37.21 ? 60  GLU A N   1 
ATOM   186  C CA  . GLU A 1 54  ? -5.191  -13.019 0.455   1.00 36.70 ? 60  GLU A CA  1 
ATOM   187  C C   . GLU A 1 54  ? -6.490  -13.264 1.231   1.00 36.67 ? 60  GLU A C   1 
ATOM   188  O O   . GLU A 1 54  ? -7.541  -12.738 0.898   1.00 35.90 ? 60  GLU A O   1 
ATOM   189  C CB  . GLU A 1 54  ? -5.055  -14.250 -0.444  1.00 36.93 ? 60  GLU A CB  1 
ATOM   190  C CG  . GLU A 1 54  ? -3.912  -14.284 -1.418  1.00 36.93 ? 60  GLU A CG  1 
ATOM   191  C CD  . GLU A 1 54  ? -4.396  -14.616 -2.817  1.00 37.70 ? 60  GLU A CD  1 
ATOM   192  O OE1 . GLU A 1 54  ? -5.446  -15.284 -2.945  1.00 35.21 ? 60  GLU A OE1 1 
ATOM   193  O OE2 . GLU A 1 54  ? -3.725  -14.229 -3.798  1.00 40.88 ? 60  GLU A OE2 1 
ATOM   194  N N   . PRO A 1 55  ? -6.437  -14.122 2.260   1.00 36.23 ? 61  PRO A N   1 
ATOM   195  C CA  . PRO A 1 55  ? -7.684  -14.365 3.008   1.00 35.40 ? 61  PRO A CA  1 
ATOM   196  C C   . PRO A 1 55  ? -8.250  -13.133 3.739   1.00 33.96 ? 61  PRO A C   1 
ATOM   197  O O   . PRO A 1 55  ? -9.476  -12.964 3.807   1.00 33.08 ? 61  PRO A O   1 
ATOM   198  C CB  . PRO A 1 55  ? -7.308  -15.497 3.988   1.00 36.90 ? 61  PRO A CB  1 
ATOM   199  C CG  . PRO A 1 55  ? -6.335  -16.327 3.179   1.00 36.12 ? 61  PRO A CG  1 
ATOM   200  C CD  . PRO A 1 55  ? -5.471  -15.228 2.465   1.00 36.82 ? 61  PRO A CD  1 
ATOM   201  N N   . ILE A 1 56  ? -7.381  -12.293 4.295   1.00 31.73 ? 62  ILE A N   1 
ATOM   202  C CA  . ILE A 1 56  ? -7.879  -11.133 4.999   1.00 30.15 ? 62  ILE A CA  1 
ATOM   203  C C   . ILE A 1 56  ? -8.522  -10.183 4.016   1.00 29.17 ? 62  ILE A C   1 
ATOM   204  O O   . ILE A 1 56  ? -9.385  -9.387  4.416   1.00 28.81 ? 62  ILE A O   1 
ATOM   205  C CB  . ILE A 1 56  ? -6.761  -10.402 5.793   1.00 30.69 ? 62  ILE A CB  1 
ATOM   206  C CG1 . ILE A 1 56  ? -6.356  -11.242 6.999   1.00 31.20 ? 62  ILE A CG1 1 
ATOM   207  C CG2 . ILE A 1 56  ? -7.293  -9.073  6.371   1.00 32.35 ? 62  ILE A CG2 1 
ATOM   208  C CD1 . ILE A 1 56  ? -4.969  -10.910 7.520   1.00 29.23 ? 62  ILE A CD1 1 
ATOM   209  N N   . LEU A 1 57  ? -8.104  -10.206 2.749   1.00 28.94 ? 63  LEU A N   1 
ATOM   210  C CA  . LEU A 1 57  ? -8.775  -9.296  1.845   1.00 27.78 ? 63  LEU A CA  1 
ATOM   211  C C   . LEU A 1 57  ? -9.974  -10.006 1.193   1.00 27.40 ? 63  LEU A C   1 
ATOM   212  O O   . LEU A 1 57  ? -10.842 -9.364  0.567   1.00 25.20 ? 63  LEU A O   1 
ATOM   213  C CB  . LEU A 1 57  ? -7.772  -8.605  0.886   1.00 29.03 ? 63  LEU A CB  1 
ATOM   214  C CG  . LEU A 1 57  ? -7.045  -7.474  1.677   1.00 26.40 ? 63  LEU A CG  1 
ATOM   215  C CD1 . LEU A 1 57  ? -5.666  -7.930  2.061   1.00 27.29 ? 63  LEU A CD1 1 
ATOM   216  C CD2 . LEU A 1 57  ? -6.899  -6.261  0.834   1.00 24.62 ? 63  LEU A CD2 1 
ATOM   217  N N   . GLU A 1 58  ? -10.051 -11.319 1.428   1.00 26.58 ? 64  GLU A N   1 
ATOM   218  C CA  . GLU A 1 58  ? -11.164 -12.087 0.961   1.00 27.06 ? 64  GLU A CA  1 
ATOM   219  C C   . GLU A 1 58  ? -12.225 -11.836 2.015   1.00 28.21 ? 64  GLU A C   1 
ATOM   220  O O   . GLU A 1 58  ? -13.404 -11.841 1.713   1.00 29.65 ? 64  GLU A O   1 
ATOM   221  C CB  . GLU A 1 58  ? -10.857 -13.562 0.895   1.00 27.21 ? 64  GLU A CB  1 
ATOM   222  C CG  . GLU A 1 58  ? -10.942 -13.979 -0.563  1.00 27.16 ? 64  GLU A CG  1 
ATOM   223  C CD  . GLU A 1 58  ? -10.252 -12.926 -1.455  1.00 26.68 ? 64  GLU A CD  1 
ATOM   224  O OE1 . GLU A 1 58  ? -10.309 -13.081 -2.708  1.00 27.54 ? 64  GLU A OE1 1 
ATOM   225  O OE2 . GLU A 1 58  ? -9.657  -11.950 -0.884  1.00 25.58 ? 64  GLU A OE2 1 
ATOM   226  N N   . LYS A 1 59  ? -11.853 -11.670 3.284   1.00 29.53 ? 65  LYS A N   1 
ATOM   227  C CA  . LYS A 1 59  ? -12.838 -11.323 4.348   1.00 30.29 ? 65  LYS A CA  1 
ATOM   228  C C   . LYS A 1 59  ? -13.533 -10.012 3.888   1.00 31.48 ? 65  LYS A C   1 
ATOM   229  O O   . LYS A 1 59  ? -14.688 -9.776  4.221   1.00 30.00 ? 65  LYS A O   1 
ATOM   230  C CB  . LYS A 1 59  ? -12.136 -10.970 5.655   1.00 29.56 ? 65  LYS A CB  1 
ATOM   231  C CG  . LYS A 1 59  ? -11.504 -12.104 6.344   1.00 29.06 ? 65  LYS A CG  1 
ATOM   232  C CD  . LYS A 1 59  ? -11.154 -11.724 7.750   1.00 27.25 ? 65  LYS A CD  1 
ATOM   233  C CE  . LYS A 1 59  ? -10.800 -13.001 8.524   1.00 28.18 ? 65  LYS A CE  1 
ATOM   234  N NZ  . LYS A 1 59  ? -11.170 -12.863 9.944   1.00 28.39 ? 65  LYS A NZ  1 
ATOM   235  N N   . HIS A 1 60  ? -12.820 -9.165  3.116   1.00 32.60 ? 66  HIS A N   1 
ATOM   236  C CA  . HIS A 1 60  ? -13.354 -7.866  2.691   1.00 33.28 ? 66  HIS A CA  1 
ATOM   237  C C   . HIS A 1 60  ? -13.669 -7.552  1.235   1.00 33.86 ? 66  HIS A C   1 
ATOM   238  O O   . HIS A 1 60  ? -13.835 -6.371  0.925   1.00 32.99 ? 66  HIS A O   1 
ATOM   239  C CB  . HIS A 1 60  ? -12.455 -6.781  3.287   1.00 33.50 ? 66  HIS A CB  1 
ATOM   240  C CG  . HIS A 1 60  ? -12.339 -6.855  4.800   1.00 33.68 ? 66  HIS A CG  1 
ATOM   241  N ND1 . HIS A 1 60  ? -11.142 -6.706  5.485   1.00 33.88 ? 66  HIS A ND1 1 
ATOM   242  C CD2 . HIS A 1 60  ? -13.270 -7.094  5.755   1.00 32.62 ? 66  HIS A CD2 1 
ATOM   243  C CE1 . HIS A 1 60  ? -11.343 -6.858  6.784   1.00 31.06 ? 66  HIS A CE1 1 
ATOM   244  N NE2 . HIS A 1 60  ? -12.626 -7.094  6.973   1.00 31.59 ? 66  HIS A NE2 1 
ATOM   245  N N   . ASN A 1 61  ? -13.746 -8.593  0.380   1.00 35.06 ? 67  ASN A N   1 
ATOM   246  C CA  . ASN A 1 61  ? -14.113 -8.509  -1.069  1.00 35.67 ? 67  ASN A CA  1 
ATOM   247  C C   . ASN A 1 61  ? -13.262 -7.520  -1.836  1.00 37.60 ? 67  ASN A C   1 
ATOM   248  O O   . ASN A 1 61  ? -13.692 -6.954  -2.871  1.00 35.45 ? 67  ASN A O   1 
ATOM   249  C CB  . ASN A 1 61  ? -15.576 -8.061  -1.217  1.00 34.68 ? 67  ASN A CB  1 
ATOM   250  C CG  . ASN A 1 61  ? -16.604 -9.191  -1.025  1.00 30.92 ? 67  ASN A CG  1 
ATOM   251  O OD1 . ASN A 1 61  ? -16.742 -10.032 -1.892  1.00 31.79 ? 67  ASN A OD1 1 
ATOM   252  N ND2 . ASN A 1 61  ? -17.309 -9.207  0.108   1.00 29.68 ? 67  ASN A ND2 1 
ATOM   253  N N   . ILE A 1 62  ? -12.018 -7.406  -1.398  1.00 40.28 ? 68  ILE A N   1 
ATOM   254  C CA  . ILE A 1 62  ? -11.107 -6.449  -1.984  1.00 43.62 ? 68  ILE A CA  1 
ATOM   255  C C   . ILE A 1 62  ? -9.751  -6.895  -2.547  1.00 44.31 ? 68  ILE A C   1 
ATOM   256  O O   . ILE A 1 62  ? -9.164  -7.901  -2.121  1.00 45.80 ? 68  ILE A O   1 
ATOM   257  C CB  . ILE A 1 62  ? -10.893 -5.320  -0.915  1.00 44.00 ? 68  ILE A CB  1 
ATOM   258  C CG1 . ILE A 1 62  ? -11.040 -3.906  -1.494  1.00 45.98 ? 68  ILE A CG1 1 
ATOM   259  C CG2 . ILE A 1 62  ? -9.544  -5.455  -0.247  1.00 44.81 ? 68  ILE A CG2 1 
ATOM   260  C CD1 . ILE A 1 62  ? -10.433 -2.742  -0.646  1.00 44.54 ? 68  ILE A CD1 1 
ATOM   261  N N   . TYR A 1 63  ? -9.274  -6.105  -3.508  1.00 44.62 ? 69  TYR A N   1 
ATOM   262  C CA  . TYR A 1 63  ? -7.992  -6.324  -4.140  1.00 45.20 ? 69  TYR A CA  1 
ATOM   263  C C   . TYR A 1 63  ? -6.959  -5.731  -3.239  1.00 45.50 ? 69  TYR A C   1 
ATOM   264  O O   . TYR A 1 63  ? -7.181  -4.714  -2.576  1.00 44.87 ? 69  TYR A O   1 
ATOM   265  C CB  . TYR A 1 63  ? -7.857  -5.558  -5.423  1.00 45.99 ? 69  TYR A CB  1 
ATOM   266  C CG  . TYR A 1 63  ? -8.154  -6.297  -6.688  1.00 46.16 ? 69  TYR A CG  1 
ATOM   267  C CD1 . TYR A 1 63  ? -7.145  -6.498  -7.659  1.00 45.74 ? 69  TYR A CD1 1 
ATOM   268  C CD2 . TYR A 1 63  ? -9.431  -6.822  -6.917  1.00 45.84 ? 69  TYR A CD2 1 
ATOM   269  C CE1 . TYR A 1 63  ? -7.404  -7.194  -8.787  1.00 43.87 ? 69  TYR A CE1 1 
ATOM   270  C CE2 . TYR A 1 63  ? -9.703  -7.519  -8.066  1.00 45.00 ? 69  TYR A CE2 1 
ATOM   271  C CZ  . TYR A 1 63  ? -8.675  -7.693  -8.975  1.00 44.45 ? 69  TYR A CZ  1 
ATOM   272  O OH  . TYR A 1 63  ? -8.899  -8.340  -10.120 1.00 45.58 ? 69  TYR A OH  1 
ATOM   273  N N   . TYR A 1 64  ? -5.824  -6.394  -3.185  1.00 46.81 ? 70  TYR A N   1 
ATOM   274  C CA  . TYR A 1 64  ? -4.710  -5.932  -2.384  1.00 47.92 ? 70  TYR A CA  1 
ATOM   275  C C   . TYR A 1 64  ? -4.488  -4.601  -3.178  1.00 46.86 ? 70  TYR A C   1 
ATOM   276  O O   . TYR A 1 64  ? -4.357  -3.513  -2.604  1.00 45.24 ? 70  TYR A O   1 
ATOM   277  C CB  . TYR A 1 64  ? -3.501  -6.867  -2.597  1.00 50.29 ? 70  TYR A CB  1 
ATOM   278  C CG  . TYR A 1 64  ? -3.892  -8.325  -2.553  1.00 53.05 ? 70  TYR A CG  1 
ATOM   279  C CD1 . TYR A 1 64  ? -3.339  -9.199  -1.603  1.00 54.20 ? 70  TYR A CD1 1 
ATOM   280  C CD2 . TYR A 1 64  ? -4.850  -8.838  -3.443  1.00 53.81 ? 70  TYR A CD2 1 
ATOM   281  C CE1 . TYR A 1 64  ? -3.740  -10.545 -1.543  1.00 53.51 ? 70  TYR A CE1 1 
ATOM   282  C CE2 . TYR A 1 64  ? -5.247  -10.151 -3.383  1.00 54.59 ? 70  TYR A CE2 1 
ATOM   283  C CZ  . TYR A 1 64  ? -4.685  -10.986 -2.444  1.00 53.58 ? 70  TYR A CZ  1 
ATOM   284  O OH  . TYR A 1 64  ? -5.110  -12.254 -2.434  1.00 54.80 ? 70  TYR A OH  1 
ATOM   285  N N   . GLY A 1 65  ? -4.446  -4.710  -4.511  1.00 45.97 ? 71  GLY A N   1 
ATOM   286  C CA  . GLY A 1 65  ? -4.212  -3.558  -5.363  1.00 45.08 ? 71  GLY A CA  1 
ATOM   287  C C   . GLY A 1 65  ? -4.821  -2.291  -4.827  1.00 43.91 ? 71  GLY A C   1 
ATOM   288  O O   . GLY A 1 65  ? -4.124  -1.273  -4.652  1.00 43.58 ? 71  GLY A O   1 
ATOM   289  N N   . GLN A 1 66  ? -6.118  -2.363  -4.542  1.00 43.03 ? 72  GLN A N   1 
ATOM   290  C CA  . GLN A 1 66  ? -6.852  -1.214  -4.063  1.00 42.76 ? 72  GLN A CA  1 
ATOM   291  C C   . GLN A 1 66  ? -6.292  -0.746  -2.718  1.00 42.82 ? 72  GLN A C   1 
ATOM   292  O O   . GLN A 1 66  ? -5.887  0.417   -2.540  1.00 43.61 ? 72  GLN A O   1 
ATOM   293  C CB  . GLN A 1 66  ? -8.301  -1.603  -3.917  1.00 40.97 ? 72  GLN A CB  1 
ATOM   294  C CG  . GLN A 1 66  ? -8.716  -2.692  -4.830  1.00 41.21 ? 72  GLN A CG  1 
ATOM   295  C CD  . GLN A 1 66  ? -10.243 -2.974  -4.733  1.00 42.45 ? 72  GLN A CD  1 
ATOM   296  O OE1 . GLN A 1 66  ? -10.691 -4.113  -4.765  1.00 40.72 ? 72  GLN A OE1 1 
ATOM   297  N NE2 . GLN A 1 66  ? -11.032 -1.914  -4.644  1.00 43.85 ? 72  GLN A NE2 1 
ATOM   298  N N   . TRP A 1 67  ? -6.326  -1.658  -1.749  1.00 42.59 ? 73  TRP A N   1 
ATOM   299  C CA  . TRP A 1 67  ? -5.814  -1.428  -0.408  1.00 41.32 ? 73  TRP A CA  1 
ATOM   300  C C   . TRP A 1 67  ? -4.543  -0.509  -0.482  1.00 39.53 ? 73  TRP A C   1 
ATOM   301  O O   . TRP A 1 67  ? -4.440  0.494   0.219   1.00 35.86 ? 73  TRP A O   1 
ATOM   302  C CB  . TRP A 1 67  ? -5.456  -2.814  0.156   1.00 41.21 ? 73  TRP A CB  1 
ATOM   303  C CG  . TRP A 1 67  ? -4.824  -2.857  1.517   1.00 42.76 ? 73  TRP A CG  1 
ATOM   304  C CD1 . TRP A 1 67  ? -3.776  -3.662  1.922   1.00 43.49 ? 73  TRP A CD1 1 
ATOM   305  C CD2 . TRP A 1 67  ? -5.205  -2.080  2.671   1.00 42.31 ? 73  TRP A CD2 1 
ATOM   306  N NE1 . TRP A 1 67  ? -3.483  -3.410  3.247   1.00 44.32 ? 73  TRP A NE1 1 
ATOM   307  C CE2 . TRP A 1 67  ? -4.327  -2.431  3.719   1.00 42.91 ? 73  TRP A CE2 1 
ATOM   308  C CE3 . TRP A 1 67  ? -6.174  -1.095  2.908   1.00 41.14 ? 73  TRP A CE3 1 
ATOM   309  C CZ2 . TRP A 1 67  ? -4.433  -1.863  5.002   1.00 42.90 ? 73  TRP A CZ2 1 
ATOM   310  C CZ3 . TRP A 1 67  ? -6.274  -0.546  4.171   1.00 41.10 ? 73  TRP A CZ3 1 
ATOM   311  C CH2 . TRP A 1 67  ? -5.394  -0.912  5.195   1.00 41.42 ? 73  TRP A CH2 1 
ATOM   312  N N   . LEU A 1 68  ? -3.573  -0.872  -1.325  1.00 39.69 ? 74  LEU A N   1 
ATOM   313  C CA  . LEU A 1 68  ? -2.344  -0.108  -1.411  1.00 39.91 ? 74  LEU A CA  1 
ATOM   314  C C   . LEU A 1 68  ? -2.686  1.336   -1.683  1.00 39.70 ? 74  LEU A C   1 
ATOM   315  O O   . LEU A 1 68  ? -2.180  2.248   -0.999  1.00 40.44 ? 74  LEU A O   1 
ATOM   316  C CB  . LEU A 1 68  ? -1.410  -0.638  -2.506  1.00 38.44 ? 74  LEU A CB  1 
ATOM   317  C CG  . LEU A 1 68  ? -0.420  -1.778  -2.190  1.00 38.31 ? 74  LEU A CG  1 
ATOM   318  C CD1 . LEU A 1 68  ? -1.113  -3.073  -2.004  1.00 37.25 ? 74  LEU A CD1 1 
ATOM   319  C CD2 . LEU A 1 68  ? 0.530   -1.946  -3.384  1.00 39.70 ? 74  LEU A CD2 1 
ATOM   320  N N   . ILE A 1 69  ? -3.537  1.572   -2.673  1.00 38.91 ? 75  ILE A N   1 
ATOM   321  C CA  . ILE A 1 69  ? -3.887  2.951   -3.011  1.00 38.16 ? 75  ILE A CA  1 
ATOM   322  C C   . ILE A 1 69  ? -4.622  3.505   -1.806  1.00 37.82 ? 75  ILE A C   1 
ATOM   323  O O   . ILE A 1 69  ? -4.439  4.668   -1.448  1.00 36.64 ? 75  ILE A O   1 
ATOM   324  C CB  . ILE A 1 69  ? -4.818  3.028   -4.261  1.00 38.60 ? 75  ILE A CB  1 
ATOM   325  C CG1 . ILE A 1 69  ? -4.007  2.843   -5.544  1.00 36.48 ? 75  ILE A CG1 1 
ATOM   326  C CG2 . ILE A 1 69  ? -5.576  4.349   -4.286  1.00 37.66 ? 75  ILE A CG2 1 
ATOM   327  C CD1 . ILE A 1 69  ? -4.856  2.809   -6.787  1.00 33.61 ? 75  ILE A CD1 1 
ATOM   328  N N   . LEU A 1 70  ? -5.410  2.653   -1.149  1.00 37.54 ? 76  LEU A N   1 
ATOM   329  C CA  . LEU A 1 70  ? -6.186  3.079   0.019   1.00 37.96 ? 76  LEU A CA  1 
ATOM   330  C C   . LEU A 1 70  ? -5.297  3.331   1.250   1.00 39.51 ? 76  LEU A C   1 
ATOM   331  O O   . LEU A 1 70  ? -5.647  4.115   2.137   1.00 41.11 ? 76  LEU A O   1 
ATOM   332  C CB  . LEU A 1 70  ? -7.237  2.028   0.327   1.00 36.10 ? 76  LEU A CB  1 
ATOM   333  C CG  . LEU A 1 70  ? -8.640  2.549   0.598   1.00 35.37 ? 76  LEU A CG  1 
ATOM   334  C CD1 . LEU A 1 70  ? -9.474  2.656   -0.629  1.00 32.92 ? 76  LEU A CD1 1 
ATOM   335  C CD2 . LEU A 1 70  ? -9.295  1.565   1.530   1.00 36.83 ? 76  LEU A CD2 1 
ATOM   336  N N   . ARG A 1 71  ? -4.136  2.674   1.293   1.00 40.67 ? 77  ARG A N   1 
ATOM   337  C CA  . ARG A 1 71  ? -3.160  2.832   2.388   1.00 40.64 ? 77  ARG A CA  1 
ATOM   338  C C   . ARG A 1 71  ? -2.300  4.058   1.917   1.00 41.52 ? 77  ARG A C   1 
ATOM   339  O O   . ARG A 1 71  ? -1.687  4.813   2.698   1.00 38.46 ? 77  ARG A O   1 
ATOM   340  C CB  . ARG A 1 71  ? -2.272  1.544   2.499   1.00 42.11 ? 77  ARG A CB  1 
ATOM   341  C CG  . ARG A 1 71  ? -1.242  1.546   3.646   1.00 39.60 ? 77  ARG A CG  1 
ATOM   342  C CD  . ARG A 1 71  ? -0.155  0.588   3.278   1.00 37.89 ? 77  ARG A CD  1 
ATOM   343  N NE  . ARG A 1 71  ? 1.023   1.237   2.727   1.00 37.07 ? 77  ARG A NE  1 
ATOM   344  C CZ  . ARG A 1 71  ? 1.969   1.857   3.443   1.00 38.66 ? 77  ARG A CZ  1 
ATOM   345  N NH1 . ARG A 1 71  ? 1.902   1.933   4.767   1.00 40.53 ? 77  ARG A NH1 1 
ATOM   346  N NH2 . ARG A 1 71  ? 3.016   2.396   2.833   1.00 39.69 ? 77  ARG A NH2 1 
ATOM   347  N N   . ASP A 1 72  ? -2.226  4.229   0.599   1.00 43.35 ? 78  ASP A N   1 
ATOM   348  C CA  . ASP A 1 72  ? -1.483  5.339   0.006   1.00 45.76 ? 78  ASP A CA  1 
ATOM   349  C C   . ASP A 1 72  ? -2.456  6.533   0.210   1.00 47.11 ? 78  ASP A C   1 
ATOM   350  O O   . ASP A 1 72  ? -2.065  7.658   0.564   1.00 45.75 ? 78  ASP A O   1 
ATOM   351  C CB  . ASP A 1 72  ? -1.326  5.100   -1.488  1.00 46.52 ? 78  ASP A CB  1 
ATOM   352  C CG  . ASP A 1 72  ? -0.611  6.257   -2.220  1.00 46.85 ? 78  ASP A CG  1 
ATOM   353  O OD1 . ASP A 1 72  ? -0.895  7.449   -1.890  1.00 48.25 ? 78  ASP A OD1 1 
ATOM   354  O OD2 . ASP A 1 72  ? 0.218   5.965   -3.130  1.00 43.83 ? 78  ASP A OD2 1 
ATOM   355  N N   . ILE A 1 73  ? -3.750  6.282   0.034   1.00 49.56 ? 79  ILE A N   1 
ATOM   356  C CA  . ILE A 1 73  ? -4.743  7.347   0.145   1.00 51.77 ? 79  ILE A CA  1 
ATOM   357  C C   . ILE A 1 73  ? -5.091  7.771   1.567   1.00 53.57 ? 79  ILE A C   1 
ATOM   358  O O   . ILE A 1 73  ? -5.258  8.973   1.837   1.00 53.14 ? 79  ILE A O   1 
ATOM   359  C CB  . ILE A 1 73  ? -6.043  6.975   -0.743  1.00 52.06 ? 79  ILE A CB  1 
ATOM   360  C CG1 . ILE A 1 73  ? -6.390  8.125   -1.694  1.00 52.00 ? 79  ILE A CG1 1 
ATOM   361  C CG2 . ILE A 1 73  ? -7.260  6.685   0.103   1.00 50.80 ? 79  ILE A CG2 1 
ATOM   362  C CD1 . ILE A 1 73  ? -7.046  9.299   -1.033  1.00 53.57 ? 79  ILE A CD1 1 
ATOM   363  N N   . ALA A 1 74  ? -5.124  6.790   2.467   1.00 55.06 ? 80  ALA A N   1 
ATOM   364  C CA  . ALA A 1 74  ? -5.474  7.051   3.852   1.00 56.31 ? 80  ALA A CA  1 
ATOM   365  C C   . ALA A 1 74  ? -4.395  7.861   4.539   1.00 57.37 ? 80  ALA A C   1 
ATOM   366  O O   . ALA A 1 74  ? -4.692  8.786   5.338   1.00 56.65 ? 80  ALA A O   1 
ATOM   367  C CB  . ALA A 1 74  ? -5.712  5.726   4.599   1.00 54.66 ? 80  ALA A CB  1 
ATOM   368  N N   . LYS A 1 75  ? -3.148  7.524   4.208   1.00 59.01 ? 81  LYS A N   1 
ATOM   369  C CA  . LYS A 1 75  ? -2.013  8.204   4.811   1.00 60.01 ? 81  LYS A CA  1 
ATOM   370  C C   . LYS A 1 75  ? -1.815  9.615   4.236   1.00 60.23 ? 81  LYS A C   1 
ATOM   371  O O   . LYS A 1 75  ? -1.459  10.551  4.966   1.00 59.40 ? 81  LYS A O   1 
ATOM   372  C CB  . LYS A 1 75  ? -0.712  7.384   4.639   1.00 60.48 ? 81  LYS A CB  1 
ATOM   373  C CG  . LYS A 1 75  ? -0.557  6.104   5.527   1.00 60.57 ? 81  LYS A CG  1 
ATOM   374  C CD  . LYS A 1 75  ? 0.912   5.794   5.875   1.00 61.01 ? 81  LYS A CD  1 
ATOM   375  C CE  . LYS A 1 75  ? 1.325   4.310   5.645   1.00 62.53 ? 81  LYS A CE  1 
ATOM   376  N NZ  . LYS A 1 75  ? 1.452   3.988   4.255   1.00 63.12 ? 81  LYS A NZ  1 
ATOM   377  N N   . HIS A 1 76  ? -2.087  9.785   2.942   1.00 60.88 ? 82  HIS A N   1 
ATOM   378  C CA  . HIS A 1 76  ? -1.869  11.077  2.279   1.00 61.23 ? 82  HIS A CA  1 
ATOM   379  C C   . HIS A 1 76  ? -3.010  12.058  1.927   1.00 61.50 ? 82  HIS A C   1 
ATOM   380  O O   . HIS A 1 76  ? -2.767  13.149  1.468   1.00 61.02 ? 82  HIS A O   1 
ATOM   381  C CB  . HIS A 1 76  ? -1.038  10.813  1.018   1.00 61.03 ? 82  HIS A CB  1 
ATOM   382  C CG  . HIS A 1 76  ? 0.254   10.091  1.284   1.00 61.56 ? 82  HIS A CG  1 
ATOM   383  N ND1 . HIS A 1 76  ? 0.347   8.716   1.379   1.00 61.69 ? 82  HIS A ND1 1 
ATOM   384  C CD2 . HIS A 1 76  ? 1.509   10.562  1.493   1.00 62.28 ? 82  HIS A CD2 1 
ATOM   385  C CE1 . HIS A 1 76  ? 1.599   8.373   1.634   1.00 61.94 ? 82  HIS A CE1 1 
ATOM   386  N NE2 . HIS A 1 76  ? 2.324   9.474   1.710   1.00 63.15 ? 82  HIS A NE2 1 
ATOM   387  N N   . GLN A 1 77  ? -4.250  11.691  2.196   1.00 61.71 ? 83  GLN A N   1 
ATOM   388  C CA  . GLN A 1 77  ? -5.456  12.498  1.924   1.00 61.60 ? 83  GLN A CA  1 
ATOM   389  C C   . GLN A 1 77  ? -5.633  13.776  2.765   1.00 62.47 ? 83  GLN A C   1 
ATOM   390  O O   . GLN A 1 77  ? -5.308  13.722  3.993   1.00 62.56 ? 83  GLN A O   1 
ATOM   391  C CB  . GLN A 1 77  ? -6.706  11.652  2.180   1.00 60.28 ? 83  GLN A CB  1 
ATOM   392  C CG  . GLN A 1 77  ? -6.666  10.957  3.592   1.00 58.08 ? 83  GLN A CG  1 
ATOM   393  C CD  . GLN A 1 77  ? -8.038  10.785  4.248   1.00 55.31 ? 83  GLN A CD  1 
ATOM   394  O OE1 . GLN A 1 77  ? -8.284  9.799   4.924   1.00 55.10 ? 83  GLN A OE1 1 
ATOM   395  N NE2 . GLN A 1 77  ? -8.917  11.754  4.062   1.00 53.73 ? 83  GLN A NE2 1 
ATOM   396  N N   . PRO A 1 78  ? -6.073  14.902  2.214   1.00 62.85 ? 84  PRO A N   1 
ATOM   397  C CA  . PRO A 1 78  ? -6.535  15.401  0.885   1.00 62.78 ? 84  PRO A CA  1 
ATOM   398  C C   . PRO A 1 78  ? -5.809  15.070  -0.463  1.00 62.62 ? 84  PRO A C   1 
ATOM   399  O O   . PRO A 1 78  ? -6.299  15.436  -1.548  1.00 61.88 ? 84  PRO A O   1 
ATOM   400  C CB  . PRO A 1 78  ? -6.627  16.899  1.020   1.00 62.72 ? 84  PRO A CB  1 
ATOM   401  C CG  . PRO A 1 78  ? -6.825  17.097  2.542   1.00 62.50 ? 84  PRO A CG  1 
ATOM   402  C CD  . PRO A 1 78  ? -6.556  15.853  3.277   1.00 62.57 ? 84  PRO A CD  1 
ATOM   403  N N   . THR A 1 79  ? -4.627  14.448  -0.371  1.00 62.36 ? 85  THR A N   1 
ATOM   404  C CA  . THR A 1 79  ? -3.843  14.121  -1.533  1.00 62.10 ? 85  THR A CA  1 
ATOM   405  C C   . THR A 1 79  ? -4.787  13.798  -2.680  1.00 62.05 ? 85  THR A C   1 
ATOM   406  O O   . THR A 1 79  ? -5.893  13.326  -2.487  1.00 62.17 ? 85  THR A O   1 
ATOM   407  C CB  . THR A 1 79  ? -2.898  12.944  -1.236  1.00 61.46 ? 85  THR A CB  1 
ATOM   408  O OG1 . THR A 1 79  ? -1.985  13.360  -0.227  1.00 62.69 ? 85  THR A OG1 1 
ATOM   409  C CG2 . THR A 1 79  ? -2.083  12.570  -2.422  1.00 61.02 ? 85  THR A CG2 1 
ATOM   410  N N   . THR A 1 80  ? -4.322  14.098  -3.883  1.00 62.06 ? 86  THR A N   1 
ATOM   411  C CA  . THR A 1 80  ? -5.030  13.887  -5.136  1.00 61.79 ? 86  THR A CA  1 
ATOM   412  C C   . THR A 1 80  ? -4.194  13.011  -6.075  1.00 61.06 ? 86  THR A C   1 
ATOM   413  O O   . THR A 1 80  ? -3.107  12.579  -5.673  1.00 60.53 ? 86  THR A O   1 
ATOM   414  C CB  . THR A 1 80  ? -5.354  15.286  -5.759  1.00 62.43 ? 86  THR A CB  1 
ATOM   415  O OG1 . THR A 1 80  ? -4.165  15.875  -6.301  1.00 62.25 ? 86  THR A OG1 1 
ATOM   416  C CG2 . THR A 1 80  ? -5.900  16.252  -4.646  1.00 61.62 ? 86  THR A CG2 1 
ATOM   417  N N   . LEU A 1 81  ? -4.638  12.806  -7.321  1.00 60.58 ? 87  LEU A N   1 
ATOM   418  C CA  . LEU A 1 81  ? -3.900  11.908  -8.207  1.00 59.97 ? 87  LEU A CA  1 
ATOM   419  C C   . LEU A 1 81  ? -2.583  12.276  -8.791  1.00 59.49 ? 87  LEU A C   1 
ATOM   420  O O   . LEU A 1 81  ? -1.781  11.378  -9.063  1.00 58.36 ? 87  LEU A O   1 
ATOM   421  C CB  . LEU A 1 81  ? -4.813  11.382  -9.323  1.00 60.45 ? 87  LEU A CB  1 
ATOM   422  C CG  . LEU A 1 81  ? -4.385  10.098  -10.069 1.00 58.68 ? 87  LEU A CG  1 
ATOM   423  C CD1 . LEU A 1 81  ? -3.839  9.106   -9.135  1.00 57.20 ? 87  LEU A CD1 1 
ATOM   424  C CD2 . LEU A 1 81  ? -5.603  9.520   -10.789 1.00 59.03 ? 87  LEU A CD2 1 
ATOM   425  N N   . ILE A 1 82  ? -2.360  13.567  -8.986  1.00 59.55 ? 88  ILE A N   1 
ATOM   426  C CA  . ILE A 1 82  ? -1.101  14.007  -9.546  1.00 60.04 ? 88  ILE A CA  1 
ATOM   427  C C   . ILE A 1 82  ? 0.009   13.510  -8.592  1.00 60.21 ? 88  ILE A C   1 
ATOM   428  O O   . ILE A 1 82  ? 1.120   13.126  -9.011  1.00 60.80 ? 88  ILE A O   1 
ATOM   429  C CB  . ILE A 1 82  ? -1.077  15.558  -9.706  1.00 59.69 ? 88  ILE A CB  1 
ATOM   430  C CG1 . ILE A 1 82  ? -1.199  15.903  -11.199 1.00 59.36 ? 88  ILE A CG1 1 
ATOM   431  C CG2 . ILE A 1 82  ? 0.209   16.163  -9.091  1.00 59.36 ? 88  ILE A CG2 1 
ATOM   432  C CD1 . ILE A 1 82  ? -2.605  15.843  -11.732 1.00 57.07 ? 88  ILE A CD1 1 
ATOM   433  N N   . GLU A 1 83  ? -0.304  13.471  -7.304  1.00 59.55 ? 89  GLU A N   1 
ATOM   434  C CA  . GLU A 1 83  ? 0.671   13.022  -6.334  1.00 58.50 ? 89  GLU A CA  1 
ATOM   435  C C   . GLU A 1 83  ? 0.712   11.480  -6.252  1.00 59.02 ? 89  GLU A C   1 
ATOM   436  O O   . GLU A 1 83  ? 1.775   10.927  -6.004  1.00 59.82 ? 89  GLU A O   1 
ATOM   437  C CB  . GLU A 1 83  ? 0.359   13.660  -4.973  1.00 56.97 ? 89  GLU A CB  1 
ATOM   438  C CG  . GLU A 1 83  ? 0.726   15.167  -4.889  1.00 54.86 ? 89  GLU A CG  1 
ATOM   439  C CD  . GLU A 1 83  ? -0.378  16.089  -4.289  1.00 54.64 ? 89  GLU A CD  1 
ATOM   440  O OE1 . GLU A 1 83  ? -0.844  15.836  -3.149  1.00 54.73 ? 89  GLU A OE1 1 
ATOM   441  O OE2 . GLU A 1 83  ? -0.778  17.082  -4.953  1.00 52.82 ? 89  GLU A OE2 1 
ATOM   442  N N   . ILE A 1 84  ? -0.406  10.782  -6.492  1.00 58.74 ? 90  ILE A N   1 
ATOM   443  C CA  . ILE A 1 84  ? -0.417  9.307   -6.399  1.00 57.79 ? 90  ILE A CA  1 
ATOM   444  C C   . ILE A 1 84  ? 0.571   8.627   -7.359  1.00 57.53 ? 90  ILE A C   1 
ATOM   445  O O   . ILE A 1 84  ? 1.255   7.644   -7.041  1.00 56.61 ? 90  ILE A O   1 
ATOM   446  C CB  . ILE A 1 84  ? -1.829  8.713   -6.688  1.00 57.17 ? 90  ILE A CB  1 
ATOM   447  C CG1 . ILE A 1 84  ? -2.913  9.551   -5.974  1.00 57.73 ? 90  ILE A CG1 1 
ATOM   448  C CG2 . ILE A 1 84  ? -1.867  7.230   -6.231  1.00 56.75 ? 90  ILE A CG2 1 
ATOM   449  C CD1 . ILE A 1 84  ? -2.864  9.571   -4.450  1.00 58.38 ? 90  ILE A CD1 1 
ATOM   450  N N   . SER A 1 85  ? 0.614   9.166   -8.559  1.00 57.61 ? 91  SER A N   1 
ATOM   451  C CA  . SER A 1 85  ? 1.452   8.642   -9.606  1.00 57.53 ? 91  SER A CA  1 
ATOM   452  C C   . SER A 1 85  ? 2.893   8.797   -9.192  1.00 57.40 ? 91  SER A C   1 
ATOM   453  O O   . SER A 1 85  ? 3.798   8.210   -9.745  1.00 57.83 ? 91  SER A O   1 
ATOM   454  C CB  . SER A 1 85  ? 1.162   9.441   -10.876 1.00 57.58 ? 91  SER A CB  1 
ATOM   455  O OG  . SER A 1 85  ? -0.235  9.682   -10.989 1.00 56.25 ? 91  SER A OG  1 
ATOM   456  N N   . HIS A 1 86  ? 3.078   9.633   -8.196  1.00 56.71 ? 92  HIS A N   1 
ATOM   457  C CA  . HIS A 1 86  ? 4.392   9.974   -7.669  1.00 56.33 ? 92  HIS A CA  1 
ATOM   458  C C   . HIS A 1 86  ? 5.035   8.927   -6.774  1.00 56.03 ? 92  HIS A C   1 
ATOM   459  O O   . HIS A 1 86  ? 6.192   8.538   -7.017  1.00 56.87 ? 92  HIS A O   1 
ATOM   460  C CB  . HIS A 1 86  ? 4.299   11.290  -6.865  1.00 56.00 ? 92  HIS A CB  1 
ATOM   461  C CG  . HIS A 1 86  ? 5.313   12.349  -7.222  1.00 56.19 ? 92  HIS A CG  1 
ATOM   462  N ND1 . HIS A 1 86  ? 5.579   13.432  -6.398  1.00 55.19 ? 92  HIS A ND1 1 
ATOM   463  C CD2 . HIS A 1 86  ? 6.084   12.524  -8.323  1.00 55.75 ? 92  HIS A CD2 1 
ATOM   464  C CE1 . HIS A 1 86  ? 6.469   14.218  -6.978  1.00 54.99 ? 92  HIS A CE1 1 
ATOM   465  N NE2 . HIS A 1 86  ? 6.791   13.691  -8.144  1.00 56.28 ? 92  HIS A NE2 1 
ATOM   466  N N   . ARG A 1 87  ? 4.290   8.437   -5.777  1.00 55.26 ? 93  ARG A N   1 
ATOM   467  C CA  . ARG A 1 87  ? 4.835   7.507   -4.783  1.00 54.53 ? 93  ARG A CA  1 
ATOM   468  C C   . ARG A 1 87  ? 4.897   6.008   -4.985  1.00 53.77 ? 93  ARG A C   1 
ATOM   469  O O   . ARG A 1 87  ? 5.867   5.352   -4.521  1.00 54.26 ? 93  ARG A O   1 
ATOM   470  C CB  . ARG A 1 87  ? 4.174   7.790   -3.426  1.00 54.83 ? 93  ARG A CB  1 
ATOM   471  C CG  . ARG A 1 87  ? 4.188   9.256   -2.994  1.00 55.89 ? 93  ARG A CG  1 
ATOM   472  C CD  . ARG A 1 87  ? 5.593   9.808   -3.018  1.00 57.10 ? 93  ARG A CD  1 
ATOM   473  N NE  . ARG A 1 87  ? 5.637   11.101  -2.348  1.00 59.03 ? 93  ARG A NE  1 
ATOM   474  C CZ  . ARG A 1 87  ? 6.156   11.319  -1.139  1.00 59.72 ? 93  ARG A CZ  1 
ATOM   475  N NH1 . ARG A 1 87  ? 6.694   10.309  -0.452  1.00 59.49 ? 93  ARG A NH1 1 
ATOM   476  N NH2 . ARG A 1 87  ? 6.120   12.550  -0.605  1.00 61.27 ? 93  ARG A NH2 1 
ATOM   477  N N   . ARG A 1 88  ? 3.849   5.489   -5.621  1.00 52.54 ? 94  ARG A N   1 
ATOM   478  C CA  . ARG A 1 88  ? 3.740   4.079   -5.903  1.00 51.22 ? 94  ARG A CA  1 
ATOM   479  C C   . ARG A 1 88  ? 4.062   4.104   -7.363  1.00 51.45 ? 94  ARG A C   1 
ATOM   480  O O   . ARG A 1 88  ? 4.461   3.081   -8.007  1.00 52.10 ? 94  ARG A O   1 
ATOM   481  C CB  . ARG A 1 88  ? 2.311   3.585   -5.628  1.00 50.30 ? 94  ARG A CB  1 
ATOM   482  C CG  . ARG A 1 88  ? 2.222   2.089   -5.542  1.00 46.95 ? 94  ARG A CG  1 
ATOM   483  C CD  . ARG A 1 88  ? 1.166   1.772   -4.523  1.00 44.14 ? 94  ARG A CD  1 
ATOM   484  N NE  . ARG A 1 88  ? 1.305   2.647   -3.358  1.00 42.06 ? 94  ARG A NE  1 
ATOM   485  C CZ  . ARG A 1 88  ? 2.073   2.383   -2.297  1.00 43.31 ? 94  ARG A CZ  1 
ATOM   486  N NH1 . ARG A 1 88  ? 2.773   1.254   -2.247  1.00 42.51 ? 94  ARG A NH1 1 
ATOM   487  N NH2 . ARG A 1 88  ? 2.157   3.248   -1.277  1.00 41.67 ? 94  ARG A NH2 1 
ATOM   488  N N   . ALA A 1 89  ? 3.806   5.291   -7.889  1.00 51.60 ? 95  ALA A N   1 
ATOM   489  C CA  . ALA A 1 89  ? 4.127   5.610   -9.220  1.00 52.87 ? 95  ALA A CA  1 
ATOM   490  C C   . ALA A 1 89  ? 4.109   4.561   -10.326 1.00 54.22 ? 95  ALA A C   1 
ATOM   491  O O   . ALA A 1 89  ? 5.208   4.126   -10.750 1.00 56.53 ? 95  ALA A O   1 
ATOM   492  C CB  . ALA A 1 89  ? 5.513   6.267   -9.145  1.00 51.73 ? 95  ALA A CB  1 
ATOM   493  N N   . ILE A 1 90  ? 2.923   4.098   -10.741 1.00 54.65 ? 96  ILE A N   1 
ATOM   494  C CA  . ILE A 1 90  ? 2.848   3.165   -11.854 1.00 53.51 ? 96  ILE A CA  1 
ATOM   495  C C   . ILE A 1 90  ? 1.800   3.720   -12.858 1.00 52.75 ? 96  ILE A C   1 
ATOM   496  O O   . ILE A 1 90  ? 0.803   4.412   -12.498 1.00 52.13 ? 96  ILE A O   1 
ATOM   497  C CB  . ILE A 1 90  ? 2.726   1.630   -11.410 1.00 53.45 ? 96  ILE A CB  1 
ATOM   498  C CG1 . ILE A 1 90  ? 1.624   1.368   -10.422 1.00 53.20 ? 96  ILE A CG1 1 
ATOM   499  C CG2 . ILE A 1 90  ? 4.043   1.238   -10.797 1.00 51.48 ? 96  ILE A CG2 1 
ATOM   500  C CD1 . ILE A 1 90  ? 0.241   1.713   -10.876 1.00 52.58 ? 96  ILE A CD1 1 
ATOM   501  N N   . GLU A 1 91  ? 2.059   3.472   -14.141 1.00 51.78 ? 97  GLU A N   1 
ATOM   502  C CA  . GLU A 1 91  ? 1.221   4.058   -15.177 1.00 51.46 ? 97  GLU A CA  1 
ATOM   503  C C   . GLU A 1 91  ? -0.210  4.335   -14.967 1.00 50.65 ? 97  GLU A C   1 
ATOM   504  O O   . GLU A 1 91  ? -0.856  3.680   -14.192 1.00 50.79 ? 97  GLU A O   1 
ATOM   505  C CB  . GLU A 1 91  ? 1.414   3.377   -16.544 1.00 52.67 ? 97  GLU A CB  1 
ATOM   506  C CG  . GLU A 1 91  ? 2.239   4.232   -17.531 1.00 53.89 ? 97  GLU A CG  1 
ATOM   507  C CD  . GLU A 1 91  ? 1.553   5.542   -17.910 1.00 53.73 ? 97  GLU A CD  1 
ATOM   508  O OE1 . GLU A 1 91  ? 1.394   5.793   -19.144 1.00 52.12 ? 97  GLU A OE1 1 
ATOM   509  O OE2 . GLU A 1 91  ? 1.207   6.302   -16.962 1.00 53.59 ? 97  GLU A OE2 1 
ATOM   510  N N   . LYS A 1 92  ? -0.659  5.383   -15.680 1.00 49.39 ? 98  LYS A N   1 
ATOM   511  C CA  . LYS A 1 92  ? -2.022  5.855   -15.622 1.00 48.12 ? 98  LYS A CA  1 
ATOM   512  C C   . LYS A 1 92  ? -3.141  4.809   -15.675 1.00 47.81 ? 98  LYS A C   1 
ATOM   513  O O   . LYS A 1 92  ? -4.169  4.928   -15.013 1.00 47.97 ? 98  LYS A O   1 
ATOM   514  C CB  . LYS A 1 92  ? -2.267  6.844   -16.759 1.00 47.36 ? 98  LYS A CB  1 
ATOM   515  C CG  . LYS A 1 92  ? -1.180  7.873   -16.960 1.00 47.19 ? 98  LYS A CG  1 
ATOM   516  C CD  . LYS A 1 92  ? -1.346  9.158   -16.086 1.00 46.75 ? 98  LYS A CD  1 
ATOM   517  C CE  . LYS A 1 92  ? -0.177  10.128  -16.231 1.00 45.28 ? 98  LYS A CE  1 
ATOM   518  N NZ  . LYS A 1 92  ? -0.314  11.364  -15.446 1.00 41.73 ? 98  LYS A NZ  1 
ATOM   519  N N   . PRO A 1 93  ? -2.973  3.844   -16.603 1.00 47.47 ? 99  PRO A N   1 
ATOM   520  C CA  . PRO A 1 93  ? -3.833  2.660   -16.880 1.00 46.85 ? 99  PRO A CA  1 
ATOM   521  C C   . PRO A 1 93  ? -4.301  1.840   -15.725 1.00 45.59 ? 99  PRO A C   1 
ATOM   522  O O   . PRO A 1 93  ? -5.497  1.558   -15.589 1.00 46.26 ? 99  PRO A O   1 
ATOM   523  C CB  . PRO A 1 93  ? -2.979  1.858   -17.891 1.00 47.85 ? 99  PRO A CB  1 
ATOM   524  C CG  . PRO A 1 93  ? -1.854  2.850   -18.360 1.00 48.08 ? 99  PRO A CG  1 
ATOM   525  C CD  . PRO A 1 93  ? -2.085  4.162   -17.703 1.00 48.04 ? 99  PRO A CD  1 
ATOM   526  N N   . THR A 1 94  ? -3.352  1.410   -14.892 1.00 43.98 ? 100 THR A N   1 
ATOM   527  C CA  . THR A 1 94  ? -3.668  0.645   -13.724 1.00 42.64 ? 100 THR A CA  1 
ATOM   528  C C   . THR A 1 94  ? -4.245  1.643   -12.685 1.00 41.56 ? 100 THR A C   1 
ATOM   529  O O   . THR A 1 94  ? -5.322  1.411   -12.103 1.00 39.73 ? 100 THR A O   1 
ATOM   530  C CB  . THR A 1 94  ? -2.410  0.063   -13.149 1.00 43.40 ? 100 THR A CB  1 
ATOM   531  O OG1 . THR A 1 94  ? -1.294  0.926   -13.455 1.00 44.83 ? 100 THR A OG1 1 
ATOM   532  C CG2 . THR A 1 94  ? -2.170  -1.278  -13.701 1.00 43.39 ? 100 THR A CG2 1 
ATOM   533  N N   . ALA A 1 95  ? -3.526  2.756   -12.469 1.00 40.85 ? 101 ALA A N   1 
ATOM   534  C CA  . ALA A 1 95  ? -3.929  3.811   -11.506 1.00 39.23 ? 101 ALA A CA  1 
ATOM   535  C C   . ALA A 1 95  ? -5.399  4.244   -11.447 1.00 37.36 ? 101 ALA A C   1 
ATOM   536  O O   . ALA A 1 95  ? -5.960  4.375   -10.335 1.00 35.61 ? 101 ALA A O   1 
ATOM   537  C CB  . ALA A 1 95  ? -3.055  5.049   -11.675 1.00 41.02 ? 101 ALA A CB  1 
ATOM   538  N N   . ARG A 1 96  ? -6.006  4.443   -12.618 1.00 35.53 ? 102 ARG A N   1 
ATOM   539  C CA  . ARG A 1 96  ? -7.396  4.866   -12.672 1.00 34.82 ? 102 ARG A CA  1 
ATOM   540  C C   . ARG A 1 96  ? -8.404  3.739   -12.886 1.00 33.75 ? 102 ARG A C   1 
ATOM   541  O O   . ARG A 1 96  ? -9.600  3.912   -12.696 1.00 31.69 ? 102 ARG A O   1 
ATOM   542  C CB  . ARG A 1 96  ? -7.577  6.004   -13.724 1.00 36.74 ? 102 ARG A CB  1 
ATOM   543  C CG  . ARG A 1 96  ? -7.115  5.690   -15.134 1.00 36.31 ? 102 ARG A CG  1 
ATOM   544  C CD  . ARG A 1 96  ? -6.690  6.944   -15.813 1.00 35.29 ? 102 ARG A CD  1 
ATOM   545  N NE  . ARG A 1 96  ? -6.390  6.755   -17.222 1.00 37.54 ? 102 ARG A NE  1 
ATOM   546  C CZ  . ARG A 1 96  ? -6.990  5.864   -18.013 1.00 37.57 ? 102 ARG A CZ  1 
ATOM   547  N NH1 . ARG A 1 96  ? -7.918  5.052   -17.528 1.00 36.94 ? 102 ARG A NH1 1 
ATOM   548  N NH2 . ARG A 1 96  ? -6.696  5.810   -19.313 1.00 38.56 ? 102 ARG A NH2 1 
ATOM   549  N N   . LYS A 1 97  ? -7.907  2.586   -13.298 1.00 33.70 ? 103 LYS A N   1 
ATOM   550  C CA  . LYS A 1 97  ? -8.733  1.414   -13.506 1.00 33.57 ? 103 LYS A CA  1 
ATOM   551  C C   . LYS A 1 97  ? -9.054  0.954   -12.050 1.00 33.11 ? 103 LYS A C   1 
ATOM   552  O O   . LYS A 1 97  ? -10.034 0.198   -11.836 1.00 32.57 ? 103 LYS A O   1 
ATOM   553  C CB  . LYS A 1 97  ? -7.924  0.314   -14.230 1.00 33.74 ? 103 LYS A CB  1 
ATOM   554  C CG  . LYS A 1 97  ? -8.527  -0.024  -15.591 1.00 33.61 ? 103 LYS A CG  1 
ATOM   555  C CD  . LYS A 1 97  ? -8.960  -1.495  -15.741 1.00 29.51 ? 103 LYS A CD  1 
ATOM   556  C CE  . LYS A 1 97  ? -10.284 -1.628  -16.454 1.00 26.89 ? 103 LYS A CE  1 
ATOM   557  N NZ  . LYS A 1 97  ? -11.316 -1.417  -15.474 1.00 27.86 ? 103 LYS A NZ  1 
ATOM   558  N N   . THR A 1 98  ? -8.216  1.361   -11.061 1.00 32.41 ? 104 THR A N   1 
ATOM   559  C CA  . THR A 1 98  ? -8.445  0.989   -9.651  1.00 31.28 ? 104 THR A CA  1 
ATOM   560  C C   . THR A 1 98  ? -9.228  2.074   -8.944  1.00 30.69 ? 104 THR A C   1 
ATOM   561  O O   . THR A 1 98  ? -9.855  1.826   -7.909  1.00 29.69 ? 104 THR A O   1 
ATOM   562  C CB  . THR A 1 98  ? -7.199  0.794   -8.857  1.00 33.08 ? 104 THR A CB  1 
ATOM   563  O OG1 . THR A 1 98  ? -6.234  0.105   -9.660  1.00 35.27 ? 104 THR A OG1 1 
ATOM   564  C CG2 . THR A 1 98  ? -7.564  -0.061  -7.590  1.00 28.19 ? 104 THR A CG2 1 
ATOM   565  N N   . LEU A 1 99  ? -9.166  3.299   -9.468  1.00 29.10 ? 105 LEU A N   1 
ATOM   566  C CA  . LEU A 1 99  ? -9.957  4.380   -8.855  1.00 27.62 ? 105 LEU A CA  1 
ATOM   567  C C   . LEU A 1 99  ? -11.316 4.295   -9.577  1.00 27.87 ? 105 LEU A C   1 
ATOM   568  O O   . LEU A 1 99  ? -12.211 5.118   -9.397  1.00 26.60 ? 105 LEU A O   1 
ATOM   569  C CB  . LEU A 1 99  ? -9.265  5.759   -9.010  1.00 26.58 ? 105 LEU A CB  1 
ATOM   570  C CG  . LEU A 1 99  ? -7.797  5.685   -8.513  1.00 25.69 ? 105 LEU A CG  1 
ATOM   571  C CD1 . LEU A 1 99  ? -7.048  6.768   -9.149  1.00 24.81 ? 105 LEU A CD1 1 
ATOM   572  C CD2 . LEU A 1 99  ? -7.657  5.817   -7.019  1.00 24.28 ? 105 LEU A CD2 1 
ATOM   573  N N   . LYS A 1 100 ? -11.484 3.190   -10.311 1.00 28.11 ? 106 LYS A N   1 
ATOM   574  C CA  . LYS A 1 100 ? -12.676 2.887   -11.099 1.00 27.86 ? 106 LYS A CA  1 
ATOM   575  C C   . LYS A 1 100 ? -13.576 2.196   -10.106 1.00 27.98 ? 106 LYS A C   1 
ATOM   576  O O   . LYS A 1 100 ? -14.777 2.488   -10.008 1.00 27.29 ? 106 LYS A O   1 
ATOM   577  C CB  . LYS A 1 100 ? -12.363 1.887   -12.188 1.00 26.84 ? 106 LYS A CB  1 
ATOM   578  C CG  . LYS A 1 100 ? -13.074 2.211   -13.419 1.00 27.85 ? 106 LYS A CG  1 
ATOM   579  C CD  . LYS A 1 100 ? -12.120 2.116   -14.511 1.00 28.77 ? 106 LYS A CD  1 
ATOM   580  C CE  . LYS A 1 100 ? -12.697 2.599   -15.811 1.00 28.32 ? 106 LYS A CE  1 
ATOM   581  N NZ  . LYS A 1 100 ? -12.686 4.052   -15.869 1.00 28.17 ? 106 LYS A NZ  1 
ATOM   582  N N   . ALA A 1 101 ? -12.997 1.249   -9.366  1.00 28.58 ? 107 ALA A N   1 
ATOM   583  C CA  . ALA A 1 101 ? -13.760 0.511   -8.354  1.00 28.29 ? 107 ALA A CA  1 
ATOM   584  C C   . ALA A 1 101 ? -13.990 1.390   -7.110  1.00 27.44 ? 107 ALA A C   1 
ATOM   585  O O   . ALA A 1 101 ? -15.129 1.412   -6.577  1.00 27.25 ? 107 ALA A O   1 
ATOM   586  C CB  . ALA A 1 101 ? -12.993 -0.752  -7.953  1.00 30.42 ? 107 ALA A CB  1 
ATOM   587  N N   . LEU A 1 102 ? -12.916 2.101   -6.664  1.00 26.52 ? 108 LEU A N   1 
ATOM   588  C CA  . LEU A 1 102 ? -12.982 2.947   -5.436  1.00 27.35 ? 108 LEU A CA  1 
ATOM   589  C C   . LEU A 1 102 ? -13.998 4.027   -5.419  1.00 29.09 ? 108 LEU A C   1 
ATOM   590  O O   . LEU A 1 102 ? -14.476 4.405   -4.348  1.00 26.72 ? 108 LEU A O   1 
ATOM   591  C CB  . LEU A 1 102 ? -11.624 3.589   -4.947  1.00 27.56 ? 108 LEU A CB  1 
ATOM   592  C CG  . LEU A 1 102 ? -10.893 1.896   -5.007  1.00 27.61 ? 108 LEU A CG  1 
ATOM   593  C CD1 . LEU A 1 102 ? -9.258  2.174   -4.752  1.00 24.18 ? 108 LEU A CD1 1 
ATOM   594  C CD2 . LEU A 1 102 ? -11.196 1.413   -3.405  1.00 26.58 ? 108 LEU A CD2 1 
ATOM   595  N N   . ILE A 1 103 ? -14.338 4.557   -6.577  1.00 32.35 ? 109 ILE A N   1 
ATOM   596  C CA  . ILE A 1 103 ? -15.275 5.655   -6.569  1.00 34.53 ? 109 ILE A CA  1 
ATOM   597  C C   . ILE A 1 103 ? -16.772 5.309   -6.437  1.00 35.86 ? 109 ILE A C   1 
ATOM   598  O O   . ILE A 1 103 ? -17.487 6.009   -5.674  1.00 37.07 ? 109 ILE A O   1 
ATOM   599  C CB  . ILE A 1 103 ? -15.027 6.599   -7.790  1.00 34.51 ? 109 ILE A CB  1 
ATOM   600  C CG1 . ILE A 1 103 ? -14.176 7.779   -7.304  1.00 34.93 ? 109 ILE A CG1 1 
ATOM   601  C CG2 . ILE A 1 103 ? -16.359 7.091   -8.432  1.00 31.25 ? 109 ILE A CG2 1 
ATOM   602  C CD1 . ILE A 1 103 ? -12.734 7.723   -7.716  1.00 35.37 ? 109 ILE A CD1 1 
ATOM   603  N N   . GLU A 1 104 ? -17.238 4.247   -7.116  1.00 35.98 ? 110 GLU A N   1 
ATOM   604  C CA  . GLU A 1 104 ? -18.662 3.848   -7.058  1.00 36.26 ? 110 GLU A CA  1 
ATOM   605  C C   . GLU A 1 104 ? -18.971 3.194   -5.723  1.00 37.10 ? 110 GLU A C   1 
ATOM   606  O O   . GLU A 1 104 ? -20.014 3.437   -5.098  1.00 36.65 ? 110 GLU A O   1 
ATOM   607  C CB  . GLU A 1 104 ? -18.988 2.837   -8.166  1.00 35.71 ? 110 GLU A CB  1 
ATOM   608  C CG  . GLU A 1 104 ? -20.486 2.679   -8.502  1.00 35.07 ? 110 GLU A CG  1 
ATOM   609  C CD  . GLU A 1 104 ? -20.793 2.064   -9.900  1.00 33.00 ? 110 GLU A CD  1 
ATOM   610  O OE1 . GLU A 1 104 ? -20.306 2.614   -10.903 1.00 33.88 ? 110 GLU A OE1 1 
ATOM   611  O OE2 . GLU A 1 104 ? -21.526 1.040   -10.010 1.00 30.52 ? 110 GLU A OE2 1 
ATOM   612  N N   . ASN A 1 105 ? -18.004 2.405   -5.271  1.00 38.74 ? 111 ASN A N   1 
ATOM   613  C CA  . ASN A 1 105 ? -18.101 1.618   -4.049  1.00 39.93 ? 111 ASN A CA  1 
ATOM   614  C C   . ASN A 1 105 ? -18.308 2.054   -2.586  1.00 40.64 ? 111 ASN A C   1 
ATOM   615  O O   . ASN A 1 105 ? -18.108 1.204   -1.683  1.00 41.72 ? 111 ASN A O   1 
ATOM   616  C CB  . ASN A 1 105 ? -16.956 0.619   -4.054  1.00 38.76 ? 111 ASN A CB  1 
ATOM   617  C CG  . ASN A 1 105 ? -17.450 -0.796  -4.328  1.00 39.66 ? 111 ASN A CG  1 
ATOM   618  O OD1 . ASN A 1 105 ? -17.390 -1.275  -5.470  1.00 37.57 ? 111 ASN A OD1 1 
ATOM   619  N ND2 . ASN A 1 105 ? -17.987 -1.461  -3.282  1.00 39.15 ? 111 ASN A ND2 1 
ATOM   620  N N   . ASP A 1 106 ? -18.736 3.299   -2.338  1.00 40.23 ? 112 ASP A N   1 
ATOM   621  C CA  . ASP A 1 106 ? -18.912 3.762   -0.960  1.00 38.99 ? 112 ASP A CA  1 
ATOM   622  C C   . ASP A 1 106 ? -17.506 3.964   -0.462  1.00 38.62 ? 112 ASP A C   1 
ATOM   623  O O   . ASP A 1 106 ? -17.280 4.201   0.728   1.00 39.77 ? 112 ASP A O   1 
ATOM   624  C CB  . ASP A 1 106 ? -19.568 2.708   -0.054  1.00 38.31 ? 112 ASP A CB  1 
ATOM   625  C CG  . ASP A 1 106 ? -21.026 3.010   0.262   1.00 37.23 ? 112 ASP A CG  1 
ATOM   626  O OD1 . ASP A 1 106 ? -21.409 2.881   1.455   1.00 36.21 ? 112 ASP A OD1 1 
ATOM   627  O OD2 . ASP A 1 106 ? -21.789 3.384   -0.681  1.00 36.27 ? 112 ASP A OD2 1 
ATOM   628  N N   . LEU A 1 107 ? -16.563 3.855   -1.389  1.00 38.33 ? 113 LEU A N   1 
ATOM   629  C CA  . LEU A 1 107 ? -15.162 4.016   -1.086  1.00 38.72 ? 113 LEU A CA  1 
ATOM   630  C C   . LEU A 1 107 ? -14.691 5.418   -1.375  1.00 39.66 ? 113 LEU A C   1 
ATOM   631  O O   . LEU A 1 107 ? -15.515 6.344   -1.346  1.00 37.69 ? 113 LEU A O   1 
ATOM   632  C CB  . LEU A 1 107 ? -14.330 2.947   -1.844  1.00 39.58 ? 113 LEU A CB  1 
ATOM   633  C CG  . LEU A 1 107 ? -13.674 1.750   -1.089  1.00 39.77 ? 113 LEU A CG  1 
ATOM   634  C CD1 . LEU A 1 107 ? -14.091 1.684   0.370   1.00 41.02 ? 113 LEU A CD1 1 
ATOM   635  C CD2 . LEU A 1 107 ? -14.135 0.495   -1.752  1.00 38.83 ? 113 LEU A CD2 1 
ATOM   636  N N   . ILE A 1 108 ? -13.416 5.565   -1.762  1.00 42.11 ? 114 ILE A N   1 
ATOM   637  C CA  . ILE A 1 108 ? -12.830 6.899   -1.979  1.00 43.96 ? 114 ILE A CA  1 
ATOM   638  C C   . ILE A 1 108 ? -13.668 8.001   -2.530  1.00 44.39 ? 114 ILE A C   1 
ATOM   639  O O   . ILE A 1 108 ? -14.546 7.768   -3.349  1.00 43.79 ? 114 ILE A O   1 
ATOM   640  C CB  . ILE A 1 108 ? -11.466 6.898   -2.737  1.00 44.58 ? 114 ILE A CB  1 
ATOM   641  C CG1 . ILE A 1 108 ? -11.690 7.153   -4.203  1.00 45.16 ? 114 ILE A CG1 1 
ATOM   642  C CG2 . ILE A 1 108 ? -10.662 5.583   -2.416  1.00 43.88 ? 114 ILE A CG2 1 
ATOM   643  C CD1 . ILE A 1 108 ? -10.410 7.391   -4.937  1.00 47.29 ? 114 ILE A CD1 1 
ATOM   644  N N   . THR A 1 109 ? -13.396 9.210   -2.047  1.00 45.10 ? 115 THR A N   1 
ATOM   645  C CA  . THR A 1 109 ? -14.180 10.320  -2.495  1.00 46.46 ? 115 THR A CA  1 
ATOM   646  C C   . THR A 1 109 ? -13.415 11.402  -3.269  1.00 48.04 ? 115 THR A C   1 
ATOM   647  O O   . THR A 1 109 ? -12.211 11.611  -3.107  1.00 47.57 ? 115 THR A O   1 
ATOM   648  C CB  . THR A 1 109 ? -14.982 10.910  -1.295  1.00 45.72 ? 115 THR A CB  1 
ATOM   649  O OG1 . THR A 1 109 ? -16.150 11.551  -1.793  1.00 46.79 ? 115 THR A OG1 1 
ATOM   650  C CG2 . THR A 1 109 ? -14.165 11.894  -0.465  1.00 44.41 ? 115 THR A CG2 1 
ATOM   651  N N   . VAL A 1 110 ? -14.137 12.075  -4.147  1.00 50.16 ? 116 VAL A N   1 
ATOM   652  C CA  . VAL A 1 110 ? -13.566 13.115  -4.970  1.00 52.51 ? 116 VAL A CA  1 
ATOM   653  C C   . VAL A 1 110 ? -14.327 14.406  -4.662  1.00 53.66 ? 116 VAL A C   1 
ATOM   654  O O   . VAL A 1 110 ? -15.367 14.403  -3.938  1.00 55.64 ? 116 VAL A O   1 
ATOM   655  C CB  . VAL A 1 110 ? -13.741 12.782  -6.472  1.00 51.47 ? 116 VAL A CB  1 
ATOM   656  C CG1 . VAL A 1 110 ? -12.877 13.678  -7.268  1.00 52.50 ? 116 VAL A CG1 1 
ATOM   657  C CG2 . VAL A 1 110 ? -13.383 11.333  -6.766  1.00 51.56 ? 116 VAL A CG2 1 
ATOM   658  N N   . GLU A 1 111 ? -13.850 15.514  -5.211  1.00 54.66 ? 117 GLU A N   1 
ATOM   659  C CA  . GLU A 1 111 ? -14.544 16.758  -4.956  1.00 55.59 ? 117 GLU A CA  1 
ATOM   660  C C   . GLU A 1 111 ? -15.559 16.877  -6.073  1.00 56.61 ? 117 GLU A C   1 
ATOM   661  O O   . GLU A 1 111 ? -15.617 16.028  -6.962  1.00 55.67 ? 117 GLU A O   1 
ATOM   662  C CB  . GLU A 1 111 ? -13.588 17.936  -5.033  1.00 55.94 ? 117 GLU A CB  1 
ATOM   663  C CG  . GLU A 1 111 ? -13.953 19.121  -4.173  1.00 54.96 ? 117 GLU A CG  1 
ATOM   664  C CD  . GLU A 1 111 ? -13.731 20.426  -4.880  1.00 54.76 ? 117 GLU A CD  1 
ATOM   665  O OE1 . GLU A 1 111 ? -14.735 21.028  -5.332  1.00 52.56 ? 117 GLU A OE1 1 
ATOM   666  O OE2 . GLU A 1 111 ? -12.549 20.827  -4.996  1.00 53.95 ? 117 GLU A OE2 1 
ATOM   667  N N   . ASN A 1 112 ? -16.365 17.933  -6.021  1.00 58.26 ? 118 ASN A N   1 
ATOM   668  C CA  . ASN A 1 112 ? -17.373 18.182  -7.040  1.00 59.72 ? 118 ASN A CA  1 
ATOM   669  C C   . ASN A 1 112 ? -16.945 19.468  -7.751  1.00 60.74 ? 118 ASN A C   1 
ATOM   670  O O   . ASN A 1 112 ? -16.419 20.384  -7.108  1.00 61.19 ? 118 ASN A O   1 
ATOM   671  C CB  . ASN A 1 112 ? -18.745 18.336  -6.388  1.00 59.47 ? 118 ASN A CB  1 
ATOM   672  C CG  . ASN A 1 112 ? -18.893 17.471  -5.152  1.00 59.74 ? 118 ASN A CG  1 
ATOM   673  O OD1 . ASN A 1 112 ? -18.471 16.297  -5.126  1.00 58.55 ? 118 ASN A OD1 1 
ATOM   674  N ND2 . ASN A 1 112 ? -19.487 18.041  -4.109  1.00 60.64 ? 118 ASN A ND2 1 
ATOM   675  N N   . SER A 1 113 ? -17.134 19.505  -9.076  1.00 61.17 ? 119 SER A N   1 
ATOM   676  C CA  . SER A 1 113 ? -16.759 20.654  -9.920  1.00 61.64 ? 119 SER A CA  1 
ATOM   677  C C   . SER A 1 113 ? -16.849 20.465  -11.458 1.00 62.01 ? 119 SER A C   1 
ATOM   678  O O   . SER A 1 113 ? -17.361 19.452  -11.987 1.00 61.15 ? 119 SER A O   1 
ATOM   679  C CB  . SER A 1 113 ? -15.337 21.079  -9.588  1.00 61.38 ? 119 SER A CB  1 
ATOM   680  O OG  . SER A 1 113 ? -15.017 22.361  -10.110 1.00 62.36 ? 119 SER A OG  1 
ATOM   681  N N   . LEU A 1 114 ? -16.363 21.490  -12.167 1.00 62.60 ? 120 LEU A N   1 
ATOM   682  C CA  . LEU A 1 114 ? -16.311 21.484  -13.639 1.00 63.22 ? 120 LEU A CA  1 
ATOM   683  C C   . LEU A 1 114 ? -14.860 21.150  -13.756 1.00 64.30 ? 120 LEU A C   1 
ATOM   684  O O   . LEU A 1 114 ? -14.415 20.314  -14.566 1.00 64.13 ? 120 LEU A O   1 
ATOM   685  C CB  . LEU A 1 114 ? -16.452 22.884  -14.292 1.00 62.59 ? 120 LEU A CB  1 
ATOM   686  C CG  . LEU A 1 114 ? -15.684 23.699  -15.406 1.00 61.28 ? 120 LEU A CG  1 
ATOM   687  C CD1 . LEU A 1 114 ? -14.415 24.351  -14.826 1.00 61.20 ? 120 LEU A CD1 1 
ATOM   688  C CD2 . LEU A 1 114 ? -15.335 22.795  -16.587 1.00 61.52 ? 120 LEU A CD2 1 
ATOM   689  N N   . GLU A 1 115 ? -14.101 21.824  -12.896 1.00 65.82 ? 121 GLU A N   1 
ATOM   690  C CA  . GLU A 1 115 ? -12.647 21.683  -12.845 1.00 67.38 ? 121 GLU A CA  1 
ATOM   691  C C   . GLU A 1 115 ? -12.140 20.304  -13.146 1.00 67.94 ? 121 GLU A C   1 
ATOM   692  O O   . GLU A 1 115 ? -12.575 19.312  -12.519 1.00 68.43 ? 121 GLU A O   1 
ATOM   693  C CB  . GLU A 1 115 ? -12.079 22.160  -11.480 1.00 67.35 ? 121 GLU A CB  1 
ATOM   694  C CG  . GLU A 1 115 ? -10.627 22.720  -11.467 1.00 68.24 ? 121 GLU A CG  1 
ATOM   695  C CD  . GLU A 1 115 ? -9.872  22.456  -10.147 1.00 68.71 ? 121 GLU A CD  1 
ATOM   696  O OE1 . GLU A 1 115 ? -8.643  22.167  -10.200 1.00 66.70 ? 121 GLU A OE1 1 
ATOM   697  O OE2 . GLU A 1 115 ? -10.512 22.540  -9.067  1.00 69.19 ? 121 GLU A OE2 1 
ATOM   698  N N   . ASP A 1 116 ? -11.269 20.250  -14.162 1.00 68.39 ? 122 ASP A N   1 
ATOM   699  C CA  . ASP A 1 116 ? -10.611 19.036  -14.586 1.00 68.67 ? 122 ASP A CA  1 
ATOM   700  C C   . ASP A 1 116 ? -10.592 18.290  -13.216 1.00 68.80 ? 122 ASP A C   1 
ATOM   701  O O   . ASP A 1 116 ? -10.533 18.885  -12.140 1.00 69.21 ? 122 ASP A O   1 
ATOM   702  C CB  . ASP A 1 116 ? -9.248  19.497  -15.099 1.00 68.74 ? 122 ASP A CB  1 
ATOM   703  C CG  . ASP A 1 116 ? -9.339  20.872  -15.813 1.00 68.73 ? 122 ASP A CG  1 
ATOM   704  O OD1 . ASP A 1 116 ? -9.462  21.915  -15.148 1.00 67.93 ? 122 ASP A OD1 1 
ATOM   705  O OD2 . ASP A 1 116 ? -9.307  20.912  -17.049 1.00 69.07 ? 122 ASP A OD2 1 
ATOM   706  N N   . LYS A 1 117 ? -10.590 16.976  -13.243 1.00 68.74 ? 123 LYS A N   1 
ATOM   707  C CA  . LYS A 1 117 ? -10.710 16.218  -12.008 1.00 68.43 ? 123 LYS A CA  1 
ATOM   708  C C   . LYS A 1 117 ? -9.677  15.283  -11.406 1.00 68.66 ? 123 LYS A C   1 
ATOM   709  O O   . LYS A 1 117 ? -10.002 14.286  -10.733 1.00 69.07 ? 123 LYS A O   1 
ATOM   710  C CB  . LYS A 1 117 ? -12.067 15.502  -12.094 1.00 67.64 ? 123 LYS A CB  1 
ATOM   711  C CG  . LYS A 1 117 ? -13.288 16.232  -11.493 1.00 66.22 ? 123 LYS A CG  1 
ATOM   712  C CD  . LYS A 1 117 ? -13.893 15.276  -10.487 1.00 65.45 ? 123 LYS A CD  1 
ATOM   713  C CE  . LYS A 1 117 ? -15.376 15.453  -10.370 1.00 64.20 ? 123 LYS A CE  1 
ATOM   714  N NZ  . LYS A 1 117 ? -15.669 16.590  -9.506  1.00 62.58 ? 123 LYS A NZ  1 
ATOM   715  N N   . ARG A 1 118 ? -8.422  15.587  -11.655 1.00 68.40 ? 124 ARG A N   1 
ATOM   716  C CA  . ARG A 1 118 ? -7.369  14.760  -11.115 1.00 67.51 ? 124 ARG A CA  1 
ATOM   717  C C   . ARG A 1 118 ? -7.192  15.431  -9.763  1.00 66.73 ? 124 ARG A C   1 
ATOM   718  O O   . ARG A 1 118 ? -7.021  14.768  -8.722  1.00 65.33 ? 124 ARG A O   1 
ATOM   719  C CB  . ARG A 1 118 ? -6.111  14.957  -11.924 1.00 68.31 ? 124 ARG A CB  1 
ATOM   720  C CG  . ARG A 1 118 ? -6.306  14.647  -13.398 1.00 68.51 ? 124 ARG A CG  1 
ATOM   721  C CD  . ARG A 1 118 ? -5.485  15.542  -14.252 1.00 69.21 ? 124 ARG A CD  1 
ATOM   722  N NE  . ARG A 1 118 ? -5.702  15.261  -15.665 1.00 70.68 ? 124 ARG A NE  1 
ATOM   723  C CZ  . ARG A 1 118 ? -5.038  15.864  -16.653 1.00 71.25 ? 124 ARG A CZ  1 
ATOM   724  N NH1 . ARG A 1 118 ? -4.107  16.792  -16.394 1.00 70.51 ? 124 ARG A NH1 1 
ATOM   725  N NH2 . ARG A 1 118 ? -5.305  15.537  -17.914 1.00 72.20 ? 124 ARG A NH2 1 
ATOM   726  N N   . GLN A 1 119 ? -7.259  16.771  -9.825  1.00 66.11 ? 125 GLN A N   1 
ATOM   727  C CA  . GLN A 1 119 ? -7.112  17.677  -8.686  1.00 64.98 ? 125 GLN A CA  1 
ATOM   728  C C   . GLN A 1 119 ? -8.296  18.036  -7.755  1.00 65.86 ? 125 GLN A C   1 
ATOM   729  O O   . GLN A 1 119 ? -8.216  18.990  -6.948  1.00 64.07 ? 125 GLN A O   1 
ATOM   730  C CB  . GLN A 1 119 ? -6.432  18.941  -9.204  1.00 63.51 ? 125 GLN A CB  1 
ATOM   731  C CG  . GLN A 1 119 ? -5.938  18.796  -10.615 1.00 60.66 ? 125 GLN A CG  1 
ATOM   732  C CD  . GLN A 1 119 ? -6.802  19.544  -11.579 1.00 59.43 ? 125 GLN A CD  1 
ATOM   733  O OE1 . GLN A 1 119 ? -6.889  20.746  -11.526 1.00 57.91 ? 125 GLN A OE1 1 
ATOM   734  N NE2 . GLN A 1 119 ? -7.454  18.832  -12.459 1.00 59.22 ? 125 GLN A NE2 1 
ATOM   735  N N   . LYS A 1 120 ? -9.385  17.275  -7.877  1.00 66.94 ? 126 LYS A N   1 
ATOM   736  C CA  . LYS A 1 120 ? -10.586 17.483  -7.046  1.00 67.28 ? 126 LYS A CA  1 
ATOM   737  C C   . LYS A 1 120 ? -10.284 16.695  -5.779  1.00 68.31 ? 126 LYS A C   1 
ATOM   738  O O   . LYS A 1 120 ? -10.485 15.458  -5.721  1.00 67.15 ? 126 LYS A O   1 
ATOM   739  C CB  . LYS A 1 120 ? -11.830 16.861  -7.663  1.00 66.41 ? 126 LYS A CB  1 
ATOM   740  C CG  . LYS A 1 120 ? -12.111 17.347  -9.019  1.00 64.58 ? 126 LYS A CG  1 
ATOM   741  C CD  . LYS A 1 120 ? -13.116 18.408  -8.994  1.00 63.69 ? 126 LYS A CD  1 
ATOM   742  C CE  . LYS A 1 120 ? -12.438 19.703  -9.264  1.00 64.46 ? 126 LYS A CE  1 
ATOM   743  N NZ  . LYS A 1 120 ? -11.932 20.270  -8.000  1.00 63.52 ? 126 LYS A NZ  1 
ATOM   744  N N   . PHE A 1 121 ? -9.841  17.423  -4.756  1.00 69.56 ? 127 PHE A N   1 
ATOM   745  C CA  . PHE A 1 121 ? -9.465  16.837  -3.489  1.00 71.00 ? 127 PHE A CA  1 
ATOM   746  C C   . PHE A 1 121 ? -9.934  15.385  -3.440  1.00 71.43 ? 127 PHE A C   1 
ATOM   747  O O   . PHE A 1 121 ? -11.079 15.088  -3.114  1.00 71.59 ? 127 PHE A O   1 
ATOM   748  C CB  . PHE A 1 121 ? -9.997  17.698  -2.333  1.00 71.30 ? 127 PHE A CB  1 
ATOM   749  C CG  . PHE A 1 121 ? -9.859  19.186  -2.576  1.00 72.32 ? 127 PHE A CG  1 
ATOM   750  C CD1 . PHE A 1 121 ? -8.628  19.755  -2.934  1.00 72.39 ? 127 PHE A CD1 1 
ATOM   751  C CD2 . PHE A 1 121 ? -10.976 20.024  -2.463  1.00 72.65 ? 127 PHE A CD2 1 
ATOM   752  C CE1 . PHE A 1 121 ? -8.527  21.135  -3.182  1.00 72.12 ? 127 PHE A CE1 1 
ATOM   753  C CE2 . PHE A 1 121 ? -10.870 21.398  -2.710  1.00 72.64 ? 127 PHE A CE2 1 
ATOM   754  C CZ  . PHE A 1 121 ? -9.647  21.947  -3.063  1.00 72.20 ? 127 PHE A CZ  1 
ATOM   755  N N   . LEU A 1 122 ? -9.010  14.501  -3.850  1.00 71.92 ? 128 LEU A N   1 
ATOM   756  C CA  . LEU A 1 122 ? -9.195  13.037  -3.927  1.00 71.61 ? 128 LEU A CA  1 
ATOM   757  C C   . LEU A 1 122 ? -9.089  12.474  -2.520  1.00 71.29 ? 128 LEU A C   1 
ATOM   758  O O   . LEU A 1 122 ? -8.314  11.536  -2.280  1.00 70.90 ? 128 LEU A O   1 
ATOM   759  C CB  . LEU A 1 122 ? -8.084  12.380  -4.762  1.00 71.34 ? 128 LEU A CB  1 
ATOM   760  C CG  . LEU A 1 122 ? -8.408  11.512  -5.969  1.00 71.53 ? 128 LEU A CG  1 
ATOM   761  C CD1 . LEU A 1 122 ? -7.470  11.944  -7.065  1.00 72.02 ? 128 LEU A CD1 1 
ATOM   762  C CD2 . LEU A 1 122 ? -8.218  10.025  -5.687  1.00 71.70 ? 128 LEU A CD2 1 
ATOM   763  N N   . THR A 1 123 ? -9.825  13.064  -1.587  1.00 71.04 ? 129 THR A N   1 
ATOM   764  C CA  . THR A 1 123 ? -9.832  12.602  -0.203  1.00 71.24 ? 129 THR A CA  1 
ATOM   765  C C   . THR A 1 123 ? -10.430 11.245  -0.113  1.00 71.21 ? 129 THR A C   1 
ATOM   766  O O   . THR A 1 123 ? -10.897 10.658  -1.185  1.00 71.97 ? 129 THR A O   1 
ATOM   767  C CB  . THR A 1 123 ? -10.647 13.553  0.719   1.00 71.46 ? 129 THR A CB  1 
ATOM   768  O OG1 . THR A 1 123 ? -11.133 12.847  1.878   1.00 70.03 ? 129 THR A OG1 1 
ATOM   769  C CG2 . THR A 1 123 ? -11.843 14.132  -0.052  1.00 72.28 ? 129 THR A CG2 1 
ATOM   770  N N   . LEU A 1 124 ? -10.494 10.715  1.101   1.00 70.46 ? 130 LEU A N   1 
ATOM   771  C CA  . LEU A 1 124 ? -11.000 9.356   1.271   1.00 69.41 ? 130 LEU A CA  1 
ATOM   772  C C   . LEU A 1 124 ? -12.506 9.587   1.726   1.00 69.25 ? 130 LEU A C   1 
ATOM   773  O O   . LEU A 1 124 ? -12.982 10.665  2.110   1.00 69.65 ? 130 LEU A O   1 
ATOM   774  C CB  . LEU A 1 124 ? -10.239 8.673   2.416   1.00 68.14 ? 130 LEU A CB  1 
ATOM   775  C CG  . LEU A 1 124 ? -10.101 7.165   2.357   1.00 67.69 ? 130 LEU A CG  1 
ATOM   776  C CD1 . LEU A 1 124 ? -9.299  6.693   3.542   1.00 67.66 ? 130 LEU A CD1 1 
ATOM   777  C CD2 . LEU A 1 124 ? -11.454 6.523   2.340   1.00 66.85 ? 130 LEU A CD2 1 
ATOM   778  N N   . THR A 1 125 ? -13.270 8.514   1.603   1.00 68.43 ? 131 THR A N   1 
ATOM   779  C CA  . THR A 1 125 ? -14.638 8.502   1.953   1.00 67.01 ? 131 THR A CA  1 
ATOM   780  C C   . THR A 1 125 ? -14.795 8.121   3.381   1.00 66.14 ? 131 THR A C   1 
ATOM   781  O O   . THR A 1 125 ? -13.824 7.663   4.011   1.00 65.97 ? 131 THR A O   1 
ATOM   782  C CB  . THR A 1 125 ? -15.343 7.478   1.061   1.00 66.48 ? 131 THR A CB  1 
ATOM   783  O OG1 . THR A 1 125 ? -16.743 7.826   0.892   1.00 66.31 ? 131 THR A OG1 1 
ATOM   784  C CG2 . THR A 1 125 ? -15.270 6.138   1.828   1.00 66.49 ? 131 THR A CG2 1 
ATOM   785  N N   . PRO A 1 126 ? -15.989 8.284   3.946   1.00 65.33 ? 132 PRO A N   1 
ATOM   786  C CA  . PRO A 1 126 ? -16.279 7.921   5.324   1.00 64.84 ? 132 PRO A CA  1 
ATOM   787  C C   . PRO A 1 126 ? -15.990 6.446   5.637   1.00 63.99 ? 132 PRO A C   1 
ATOM   788  O O   . PRO A 1 126 ? -14.992 6.099   6.295   1.00 63.26 ? 132 PRO A O   1 
ATOM   789  C CB  . PRO A 1 126 ? -17.748 8.276   5.487   1.00 65.71 ? 132 PRO A CB  1 
ATOM   790  C CG  . PRO A 1 126 ? -17.932 9.493   4.471   1.00 65.16 ? 132 PRO A CG  1 
ATOM   791  C CD  . PRO A 1 126 ? -16.616 9.602   3.711   1.00 64.40 ? 132 PRO A CD  1 
ATOM   792  N N   . LYS A 1 127 ? -16.837 5.567   5.191   1.00 63.04 ? 133 LYS A N   1 
ATOM   793  C CA  . LYS A 1 127 ? -16.661 4.095   5.416   1.00 62.36 ? 133 LYS A CA  1 
ATOM   794  C C   . LYS A 1 127 ? -15.252 3.607   5.155   1.00 62.07 ? 133 LYS A C   1 
ATOM   795  O O   . LYS A 1 127 ? -14.728 2.777   5.895   1.00 61.41 ? 133 LYS A O   1 
ATOM   796  C CB  . LYS A 1 127 ? -17.593 3.248   4.549   1.00 62.64 ? 133 LYS A CB  1 
ATOM   797  C CG  . LYS A 1 127 ? -17.045 2.974   3.156   1.00 62.32 ? 133 LYS A CG  1 
ATOM   798  C CD  . LYS A 1 127 ? -17.803 1.921   2.400   1.00 62.53 ? 133 LYS A CD  1 
ATOM   799  C CE  . LYS A 1 127 ? -16.869 1.042   1.563   1.00 62.56 ? 133 LYS A CE  1 
ATOM   800  N NZ  . LYS A 1 127 ? -16.220 -0.061  2.334   1.00 62.22 ? 133 LYS A NZ  1 
ATOM   801  N N   . GLY A 1 128 ? -14.676 4.160   4.088   1.00 61.88 ? 134 GLY A N   1 
ATOM   802  C CA  . GLY A 1 128 ? -13.321 3.897   3.617   1.00 61.62 ? 134 GLY A CA  1 
ATOM   803  C C   . GLY A 1 128 ? -12.139 3.793   4.539   1.00 61.18 ? 134 GLY A C   1 
ATOM   804  O O   . GLY A 1 128 ? -11.124 3.141   4.191   1.00 61.86 ? 134 GLY A O   1 
ATOM   805  N N   . HIS A 1 129 ? -12.190 4.583   5.607   1.00 60.45 ? 135 HIS A N   1 
ATOM   806  C CA  . HIS A 1 129 ? -11.109 4.527   6.567   1.00 59.47 ? 135 HIS A CA  1 
ATOM   807  C C   . HIS A 1 129 ? -11.724 3.683   7.704   1.00 58.05 ? 135 HIS A C   1 
ATOM   808  O O   . HIS A 1 129 ? -11.099 3.475   8.778   1.00 57.88 ? 135 HIS A O   1 
ATOM   809  C CB  . HIS A 1 129 ? -10.581 5.918   7.021   1.00 60.40 ? 135 HIS A CB  1 
ATOM   810  C CG  . HIS A 1 129 ? -11.595 6.996   6.975   1.00 60.59 ? 135 HIS A CG  1 
ATOM   811  N ND1 . HIS A 1 129 ? -12.436 7.272   8.024   1.00 59.19 ? 135 HIS A ND1 1 
ATOM   812  C CD2 . HIS A 1 129 ? -11.875 7.889   6.006   1.00 60.66 ? 135 HIS A CD2 1 
ATOM   813  C CE1 . HIS A 1 129 ? -13.192 8.302   7.700   1.00 61.36 ? 135 HIS A CE1 1 
ATOM   814  N NE2 . HIS A 1 129 ? -12.872 8.695   6.481   1.00 60.67 ? 135 HIS A NE2 1 
ATOM   815  N N   . GLU A 1 130 ? -12.967 3.200   7.506   1.00 55.75 ? 136 GLU A N   1 
ATOM   816  C CA  . GLU A 1 130 ? -13.550 2.283   8.494   1.00 53.19 ? 136 GLU A CA  1 
ATOM   817  C C   . GLU A 1 130 ? -13.154 0.931   7.749   1.00 52.21 ? 136 GLU A C   1 
ATOM   818  O O   . GLU A 1 130 ? -12.943 -0.139  8.392   1.00 52.84 ? 136 GLU A O   1 
ATOM   819  C CB  . GLU A 1 130 ? -15.096 2.392   8.645   1.00 52.01 ? 136 GLU A CB  1 
ATOM   820  C CG  . GLU A 1 130 ? -15.677 1.374   9.667   1.00 49.69 ? 136 GLU A CG  1 
ATOM   821  C CD  . GLU A 1 130 ? -15.673 1.821   11.151  1.00 49.29 ? 136 GLU A CD  1 
ATOM   822  O OE1 . GLU A 1 130 ? -16.643 2.524   11.526  1.00 46.43 ? 136 GLU A OE1 1 
ATOM   823  O OE2 . GLU A 1 130 ? -14.724 1.479   11.928  1.00 47.61 ? 136 GLU A OE2 1 
ATOM   824  N N   . LEU A 1 131 ? -13.028 0.943   6.409   1.00 50.12 ? 137 LEU A N   1 
ATOM   825  C CA  . LEU A 1 131 ? -12.626 -0.292  5.740   1.00 48.59 ? 137 LEU A CA  1 
ATOM   826  C C   . LEU A 1 131 ? -11.092 -0.274  6.006   1.00 46.92 ? 137 LEU A C   1 
ATOM   827  O O   . LEU A 1 131 ? -10.395 -1.319  5.963   1.00 47.62 ? 137 LEU A O   1 
ATOM   828  C CB  . LEU A 1 131 ? -12.893 -0.260  4.219   1.00 49.21 ? 137 LEU A CB  1 
ATOM   829  C CG  . LEU A 1 131 ? -12.350 -1.496  3.456   1.00 48.95 ? 137 LEU A CG  1 
ATOM   830  C CD1 . LEU A 1 131 ? -13.230 -2.729  3.732   1.00 47.48 ? 137 LEU A CD1 1 
ATOM   831  C CD2 . LEU A 1 131 ? -12.337 -1.168  1.969   1.00 49.17 ? 137 LEU A CD2 1 
ATOM   832  N N   . TYR A 1 132 ? -10.549 0.914   6.277   1.00 44.50 ? 138 TYR A N   1 
ATOM   833  C CA  . TYR A 1 132 ? -9.126  1.004   6.534   1.00 42.20 ? 138 TYR A CA  1 
ATOM   834  C C   . TYR A 1 132 ? -8.845  0.134   7.755   1.00 40.13 ? 138 TYR A C   1 
ATOM   835  O O   . TYR A 1 132 ? -8.162  -0.883  7.656   1.00 40.01 ? 138 TYR A O   1 
ATOM   836  C CB  . TYR A 1 132 ? -8.706  2.417   6.873   1.00 42.79 ? 138 TYR A CB  1 
ATOM   837  C CG  . TYR A 1 132 ? -7.248  2.479   7.221   1.00 44.14 ? 138 TYR A CG  1 
ATOM   838  C CD1 . TYR A 1 132 ? -6.285  2.314   6.224   1.00 43.48 ? 138 TYR A CD1 1 
ATOM   839  C CD2 . TYR A 1 132 ? -6.819  2.663   8.558   1.00 43.97 ? 138 TYR A CD2 1 
ATOM   840  C CE1 . TYR A 1 132 ? -4.936  2.315   6.532   1.00 44.43 ? 138 TYR A CE1 1 
ATOM   841  C CE2 . TYR A 1 132 ? -5.442  2.656   8.886   1.00 44.50 ? 138 TYR A CE2 1 
ATOM   842  C CZ  . TYR A 1 132 ? -4.512  2.493   7.853   1.00 44.31 ? 138 TYR A CZ  1 
ATOM   843  O OH  . TYR A 1 132 ? -3.156  2.493   8.100   1.00 45.01 ? 138 TYR A OH  1 
ATOM   844  N N   . GLU A 1 133 ? -9.365  0.541   8.909   1.00 37.39 ? 139 GLU A N   1 
ATOM   845  C CA  . GLU A 1 133 ? -9.155  -0.201  10.156  1.00 34.09 ? 139 GLU A CA  1 
ATOM   846  C C   . GLU A 1 133 ? -9.021  -1.741  10.169  1.00 33.84 ? 139 GLU A C   1 
ATOM   847  O O   . GLU A 1 133 ? -7.958  -2.248  10.610  1.00 31.40 ? 139 GLU A O   1 
ATOM   848  C CB  . GLU A 1 133 ? -10.219 0.209   11.201  1.00 32.56 ? 139 GLU A CB  1 
ATOM   849  C CG  . GLU A 1 133 ? -9.813  1.308   12.164  1.00 29.97 ? 139 GLU A CG  1 
ATOM   850  C CD  . GLU A 1 133 ? -10.491 2.654   11.877  1.00 28.84 ? 139 GLU A CD  1 
ATOM   851  O OE1 . GLU A 1 133 ? -11.685 2.684   11.509  1.00 29.36 ? 139 GLU A OE1 1 
ATOM   852  O OE2 . GLU A 1 133 ? -9.847  3.706   12.048  1.00 25.34 ? 139 GLU A OE2 1 
ATOM   853  N N   . ILE A 1 134 ? -10.052 -2.471  9.700   1.00 32.89 ? 140 ILE A N   1 
ATOM   854  C CA  . ILE A 1 134 ? -10.009 -3.936  9.765   1.00 29.89 ? 140 ILE A CA  1 
ATOM   855  C C   . ILE A 1 134 ? -8.988  -4.634  8.860   1.00 28.23 ? 140 ILE A C   1 
ATOM   856  O O   . ILE A 1 134 ? -8.416  -5.653  9.216   1.00 24.14 ? 140 ILE A O   1 
ATOM   857  C CB  . ILE A 1 134 ? -11.464 -4.583  9.640   1.00 32.10 ? 140 ILE A CB  1 
ATOM   858  C CG1 . ILE A 1 134 ? -12.444 -3.859  10.601  1.00 32.21 ? 140 ILE A CG1 1 
ATOM   859  C CG2 . ILE A 1 134 ? -11.403 -6.069  10.151  1.00 30.29 ? 140 ILE A CG2 1 
ATOM   860  C CD1 . ILE A 1 134 ? -13.514 -3.072  9.875   1.00 32.70 ? 140 ILE A CD1 1 
ATOM   861  N N   . VAL A 1 135 ? -8.785  -4.091  7.681   1.00 27.27 ? 141 VAL A N   1 
ATOM   862  C CA  . VAL A 1 135 ? -7.796  -4.662  6.799   1.00 26.80 ? 141 VAL A CA  1 
ATOM   863  C C   . VAL A 1 135 ? -6.493  -4.391  7.550   1.00 26.96 ? 141 VAL A C   1 
ATOM   864  O O   . VAL A 1 135 ? -5.825  -5.311  7.997   1.00 27.53 ? 141 VAL A O   1 
ATOM   865  C CB  . VAL A 1 135 ? -7.666  -3.951  5.452   1.00 28.05 ? 141 VAL A CB  1 
ATOM   866  C CG1 . VAL A 1 135 ? -6.579  -4.613  4.676   1.00 28.20 ? 141 VAL A CG1 1 
ATOM   867  C CG2 . VAL A 1 135 ? -8.952  -4.038  4.650   1.00 28.19 ? 141 VAL A CG2 1 
ATOM   868  N N   . CYS A 1 136 ? -6.118  -3.125  7.688   1.00 26.56 ? 142 CYS A N   1 
ATOM   869  C CA  . CYS A 1 136 ? -4.886  -2.762  8.393   1.00 26.60 ? 142 CYS A CA  1 
ATOM   870  C C   . CYS A 1 136 ? -4.671  -3.471  9.727   1.00 28.10 ? 142 CYS A C   1 
ATOM   871  O O   . CYS A 1 136 ? -3.540  -3.855  10.038  1.00 29.95 ? 142 CYS A O   1 
ATOM   872  C CB  . CYS A 1 136 ? -4.777  -1.219  8.560   1.00 27.31 ? 142 CYS A CB  1 
ATOM   873  S SG  . CYS A 1 136 ? -4.879  -0.485  10.280  1.00 24.13 ? 142 CYS A SG  1 
ATOM   874  N N   . LEU A 1 137 ? -5.723  -3.663  10.516  1.00 28.26 ? 143 LEU A N   1 
ATOM   875  C CA  . LEU A 1 137 ? -5.573  -4.349  11.805  1.00 27.70 ? 143 LEU A CA  1 
ATOM   876  C C   . LEU A 1 137 ? -5.435  -5.865  11.676  1.00 27.32 ? 143 LEU A C   1 
ATOM   877  O O   . LEU A 1 137 ? -4.605  -6.459  12.371  1.00 24.11 ? 143 LEU A O   1 
ATOM   878  C CB  . LEU A 1 137 ? -6.749  -4.014  12.710  1.00 29.67 ? 143 LEU A CB  1 
ATOM   879  C CG  . LEU A 1 137 ? -6.629  -2.825  13.714  1.00 29.43 ? 143 LEU A CG  1 
ATOM   880  C CD1 . LEU A 1 137 ? -5.626  -1.719  13.272  1.00 28.37 ? 143 LEU A CD1 1 
ATOM   881  C CD2 . LEU A 1 137 ? -8.019  -2.249  13.843  1.00 28.13 ? 143 LEU A CD2 1 
ATOM   882  N N   . ASP A 1 138 ? -6.221  -6.492  10.796  1.00 27.59 ? 144 ASP A N   1 
ATOM   883  C CA  . ASP A 1 138 ? -6.096  -7.956  10.598  1.00 27.25 ? 144 ASP A CA  1 
ATOM   884  C C   . ASP A 1 138 ? -4.744  -8.369  9.897   1.00 28.88 ? 144 ASP A C   1 
ATOM   885  O O   . ASP A 1 138 ? -4.163  -9.463  10.148  1.00 24.19 ? 144 ASP A O   1 
ATOM   886  C CB  . ASP A 1 138 ? -7.296  -8.479  9.821   1.00 24.89 ? 144 ASP A CB  1 
ATOM   887  C CG  . ASP A 1 138 ? -8.319  -9.073  10.720  1.00 20.36 ? 144 ASP A CG  1 
ATOM   888  O OD1 . ASP A 1 138 ? -9.323  -9.577  10.202  1.00 20.10 ? 144 ASP A OD1 1 
ATOM   889  O OD2 . ASP A 1 138 ? -8.121  -9.021  11.952  1.00 19.54 ? 144 ASP A OD2 1 
ATOM   890  N N   . VAL A 1 139 ? -4.239  -7.466  9.039   1.00 30.93 ? 145 VAL A N   1 
ATOM   891  C CA  . VAL A 1 139 ? -2.968  -7.692  8.334   1.00 31.65 ? 145 VAL A CA  1 
ATOM   892  C C   . VAL A 1 139 ? -1.927  -7.618  9.455   1.00 32.66 ? 145 VAL A C   1 
ATOM   893  O O   . VAL A 1 139 ? -0.995  -8.432  9.478   1.00 32.39 ? 145 VAL A O   1 
ATOM   894  C CB  . VAL A 1 139 ? -2.660  -6.589  7.313   1.00 29.67 ? 145 VAL A CB  1 
ATOM   895  C CG1 . VAL A 1 139 ? -1.422  -6.918  6.601   1.00 31.95 ? 145 VAL A CG1 1 
ATOM   896  C CG2 . VAL A 1 139 ? -3.761  -6.475  6.331   1.00 29.32 ? 145 VAL A CG2 1 
ATOM   897  N N   . GLN A 1 140 ? -2.085  -6.642  10.368  1.00 33.67 ? 146 GLN A N   1 
ATOM   898  C CA  . GLN A 1 140 ? -1.178  -6.465  11.500  1.00 33.95 ? 146 GLN A CA  1 
ATOM   899  C C   . GLN A 1 140 ? -1.152  -7.721  12.429  1.00 33.41 ? 146 GLN A C   1 
ATOM   900  O O   . GLN A 1 140 ? -0.120  -8.099  12.992  1.00 32.61 ? 146 GLN A O   1 
ATOM   901  C CB  . GLN A 1 140 ? -1.578  -5.214  12.300  1.00 35.50 ? 146 GLN A CB  1 
ATOM   902  C CG  . GLN A 1 140 ? -0.708  -5.002  13.565  1.00 36.46 ? 146 GLN A CG  1 
ATOM   903  C CD  . GLN A 1 140 ? -0.706  -3.558  14.069  1.00 37.07 ? 146 GLN A CD  1 
ATOM   904  O OE1 . GLN A 1 140 ? -0.662  -2.572  13.275  1.00 37.17 ? 146 GLN A OE1 1 
ATOM   905  N NE2 . GLN A 1 140 ? -0.732  -3.414  15.397  1.00 38.44 ? 146 GLN A NE2 1 
ATOM   906  N N   . LYS A 1 141 ? -2.294  -8.373  12.558  1.00 32.80 ? 147 LYS A N   1 
ATOM   907  C CA  . LYS A 1 141 ? -2.426  -9.556  13.392  1.00 32.83 ? 147 LYS A CA  1 
ATOM   908  C C   . LYS A 1 141 ? -1.630  -10.731 12.879  1.00 30.66 ? 147 LYS A C   1 
ATOM   909  O O   . LYS A 1 141 ? -1.328  -11.641 13.669  1.00 30.90 ? 147 LYS A O   1 
ATOM   910  C CB  . LYS A 1 141 ? -3.906  -9.990  13.443  1.00 35.49 ? 147 LYS A CB  1 
ATOM   911  C CG  . LYS A 1 141 ? -4.603  -9.886  14.839  1.00 37.43 ? 147 LYS A CG  1 
ATOM   912  C CD  . LYS A 1 141 ? -4.424  -8.499  15.524  1.00 38.43 ? 147 LYS A CD  1 
ATOM   913  C CE  . LYS A 1 141 ? -5.099  -7.383  14.765  1.00 38.24 ? 147 LYS A CE  1 
ATOM   914  N NZ  . LYS A 1 141 ? -5.535  -6.336  15.706  1.00 39.42 ? 147 LYS A NZ  1 
ATOM   915  N N   . LEU A 1 142 ? -1.374  -10.731 11.560  1.00 28.75 ? 148 LEU A N   1 
ATOM   916  C CA  . LEU A 1 142 ? -0.671  -11.791 10.857  1.00 27.92 ? 148 LEU A CA  1 
ATOM   917  C C   . LEU A 1 142 ? 0.823   -11.631 10.863  1.00 27.51 ? 148 LEU A C   1 
ATOM   918  O O   . LEU A 1 142 ? 1.588   -12.556 11.113  1.00 26.81 ? 148 LEU A O   1 
ATOM   919  C CB  . LEU A 1 142 ? -1.165  -11.815 9.436   1.00 28.34 ? 148 LEU A CB  1 
ATOM   920  C CG  . LEU A 1 142 ? -0.514  -12.839 8.512   1.00 28.21 ? 148 LEU A CG  1 
ATOM   921  C CD1 . LEU A 1 142 ? -1.507  -13.904 8.149   1.00 27.68 ? 148 LEU A CD1 1 
ATOM   922  C CD2 . LEU A 1 142 ? -0.004  -12.156 7.282   1.00 27.07 ? 148 LEU A CD2 1 
ATOM   923  N N   . GLN A 1 143 ? 1.223   -10.433 10.501  1.00 27.54 ? 149 GLN A N   1 
ATOM   924  C CA  . GLN A 1 143 ? 2.622   -10.059 10.485  1.00 27.59 ? 149 GLN A CA  1 
ATOM   925  C C   . GLN A 1 143 ? 3.137   -10.240 11.911  1.00 27.20 ? 149 GLN A C   1 
ATOM   926  O O   . GLN A 1 143 ? 4.215   -10.746 12.173  1.00 25.03 ? 149 GLN A O   1 
ATOM   927  C CB  . GLN A 1 143 ? 2.761   -8.591  10.157  1.00 29.06 ? 149 GLN A CB  1 
ATOM   928  C CG  . GLN A 1 143 ? 2.389   -8.199  8.751   1.00 29.58 ? 149 GLN A CG  1 
ATOM   929  C CD  . GLN A 1 143 ? 2.051   -6.698  8.652   1.00 27.06 ? 149 GLN A CD  1 
ATOM   930  O OE1 . GLN A 1 143 ? 2.658   -5.968  7.877   1.00 26.25 ? 149 GLN A OE1 1 
ATOM   931  N NE2 . GLN A 1 143 ? 1.065   -6.250  9.442   1.00 26.99 ? 149 GLN A NE2 1 
ATOM   932  N N   . GLN A 1 144 ? 2.364   -9.775  12.866  1.00 27.59 ? 150 GLN A N   1 
ATOM   933  C CA  . GLN A 1 144 ? 2.772   -9.890  14.268  1.00 27.96 ? 150 GLN A CA  1 
ATOM   934  C C   . GLN A 1 144 ? 2.975   -11.326 14.733  1.00 28.17 ? 150 GLN A C   1 
ATOM   935  O O   . GLN A 1 144 ? 3.951   -11.611 15.476  1.00 27.33 ? 150 GLN A O   1 
ATOM   936  C CB  . GLN A 1 144 ? 1.751   -9.187  15.163  1.00 29.03 ? 150 GLN A CB  1 
ATOM   937  C CG  . GLN A 1 144 ? 1.961   -7.709  15.190  1.00 27.34 ? 150 GLN A CG  1 
ATOM   938  C CD  . GLN A 1 144 ? 1.068   -7.064  16.244  1.00 27.87 ? 150 GLN A CD  1 
ATOM   939  O OE1 . GLN A 1 144 ? 0.296   -7.815  16.894  1.00 28.43 ? 150 GLN A OE1 1 
ATOM   940  N NE2 . GLN A 1 144 ? 1.146   -5.683  16.432  1.00 25.17 ? 150 GLN A NE2 1 
ATOM   941  N N   . ALA A 1 145 ? 2.043   -12.202 14.325  1.00 26.38 ? 151 ALA A N   1 
ATOM   942  C CA  . ALA A 1 145 ? 2.104   -13.644 14.642  1.00 23.31 ? 151 ALA A CA  1 
ATOM   943  C C   . ALA A 1 145 ? 3.321   -14.329 13.847  1.00 21.26 ? 151 ALA A C   1 
ATOM   944  O O   . ALA A 1 145 ? 3.680   -15.436 14.127  1.00 20.40 ? 151 ALA A O   1 
ATOM   945  C CB  . ALA A 1 145 ? 0.766   -14.295 14.285  1.00 23.96 ? 151 ALA A CB  1 
ATOM   946  N N   . VAL A 1 146 ? 3.960   -13.647 12.925  1.00 19.14 ? 152 VAL A N   1 
ATOM   947  C CA  . VAL A 1 146 ? 4.990   -14.098 12.109  1.00 17.96 ? 152 VAL A CA  1 
ATOM   948  C C   . VAL A 1 146 ? 6.246   -13.611 12.739  1.00 16.49 ? 152 VAL A C   1 
ATOM   949  O O   . VAL A 1 146 ? 7.133   -14.455 12.995  1.00 13.64 ? 152 VAL A O   1 
ATOM   950  C CB  . VAL A 1 146 ? 4.125   -13.530 10.796  1.00 21.04 ? 152 VAL A CB  1 
ATOM   951  C CG1 . VAL A 1 146 ? 4.680   -12.066 10.528  1.00 19.59 ? 152 VAL A CG1 1 
ATOM   952  C CG2 . VAL A 1 146 ? 4.678   -14.357 9.491   1.00 21.46 ? 152 VAL A CG2 1 
ATOM   953  N N   . VAL A 1 147 ? 6.276   -12.332 13.091  1.00 15.36 ? 153 VAL A N   1 
ATOM   954  C CA  . VAL A 1 147 ? 7.406   -11.824 13.839  1.00 13.56 ? 153 VAL A CA  1 
ATOM   955  C C   . VAL A 1 147 ? 7.392   -12.683 15.129  1.00 11.70 ? 153 VAL A C   1 
ATOM   956  O O   . VAL A 1 147 ? 8.439   -12.994 15.688  1.00 10.97 ? 153 VAL A O   1 
ATOM   957  C CB  . VAL A 1 147 ? 7.276   -10.237 14.233  1.00 15.93 ? 153 VAL A CB  1 
ATOM   958  C CG1 . VAL A 1 147 ? 7.511   -9.996  15.761  1.00 13.70 ? 153 VAL A CG1 1 
ATOM   959  C CG2 . VAL A 1 147 ? 8.357   -9.422  13.508  1.00 13.61 ? 153 VAL A CG2 1 
ATOM   960  N N   . ALA A 1 148 ? 6.206   -13.055 15.597  1.00 7.50  ? 154 ALA A N   1 
ATOM   961  C CA  . ALA A 1 148 ? 6.084   -13.830 16.796  1.00 5.43  ? 154 ALA A CA  1 
ATOM   962  C C   . ALA A 1 148 ? 6.961   -15.028 16.833  1.00 6.35  ? 154 ALA A C   1 
ATOM   963  O O   . ALA A 1 148 ? 7.589   -15.318 17.870  1.00 3.60  ? 154 ALA A O   1 
ATOM   964  C CB  . ALA A 1 148 ? 4.668   -14.246 16.975  1.00 4.23  ? 154 ALA A CB  1 
ATOM   965  N N   . LYS A 1 149 ? 6.989   -15.726 15.694  1.00 9.05  ? 155 LYS A N   1 
ATOM   966  C CA  . LYS A 1 149 ? 7.744   -16.972 15.560  1.00 10.86 ? 155 LYS A CA  1 
ATOM   967  C C   . LYS A 1 149 ? 9.186   -16.825 15.132  1.00 13.19 ? 155 LYS A C   1 
ATOM   968  O O   . LYS A 1 149 ? 9.807   -17.814 14.629  1.00 14.03 ? 155 LYS A O   1 
ATOM   969  C CB  . LYS A 1 149 ? 7.028   -17.901 14.584  1.00 10.01 ? 155 LYS A CB  1 
ATOM   970  C CG  . LYS A 1 149 ? 5.595   -17.509 14.437  1.00 3.21  ? 155 LYS A CG  1 
ATOM   971  C CD  . LYS A 1 149 ? 4.908   -18.631 13.907  1.00 3.36  ? 155 LYS A CD  1 
ATOM   972  C CE  . LYS A 1 149 ? 3.471   -18.388 14.039  1.00 6.28  ? 155 LYS A CE  1 
ATOM   973  N NZ  . LYS A 1 149 ? 2.702   -19.299 13.147  1.00 1.92  ? 155 LYS A NZ  1 
ATOM   974  N N   . THR A 1 150 ? 9.700   -15.612 15.343  1.00 13.62 ? 156 THR A N   1 
ATOM   975  C CA  . THR A 1 150 ? 11.057  -15.277 15.013  1.00 13.34 ? 156 THR A CA  1 
ATOM   976  C C   . THR A 1 150 ? 11.719  -14.614 16.199  1.00 14.45 ? 156 THR A C   1 
ATOM   977  O O   . THR A 1 150 ? 11.116  -13.759 16.924  1.00 13.66 ? 156 THR A O   1 
ATOM   978  C CB  . THR A 1 150 ? 11.157  -14.236 13.885  1.00 12.79 ? 156 THR A CB  1 
ATOM   979  O OG1 . THR A 1 150 ? 10.512  -13.007 14.311  1.00 10.68 ? 156 THR A OG1 1 
ATOM   980  C CG2 . THR A 1 150 ? 10.547  -14.750 12.611  1.00 10.85 ? 156 THR A CG2 1 
ATOM   981  N N   . ASN A 1 151 ? 13.007  -14.946 16.284  1.00 16.08 ? 157 ASN A N   1 
ATOM   982  C CA  . ASN A 1 151 ? 13.928  -14.475 17.298  1.00 17.68 ? 157 ASN A CA  1 
ATOM   983  C C   . ASN A 1 151 ? 14.535  -13.262 16.676  1.00 18.24 ? 157 ASN A C   1 
ATOM   984  O O   . ASN A 1 151 ? 15.775  -13.160 16.426  1.00 14.06 ? 157 ASN A O   1 
ATOM   985  C CB  . ASN A 1 151 ? 14.976  -15.533 17.545  1.00 20.28 ? 157 ASN A CB  1 
ATOM   986  C CG  . ASN A 1 151 ? 14.371  -16.936 17.556  1.00 20.23 ? 157 ASN A CG  1 
ATOM   987  O OD1 . ASN A 1 151 ? 13.541  -17.282 18.420  1.00 23.55 ? 157 ASN A OD1 1 
ATOM   988  N ND2 . ASN A 1 151 ? 14.736  -17.723 16.581  1.00 16.77 ? 157 ASN A ND2 1 
ATOM   989  N N   . ILE A 1 152 ? 13.602  -12.353 16.377  1.00 20.78 ? 158 ILE A N   1 
ATOM   990  C CA  . ILE A 1 152 ? 13.921  -11.041 15.794  1.00 23.61 ? 158 ILE A CA  1 
ATOM   991  C C   . ILE A 1 152 ? 13.511  -10.051 16.841  1.00 24.39 ? 158 ILE A C   1 
ATOM   992  O O   . ILE A 1 152 ? 12.279  -9.811  17.069  1.00 24.16 ? 158 ILE A O   1 
ATOM   993  C CB  . ILE A 1 152 ? 13.158  -10.639 14.513  1.00 23.73 ? 158 ILE A CB  1 
ATOM   994  C CG1 . ILE A 1 152 ? 13.983  -11.057 13.310  1.00 23.39 ? 158 ILE A CG1 1 
ATOM   995  C CG2 . ILE A 1 152 ? 13.006  -9.070  14.454  1.00 24.05 ? 158 ILE A CG2 1 
ATOM   996  C CD1 . ILE A 1 152 ? 13.305  -10.679 11.998  1.00 23.20 ? 158 ILE A CD1 1 
ATOM   997  N N   . SER A 1 153 ? 14.522  -9.530  17.545  1.00 24.45 ? 159 SER A N   1 
ATOM   998  C CA  . SER A 1 153 ? 14.290  -8.523  18.596  1.00 24.55 ? 159 SER A CA  1 
ATOM   999  C C   . SER A 1 153 ? 14.086  -7.304  17.702  1.00 23.76 ? 159 SER A C   1 
ATOM   1000 O O   . SER A 1 153 ? 14.676  -7.194  16.583  1.00 25.23 ? 159 SER A O   1 
ATOM   1001 C CB  . SER A 1 153 ? 15.559  -8.335  19.481  1.00 26.85 ? 159 SER A CB  1 
ATOM   1002 O OG  . SER A 1 153 ? 16.735  -9.118  19.014  1.00 28.28 ? 159 SER A OG  1 
ATOM   1003 N N   . GLN A 1 154 ? 13.228  -6.402  18.133  1.00 22.26 ? 160 GLN A N   1 
ATOM   1004 C CA  . GLN A 1 154 ? 13.011  -5.208  17.345  1.00 21.96 ? 160 GLN A CA  1 
ATOM   1005 C C   . GLN A 1 154 ? 14.370  -4.591  16.951  1.00 23.82 ? 160 GLN A C   1 
ATOM   1006 O O   . GLN A 1 154 ? 14.446  -3.879  15.964  1.00 22.41 ? 160 GLN A O   1 
ATOM   1007 C CB  . GLN A 1 154 ? 12.127  -4.224  18.116  1.00 19.94 ? 160 GLN A CB  1 
ATOM   1008 C CG  . GLN A 1 154 ? 11.047  -4.938  18.928  1.00 18.91 ? 160 GLN A CG  1 
ATOM   1009 C CD  . GLN A 1 154 ? 9.943   -5.635  18.128  1.00 16.52 ? 160 GLN A CD  1 
ATOM   1010 O OE1 . GLN A 1 154 ? 9.140   -6.404  18.739  1.00 11.57 ? 160 GLN A OE1 1 
ATOM   1011 N NE2 . GLN A 1 154 ? 9.850   -5.348  16.791  1.00 11.59 ? 160 GLN A NE2 1 
ATOM   1012 N N   . ASP A 1 155 ? 15.437  -4.969  17.664  1.00 26.17 ? 161 ASP A N   1 
ATOM   1013 C CA  . ASP A 1 155 ? 16.765  -4.485  17.434  1.00 26.94 ? 161 ASP A CA  1 
ATOM   1014 C C   . ASP A 1 155 ? 17.154  -4.955  16.053  1.00 27.13 ? 161 ASP A C   1 
ATOM   1015 O O   . ASP A 1 155 ? 17.912  -4.232  15.364  1.00 26.10 ? 161 ASP A O   1 
ATOM   1016 C CB  . ASP A 1 155 ? 17.713  -5.027  18.516  1.00 26.84 ? 161 ASP A CB  1 
ATOM   1017 C CG  . ASP A 1 155 ? 17.671  -4.187  19.771  1.00 28.18 ? 161 ASP A CG  1 
ATOM   1018 O OD1 . ASP A 1 155 ? 18.235  -3.059  19.780  1.00 28.39 ? 161 ASP A OD1 1 
ATOM   1019 O OD2 . ASP A 1 155 ? 17.009  -4.625  20.737  1.00 30.92 ? 161 ASP A OD2 1 
ATOM   1020 N N   . GLN A 1 156 ? 16.717  -6.151  15.626  1.00 28.17 ? 162 GLN A N   1 
ATOM   1021 C CA  . GLN A 1 156 ? 17.115  -6.539  14.273  1.00 30.47 ? 162 GLN A CA  1 
ATOM   1022 C C   . GLN A 1 156 ? 16.028  -5.954  13.322  1.00 31.55 ? 162 GLN A C   1 
ATOM   1023 O O   . GLN A 1 156 ? 16.264  -5.759  12.124  1.00 30.20 ? 162 GLN A O   1 
ATOM   1024 C CB  . GLN A 1 156 ? 17.196  -8.060  14.061  1.00 31.77 ? 162 GLN A CB  1 
ATOM   1025 C CG  . GLN A 1 156 ? 17.276  -8.951  15.285  1.00 32.32 ? 162 GLN A CG  1 
ATOM   1026 C CD  . GLN A 1 156 ? 18.044  -10.212 14.941  1.00 32.07 ? 162 GLN A CD  1 
ATOM   1027 O OE1 . GLN A 1 156 ? 19.176  -10.150 14.408  1.00 30.05 ? 162 GLN A OE1 1 
ATOM   1028 N NE2 . GLN A 1 156 ? 17.445  -11.370 15.244  1.00 34.09 ? 162 GLN A NE2 1 
ATOM   1029 N N   . MET A 1 157 ? 14.832  -5.649  13.844  1.00 33.52 ? 163 MET A N   1 
ATOM   1030 C CA  . MET A 1 157 ? 13.766  -5.075  13.001  1.00 35.38 ? 163 MET A CA  1 
ATOM   1031 C C   . MET A 1 157 ? 14.216  -3.703  12.460  1.00 35.84 ? 163 MET A C   1 
ATOM   1032 O O   . MET A 1 157 ? 14.232  -3.496  11.243  1.00 36.96 ? 163 MET A O   1 
ATOM   1033 C CB  . MET A 1 157 ? 12.469  -4.882  13.805  1.00 34.33 ? 163 MET A CB  1 
ATOM   1034 C CG  . MET A 1 157 ? 11.323  -5.866  13.430  1.00 35.38 ? 163 MET A CG  1 
ATOM   1035 S SD  . MET A 1 157 ? 9.724   -5.194  14.024  1.00 31.55 ? 163 MET A SD  1 
ATOM   1036 C CE  . MET A 1 157 ? 9.956   -3.583  13.569  1.00 35.13 ? 163 MET A CE  1 
ATOM   1037 N N   . GLN A 1 158 ? 14.529  -2.759  13.352  1.00 36.36 ? 164 GLN A N   1 
ATOM   1038 C CA  . GLN A 1 158 ? 14.955  -1.435  12.932  1.00 37.17 ? 164 GLN A CA  1 
ATOM   1039 C C   . GLN A 1 158 ? 16.278  -1.568  12.163  1.00 37.14 ? 164 GLN A C   1 
ATOM   1040 O O   . GLN A 1 158 ? 16.511  -0.797  11.224  1.00 36.30 ? 164 GLN A O   1 
ATOM   1041 C CB  . GLN A 1 158 ? 15.132  -0.536  14.164  1.00 38.06 ? 164 GLN A CB  1 
ATOM   1042 C CG  . GLN A 1 158 ? 16.434  0.280   14.261  1.00 37.88 ? 164 GLN A CG  1 
ATOM   1043 C CD  . GLN A 1 158 ? 16.446  1.542   13.371  1.00 39.17 ? 164 GLN A CD  1 
ATOM   1044 O OE1 . GLN A 1 158 ? 17.035  2.589   13.713  1.00 40.91 ? 164 GLN A OE1 1 
ATOM   1045 N NE2 . GLN A 1 158 ? 15.816  1.437   12.222  1.00 37.95 ? 164 GLN A NE2 1 
ATOM   1046 N N   . GLU A 1 159 ? 17.149  -2.520  12.551  1.00 37.66 ? 165 GLU A N   1 
ATOM   1047 C CA  . GLU A 1 159 ? 18.459  -2.743  11.872  1.00 37.97 ? 165 GLU A CA  1 
ATOM   1048 C C   . GLU A 1 159 ? 18.166  -3.112  10.387  1.00 37.89 ? 165 GLU A C   1 
ATOM   1049 O O   . GLU A 1 159 ? 19.108  -3.404  9.581   1.00 38.86 ? 165 GLU A O   1 
ATOM   1050 C CB  . GLU A 1 159 ? 19.250  -3.921  12.515  1.00 36.54 ? 165 GLU A CB  1 
ATOM   1051 C CG  . GLU A 1 159 ? 20.056  -3.577  13.784  1.00 36.57 ? 165 GLU A CG  1 
ATOM   1052 C CD  . GLU A 1 159 ? 21.009  -4.700  14.328  1.00 36.38 ? 165 GLU A CD  1 
ATOM   1053 O OE1 . GLU A 1 159 ? 21.716  -5.284  13.484  1.00 38.10 ? 165 GLU A OE1 1 
ATOM   1054 O OE2 . GLU A 1 159 ? 21.099  -4.972  15.578  1.00 32.71 ? 165 GLU A OE2 1 
ATOM   1055 N N   . THR A 1 160 ? 16.879  -3.080  10.027  1.00 36.33 ? 166 THR A N   1 
ATOM   1056 C CA  . THR A 1 160 ? 16.427  -3.446  8.698   1.00 33.22 ? 166 THR A CA  1 
ATOM   1057 C C   . THR A 1 160 ? 15.680  -2.333  7.979   1.00 33.60 ? 166 THR A C   1 
ATOM   1058 O O   . THR A 1 160 ? 15.953  -2.090  6.789   1.00 33.85 ? 166 THR A O   1 
ATOM   1059 C CB  . THR A 1 160 ? 15.534  -4.692  8.783   1.00 31.52 ? 166 THR A CB  1 
ATOM   1060 O OG1 . THR A 1 160 ? 16.267  -5.762  9.376   1.00 27.24 ? 166 THR A OG1 1 
ATOM   1061 C CG2 . THR A 1 160 ? 15.080  -5.123  7.442   1.00 32.07 ? 166 THR A CG2 1 
ATOM   1062 N N   . ILE A 1 161 ? 14.742  -1.675  8.665   1.00 33.55 ? 167 ILE A N   1 
ATOM   1063 C CA  . ILE A 1 161 ? 14.011  -0.590  8.027   1.00 34.25 ? 167 ILE A CA  1 
ATOM   1064 C C   . ILE A 1 161 ? 14.923  0.492   7.447   1.00 33.87 ? 167 ILE A C   1 
ATOM   1065 O O   . ILE A 1 161 ? 14.526  1.206   6.522   1.00 32.78 ? 167 ILE A O   1 
ATOM   1066 C CB  . ILE A 1 161 ? 13.044  0.120   8.985   1.00 35.52 ? 167 ILE A CB  1 
ATOM   1067 C CG1 . ILE A 1 161 ? 11.890  -0.840  9.381   1.00 36.36 ? 167 ILE A CG1 1 
ATOM   1068 C CG2 . ILE A 1 161 ? 12.465  1.384   8.282   1.00 35.53 ? 167 ILE A CG2 1 
ATOM   1069 C CD1 . ILE A 1 161 ? 11.189  -0.479  10.716  1.00 34.60 ? 167 ILE A CD1 1 
ATOM   1070 N N   . ASN A 1 162 ? 16.115  0.666   7.999   1.00 35.41 ? 168 ASN A N   1 
ATOM   1071 C CA  . ASN A 1 162 ? 16.944  1.689   7.418   1.00 37.40 ? 168 ASN A CA  1 
ATOM   1072 C C   . ASN A 1 162 ? 17.726  1.117   6.242   1.00 37.70 ? 168 ASN A C   1 
ATOM   1073 O O   . ASN A 1 162 ? 18.305  1.873   5.453   1.00 38.68 ? 168 ASN A O   1 
ATOM   1074 C CB  . ASN A 1 162 ? 17.861  2.379   8.441   1.00 38.37 ? 168 ASN A CB  1 
ATOM   1075 C CG  . ASN A 1 162 ? 17.686  1.861   9.848   1.00 37.40 ? 168 ASN A CG  1 
ATOM   1076 O OD1 . ASN A 1 162 ? 16.567  1.725   10.376  1.00 33.19 ? 168 ASN A OD1 1 
ATOM   1077 N ND2 . ASN A 1 162 ? 18.830  1.568   10.478  1.00 39.55 ? 168 ASN A ND2 1 
ATOM   1078 N N   . VAL A 1 163 ? 17.775  -0.203  6.104   1.00 37.24 ? 169 VAL A N   1 
ATOM   1079 C CA  . VAL A 1 163 ? 18.389  -0.757  4.900   1.00 37.38 ? 169 VAL A CA  1 
ATOM   1080 C C   . VAL A 1 163 ? 17.248  -0.596  3.861   1.00 38.19 ? 169 VAL A C   1 
ATOM   1081 O O   . VAL A 1 163 ? 17.396  0.067   2.845   1.00 39.10 ? 169 VAL A O   1 
ATOM   1082 C CB  . VAL A 1 163 ? 18.596  -2.242  4.974   1.00 37.20 ? 169 VAL A CB  1 
ATOM   1083 C CG1 . VAL A 1 163 ? 18.534  -2.882  3.566   1.00 34.71 ? 169 VAL A CG1 1 
ATOM   1084 C CG2 . VAL A 1 163 ? 19.920  -2.483  5.619   1.00 38.02 ? 169 VAL A CG2 1 
ATOM   1085 N N   . MET A 1 164 ? 16.090  -1.203  4.124   1.00 38.81 ? 170 MET A N   1 
ATOM   1086 C CA  . MET A 1 164 ? 14.951  -1.153  3.194   1.00 39.33 ? 170 MET A CA  1 
ATOM   1087 C C   . MET A 1 164 ? 14.463  0.228   2.816   1.00 40.75 ? 170 MET A C   1 
ATOM   1088 O O   . MET A 1 164 ? 13.883  0.423   1.737   1.00 40.99 ? 170 MET A O   1 
ATOM   1089 C CB  . MET A 1 164 ? 13.785  -1.991  3.752   1.00 37.65 ? 170 MET A CB  1 
ATOM   1090 C CG  . MET A 1 164 ? 14.196  -3.427  4.180   1.00 36.54 ? 170 MET A CG  1 
ATOM   1091 S SD  . MET A 1 164 ? 14.737  -4.525  2.867   1.00 29.03 ? 170 MET A SD  1 
ATOM   1092 C CE  . MET A 1 164 ? 13.812  -3.808  1.543   1.00 34.74 ? 170 MET A CE  1 
ATOM   1093 N N   . ASN A 1 165 ? 14.714  1.187   3.701   1.00 42.34 ? 171 ASN A N   1 
ATOM   1094 C CA  . ASN A 1 165 ? 14.297  2.565   3.489   1.00 43.69 ? 171 ASN A CA  1 
ATOM   1095 C C   . ASN A 1 165 ? 15.482  3.131   2.699   1.00 44.57 ? 171 ASN A C   1 
ATOM   1096 O O   . ASN A 1 165 ? 15.329  4.006   1.836   1.00 44.65 ? 171 ASN A O   1 
ATOM   1097 C CB  . ASN A 1 165 ? 14.136  3.256   4.855   1.00 44.46 ? 171 ASN A CB  1 
ATOM   1098 C CG  . ASN A 1 165 ? 14.133  4.780   4.782   1.00 44.07 ? 171 ASN A CG  1 
ATOM   1099 O OD1 . ASN A 1 165 ? 14.006  5.430   5.832   1.00 43.02 ? 171 ASN A OD1 1 
ATOM   1100 N ND2 . ASN A 1 165 ? 14.275  5.360   3.575   1.00 43.36 ? 171 ASN A ND2 1 
ATOM   1101 N N   . GLN A 1 166 ? 16.681  2.624   2.985   1.00 46.20 ? 172 GLN A N   1 
ATOM   1102 C CA  . GLN A 1 166 ? 17.888  3.075   2.283   1.00 48.30 ? 172 GLN A CA  1 
ATOM   1103 C C   . GLN A 1 166 ? 17.832  2.606   0.800   1.00 49.10 ? 172 GLN A C   1 
ATOM   1104 O O   . GLN A 1 166 ? 18.617  3.105   -0.030  1.00 49.34 ? 172 GLN A O   1 
ATOM   1105 C CB  . GLN A 1 166 ? 19.147  2.511   2.978   1.00 49.49 ? 172 GLN A CB  1 
ATOM   1106 C CG  . GLN A 1 166 ? 20.465  3.303   2.813   1.00 49.46 ? 172 GLN A CG  1 
ATOM   1107 C CD  . GLN A 1 166 ? 21.446  3.033   3.971   1.00 49.55 ? 172 GLN A CD  1 
ATOM   1108 O OE1 . GLN A 1 166 ? 22.664  3.129   3.811   1.00 50.53 ? 172 GLN A OE1 1 
ATOM   1109 N NE2 . GLN A 1 166 ? 20.903  2.710   5.151   1.00 49.05 ? 172 GLN A NE2 1 
ATOM   1110 N N   . ILE A 1 167 ? 16.938  1.668   0.453   1.00 49.75 ? 173 ILE A N   1 
ATOM   1111 C CA  . ILE A 1 167 ? 16.877  1.237   -0.936  1.00 50.82 ? 173 ILE A CA  1 
ATOM   1112 C C   . ILE A 1 167 ? 15.745  1.909   -1.731  1.00 50.66 ? 173 ILE A C   1 
ATOM   1113 O O   . ILE A 1 167 ? 15.705  1.863   -2.972  1.00 50.14 ? 173 ILE A O   1 
ATOM   1114 C CB  . ILE A 1 167 ? 16.837  -0.288  -1.028  1.00 50.36 ? 173 ILE A CB  1 
ATOM   1115 C CG1 . ILE A 1 167 ? 18.029  -0.849  -0.215  1.00 52.33 ? 173 ILE A CG1 1 
ATOM   1116 C CG2 . ILE A 1 167 ? 17.024  -0.707  -2.493  1.00 51.49 ? 173 ILE A CG2 1 
ATOM   1117 C CD1 . ILE A 1 167 ? 18.652  -2.196  -0.705  1.00 50.33 ? 173 ILE A CD1 1 
ATOM   1118 N N   . HIS A 1 168 ? 14.839  2.569   -1.011  1.00 51.34 ? 174 HIS A N   1 
ATOM   1119 C CA  . HIS A 1 168 ? 13.731  3.274   -1.651  1.00 51.67 ? 174 HIS A CA  1 
ATOM   1120 C C   . HIS A 1 168 ? 14.320  4.571   -2.204  1.00 50.78 ? 174 HIS A C   1 
ATOM   1121 O O   . HIS A 1 168 ? 13.819  5.119   -3.156  1.00 49.78 ? 174 HIS A O   1 
ATOM   1122 C CB  . HIS A 1 168 ? 12.647  3.616   -0.623  1.00 52.86 ? 174 HIS A CB  1 
ATOM   1123 C CG  . HIS A 1 168 ? 11.409  2.778   -0.743  1.00 53.59 ? 174 HIS A CG  1 
ATOM   1124 N ND1 . HIS A 1 168 ? 10.491  2.621   0.286   1.00 53.56 ? 174 HIS A ND1 1 
ATOM   1125 C CD2 . HIS A 1 168 ? 10.926  2.058   -1.783  1.00 52.66 ? 174 HIS A CD2 1 
ATOM   1126 C CE1 . HIS A 1 168 ? 9.507   1.840   -0.125  1.00 52.06 ? 174 HIS A CE1 1 
ATOM   1127 N NE2 . HIS A 1 168 ? 9.748   1.488   -1.372  1.00 53.10 ? 174 HIS A NE2 1 
ATOM   1128 N N   . GLU A 1 169 ? 15.397  5.069   -1.597  1.00 49.92 ? 175 GLU A N   1 
ATOM   1129 C CA  . GLU A 1 169 ? 16.064  6.329   -2.031  1.00 48.93 ? 175 GLU A CA  1 
ATOM   1130 C C   . GLU A 1 169 ? 16.419  6.280   -3.516  1.00 48.83 ? 175 GLU A C   1 
ATOM   1131 O O   . GLU A 1 169 ? 16.384  7.309   -4.196  1.00 48.37 ? 175 GLU A O   1 
ATOM   1132 C CB  . GLU A 1 169 ? 17.394  6.579   -1.283  1.00 47.09 ? 175 GLU A CB  1 
ATOM   1133 C CG  . GLU A 1 169 ? 17.393  6.527   0.266   1.00 45.90 ? 175 GLU A CG  1 
ATOM   1134 C CD  . GLU A 1 169 ? 18.783  6.770   0.901   1.00 44.37 ? 175 GLU A CD  1 
ATOM   1135 O OE1 . GLU A 1 169 ? 19.746  7.121   0.185   1.00 43.50 ? 175 GLU A OE1 1 
ATOM   1136 O OE2 . GLU A 1 169 ? 18.900  6.623   2.128   1.00 42.24 ? 175 GLU A OE2 1 
ATOM   1137 N N   . ILE A 1 170 ? 16.761  5.077   -3.997  1.00 48.39 ? 176 ILE A N   1 
ATOM   1138 C CA  . ILE A 1 170 ? 17.178  4.848   -5.375  1.00 47.20 ? 176 ILE A CA  1 
ATOM   1139 C C   . ILE A 1 170 ? 16.130  4.468   -6.386  1.00 46.47 ? 176 ILE A C   1 
ATOM   1140 O O   . ILE A 1 170 ? 16.211  4.798   -7.547  1.00 45.76 ? 176 ILE A O   1 
ATOM   1141 C CB  . ILE A 1 170 ? 18.308  3.840   -5.363  1.00 47.00 ? 176 ILE A CB  1 
ATOM   1142 C CG1 . ILE A 1 170 ? 19.442  4.405   -4.488  1.00 45.62 ? 176 ILE A CG1 1 
ATOM   1143 C CG2 . ILE A 1 170 ? 18.804  3.589   -6.777  1.00 47.52 ? 176 ILE A CG2 1 
ATOM   1144 C CD1 . ILE A 1 170 ? 19.806  3.561   -3.350  1.00 43.25 ? 176 ILE A CD1 1 
ATOM   1145 N N   . LEU A 1 171 ? 15.133  3.773   -5.914  1.00 46.59 ? 177 LEU A N   1 
ATOM   1146 C CA  . LEU A 1 171 ? 14.043  3.378   -6.747  1.00 47.53 ? 177 LEU A CA  1 
ATOM   1147 C C   . LEU A 1 171 ? 13.238  4.679   -6.707  1.00 48.26 ? 177 LEU A C   1 
ATOM   1148 O O   . LEU A 1 171 ? 12.191  4.816   -7.375  1.00 48.03 ? 177 LEU A O   1 
ATOM   1149 C CB  . LEU A 1 171 ? 13.260  2.304   -6.037  1.00 48.85 ? 177 LEU A CB  1 
ATOM   1150 C CG  . LEU A 1 171 ? 14.125  1.125   -5.579  1.00 48.13 ? 177 LEU A CG  1 
ATOM   1151 C CD1 . LEU A 1 171 ? 13.353  0.209   -4.669  1.00 48.40 ? 177 LEU A CD1 1 
ATOM   1152 C CD2 . LEU A 1 171 ? 14.589  0.370   -6.829  1.00 49.28 ? 177 LEU A CD2 1 
ATOM   1153 N N   . LEU A 1 172 ? 13.720  5.622   -5.881  1.00 49.25 ? 178 LEU A N   1 
ATOM   1154 C CA  . LEU A 1 172 ? 13.104  6.950   -5.748  1.00 49.79 ? 178 LEU A CA  1 
ATOM   1155 C C   . LEU A 1 172 ? 13.781  8.082   -6.364  1.00 50.26 ? 178 LEU A C   1 
ATOM   1156 O O   . LEU A 1 172 ? 13.186  9.155   -6.557  1.00 50.53 ? 178 LEU A O   1 
ATOM   1157 C CB  . LEU A 1 172 ? 12.874  7.181   -4.320  1.00 50.87 ? 178 LEU A CB  1 
ATOM   1158 C CG  . LEU A 1 172 ? 13.869  8.121   -2.999  1.00 49.27 ? 178 LEU A CG  1 
ATOM   1159 C CD1 . LEU A 1 172 ? 13.952  9.678   -3.567  1.00 49.14 ? 178 LEU A CD1 1 
ATOM   1160 C CD2 . LEU A 1 172 ? 12.566  8.371   -1.929  1.00 51.21 ? 178 LEU A CD2 1 
ATOM   1161 N N   . LYS A 1 173 ? 15.034  7.806   -6.681  1.00 50.36 ? 179 LYS A N   1 
ATOM   1162 C CA  . LYS A 1 173 ? 15.869  8.724   -7.423  1.00 50.36 ? 179 LYS A CA  1 
ATOM   1163 C C   . LYS A 1 173 ? 16.414  7.823   -8.532  1.00 48.97 ? 179 LYS A C   1 
ATOM   1164 O O   . LYS A 1 173 ? 17.614  7.801   -8.833  1.00 48.21 ? 179 LYS A O   1 
ATOM   1165 C CB  . LYS A 1 173 ? 17.009  9.349   -6.574  1.00 52.99 ? 179 LYS A CB  1 
ATOM   1166 C CG  . LYS A 1 173 ? 16.508  10.404  -5.546  1.00 53.50 ? 179 LYS A CG  1 
ATOM   1167 C CD  . LYS A 1 173 ? 17.634  11.326  -5.062  1.00 54.29 ? 179 LYS A CD  1 
ATOM   1168 C CE  . LYS A 1 173 ? 18.404  10.811  -3.862  1.00 54.03 ? 179 LYS A CE  1 
ATOM   1169 N NZ  . LYS A 1 173 ? 18.128  11.642  -2.615  1.00 55.09 ? 179 LYS A NZ  1 
ATOM   1170 N N   . GLU A 1 174 ? 15.506  7.049   -9.118  1.00 47.67 ? 180 GLU A N   1 
ATOM   1171 C CA  . GLU A 1 174 ? 15.885  6.199   -10.204 1.00 47.11 ? 180 GLU A CA  1 
ATOM   1172 C C   . GLU A 1 174 ? 14.868  6.281   -11.307 1.00 45.75 ? 180 GLU A C   1 
ATOM   1173 O O   . GLU A 1 174 ? 15.243  6.544   -12.453 1.00 45.13 ? 180 GLU A O   1 
ATOM   1174 C CB  . GLU A 1 174 ? 16.031  4.756   -9.758  1.00 48.84 ? 180 GLU A CB  1 
ATOM   1175 C CG  . GLU A 1 174 ? 17.342  4.032   -10.273 1.00 50.64 ? 180 GLU A CG  1 
ATOM   1176 C CD  . GLU A 1 174 ? 17.232  3.488   -11.734 1.00 50.22 ? 180 GLU A CD  1 
ATOM   1177 O OE1 . GLU A 1 174 ? 17.019  2.263   -11.880 1.00 50.17 ? 180 GLU A OE1 1 
ATOM   1178 O OE2 . GLU A 1 174 ? 17.337  4.268   -12.729 1.00 50.48 ? 180 GLU A OE2 1 
ATOM   1179 N N   . ALA A 1 175 ? 13.591  6.077   -10.990 1.00 44.73 ? 181 ALA A N   1 
ATOM   1180 C CA  . ALA A 1 175 ? 12.594  6.117   -12.055 1.00 43.87 ? 181 ALA A CA  1 
ATOM   1181 C C   . ALA A 1 175 ? 12.297  7.540   -12.569 1.00 43.44 ? 181 ALA A C   1 
ATOM   1182 O O   . ALA A 1 175 ? 12.208  7.716   -13.825 1.00 40.28 ? 181 ALA A O   1 
ATOM   1183 C CB  . ALA A 1 175 ? 11.325  5.422   -11.605 1.00 43.79 ? 181 ALA A CB  1 
HETATM 1184 O O   . HOH B 2 .   ? -1.554  -9.428  -7.282  1.00 1.00  ? 201 HOH A O   1 
HETATM 1185 O O   . HOH B 2 .   ? -8.731  -15.838 -3.092  1.00 1.00  ? 202 HOH A O   1 
HETATM 1186 O O   . HOH B 2 .   ? 10.445  10.627  -11.060 1.00 14.90 ? 203 HOH A O   1 
HETATM 1187 O O   . HOH B 2 .   ? 30.205  -9.063  -2.460  1.00 13.67 ? 204 HOH A O   1 
HETATM 1188 O O   . HOH B 2 .   ? 17.009  -12.730 19.931  1.00 1.00  ? 205 HOH A O   1 
HETATM 1189 O O   . HOH B 2 .   ? -8.579  23.547  -14.056 1.00 1.00  ? 206 HOH A O   1 
HETATM 1190 O O   . HOH B 2 .   ? 15.063  8.383   1.114   1.00 1.00  ? 207 HOH A O   1 
HETATM 1191 O O   . HOH B 2 .   ? -3.019  2.340   17.632  1.00 1.00  ? 208 HOH A O   1 
HETATM 1192 O O   . HOH B 2 .   ? 12.098  11.941  1.727   1.00 1.00  ? 209 HOH A O   1 
HETATM 1193 O O   . HOH B 2 .   ? -6.096  22.487  -6.360  1.00 1.00  ? 210 HOH A O   1 
HETATM 1194 O O   . HOH B 2 .   ? 4.536   20.164  -6.329  1.00 12.06 ? 211 HOH A O   1 
HETATM 1195 O O   . HOH B 2 .   ? -15.619 -9.194  -4.951  1.00 10.10 ? 212 HOH A O   1 
HETATM 1196 O O   . HOH B 2 .   ? 8.402   -17.751 19.995  1.00 1.00  ? 213 HOH A O   1 
HETATM 1197 O O   . HOH B 2 .   ? -20.205 8.202   0.855   1.00 16.80 ? 214 HOH A O   1 
HETATM 1198 O O   . HOH B 2 .   ? -17.117 -6.727  2.800   1.00 1.92  ? 215 HOH A O   1 
HETATM 1199 O O   . HOH B 2 .   ? -23.817 1.633   3.215   1.00 1.00  ? 216 HOH A O   1 
HETATM 1200 O O   . HOH B 2 .   ? 8.339   20.511  -9.251  1.00 8.98  ? 217 HOH A O   1 
HETATM 1201 O O   . HOH B 2 .   ? 15.278  12.365  -1.450  1.00 8.44  ? 218 HOH A O   1 
HETATM 1202 O O   . HOH B 2 .   ? -13.291 -15.230 -2.317  1.00 15.10 ? 219 HOH A O   1 
HETATM 1203 O O   . HOH B 2 .   ? 12.004  7.274   3.644   1.00 4.59  ? 220 HOH A O   1 
HETATM 1204 O O   . HOH B 2 .   ? -7.743  26.792  -14.003 1.00 9.50  ? 221 HOH A O   1 
HETATM 1205 O O   . HOH B 2 .   ? 14.038  10.145  -16.498 1.00 1.00  ? 222 HOH A O   1 
HETATM 1206 O O   . HOH B 2 .   ? -19.950 -7.505  -0.833  1.00 12.91 ? 223 HOH A O   1 
HETATM 1207 O O   . HOH B 2 .   ? 1.776   2.767   9.214   1.00 21.80 ? 224 HOH A O   1 
HETATM 1208 O O   . HOH B 2 .   ? -19.781 -5.248  6.659   1.00 1.00  ? 225 HOH A O   1 
HETATM 1209 O O   . HOH B 2 .   ? 6.183   19.571  -13.421 1.00 1.00  ? 226 HOH A O   1 
HETATM 1210 O O   . HOH B 2 .   ? -25.875 -5.847  -3.566  1.00 1.00  ? 227 HOH A O   1 
HETATM 1211 O O   . HOH B 2 .   ? -8.168  6.174   8.849   1.00 1.00  ? 228 HOH A O   1 
HETATM 1212 O O   . HOH B 2 .   ? -16.770 -6.311  -5.034  1.00 24.84 ? 229 HOH A O   1 
HETATM 1213 O O   . HOH B 2 .   ? -2.975  7.076   9.103   1.00 1.00  ? 230 HOH A O   1 
HETATM 1214 O O   . HOH B 2 .   ? -7.251  22.638  -18.980 1.00 17.71 ? 231 HOH A O   1 
HETATM 1215 O O   . HOH B 2 .   ? -4.606  3.977   13.475  1.00 4.48  ? 232 HOH A O   1 
HETATM 1216 O O   . HOH B 2 .   ? 5.914   4.062   1.639   1.00 12.48 ? 233 HOH A O   1 
HETATM 1217 O O   . HOH B 2 .   ? -3.353  23.816  -13.076 1.00 9.14  ? 234 HOH A O   1 
HETATM 1218 O O   . HOH B 2 .   ? -16.174 4.949   13.924  1.00 1.00  ? 235 HOH A O   1 
HETATM 1219 O O   . HOH B 2 .   ? 6.139   8.581   2.147   1.00 4.75  ? 236 HOH A O   1 
HETATM 1220 O O   . HOH B 2 .   ? -17.354 -3.303  -8.351  1.00 1.00  ? 237 HOH A O   1 
HETATM 1221 O O   . HOH B 2 .   ? -15.948 -5.548  8.953   1.00 1.00  ? 238 HOH A O   1 
HETATM 1222 O O   . HOH B 2 .   ? 6.090   8.585   -10.954 1.00 1.97  ? 239 HOH A O   1 
HETATM 1223 O O   . HOH B 2 .   ? 20.285  12.889  0.769   1.00 10.65 ? 240 HOH A O   1 
HETATM 1224 O O   . HOH B 2 .   ? 7.889   15.694  -11.338 1.00 1.00  ? 241 HOH A O   1 
HETATM 1225 O O   . HOH B 2 .   ? -22.270 -0.985  -11.385 1.00 6.63  ? 242 HOH A O   1 
HETATM 1226 O O   . HOH B 2 .   ? 10.218  17.130  -13.050 1.00 1.00  ? 243 HOH A O   1 
HETATM 1227 O O   . HOH B 2 .   ? 6.133   13.077  -13.716 1.00 30.97 ? 244 HOH A O   1 
HETATM 1228 O O   . HOH B 2 .   ? -3.419  1.849   11.193  1.00 3.01  ? 245 HOH A O   1 
HETATM 1229 O O   . HOH B 2 .   ? 2.289   13.211  -17.260 1.00 1.00  ? 246 HOH A O   1 
HETATM 1230 O O   . HOH B 2 .   ? -14.518 6.663   11.774  1.00 18.47 ? 247 HOH A O   1 
HETATM 1231 O O   . HOH B 2 .   ? 2.942   0.990   -14.978 1.00 1.00  ? 248 HOH A O   1 
HETATM 1232 O O   . HOH B 2 .   ? -11.179 6.431   12.949  1.00 1.00  ? 249 HOH A O   1 
HETATM 1233 O O   . HOH B 2 .   ? -2.228  15.273  -17.555 1.00 9.09  ? 250 HOH A O   1 
HETATM 1234 O O   . HOH B 2 .   ? 4.488   -4.505  17.552  1.00 1.00  ? 251 HOH A O   1 
HETATM 1235 O O   . HOH B 2 .   ? -4.690  4.603   19.059  1.00 1.00  ? 252 HOH A O   1 
HETATM 1236 O O   . HOH B 2 .   ? -9.733  3.717   -16.849 1.00 3.65  ? 253 HOH A O   1 
HETATM 1237 O O   . HOH B 2 .   ? 9.416   9.568   4.988   1.00 4.47  ? 254 HOH A O   1 
HETATM 1238 O O   . HOH B 2 .   ? -21.658 4.982   -5.981  1.00 4.52  ? 255 HOH A O   1 
HETATM 1239 O O   . HOH B 2 .   ? 7.332   -15.353 20.887  1.00 11.41 ? 256 HOH A O   1 
HETATM 1240 O O   . HOH B 2 .   ? 17.056  9.327   2.712   1.00 19.41 ? 257 HOH A O   1 
HETATM 1241 O O   . HOH B 2 .   ? -20.069 8.191   -6.651  0.50 1.00  ? 258 HOH A O   1 
HETATM 1242 O O   . HOH B 2 .   ? 1.211   -15.474 -13.560 1.00 1.00  ? 259 HOH A O   1 
HETATM 1243 O O   . HOH B 2 .   ? 4.011   22.429  -8.975  1.00 8.10  ? 260 HOH A O   1 
HETATM 1244 O O   . HOH B 2 .   ? -6.003  2.576   14.849  1.00 2.41  ? 261 HOH A O   1 
HETATM 1245 O O   . HOH B 2 .   ? 11.679  -13.270 20.412  1.00 1.00  ? 262 HOH A O   1 
HETATM 1246 O O   . HOH B 2 .   ? 8.912   8.816   -5.528  1.00 4.43  ? 263 HOH A O   1 
HETATM 1247 O O   . HOH B 2 .   ? -0.089  22.408  -17.291 1.00 1.00  ? 264 HOH A O   1 
HETATM 1248 O O   . HOH B 2 .   ? 2.143   -14.828 -9.957  1.00 1.00  ? 265 HOH A O   1 
HETATM 1249 O O   . HOH B 2 .   ? 1.020   17.387  -1.189  1.00 17.22 ? 266 HOH A O   1 
HETATM 1250 O O   . HOH B 2 .   ? -3.940  -18.398 -0.929  1.00 1.67  ? 267 HOH A O   1 
HETATM 1251 O O   . HOH B 2 .   ? -8.567  -19.617 -3.315  1.00 1.00  ? 268 HOH A O   1 
HETATM 1252 O O   . HOH B 2 .   ? -17.251 -6.813  13.446  1.00 15.24 ? 269 HOH A O   1 
HETATM 1253 O O   . HOH B 2 .   ? -20.119 -6.640  13.571  1.00 20.79 ? 270 HOH A O   1 
HETATM 1254 O O   . HOH B 2 .   ? -3.692  -2.552  17.566  1.00 6.71  ? 271 HOH A O   1 
HETATM 1255 O O   . HOH B 2 .   ? -1.033  -5.029  17.829  1.00 7.38  ? 272 HOH A O   1 
HETATM 1256 O O   . HOH B 2 .   ? -17.565 -1.560  10.153  1.00 1.00  ? 273 HOH A O   1 
HETATM 1257 O O   . HOH B 2 .   ? -16.942 -1.775  6.858   1.00 24.01 ? 274 HOH A O   1 
HETATM 1258 O O   . HOH B 2 .   ? -19.020 -12.438 -2.984  1.00 19.24 ? 275 HOH A O   1 
HETATM 1259 O O   . HOH B 2 .   ? -21.062 9.129   4.625   1.00 45.34 ? 276 HOH A O   1 
HETATM 1260 O O   . HOH B 2 .   ? -15.864 16.609  3.104   1.00 6.43  ? 277 HOH A O   1 
HETATM 1261 O O   . HOH B 2 .   ? -5.873  11.093  7.296   1.00 4.56  ? 278 HOH A O   1 
HETATM 1262 O O   . HOH B 2 .   ? -24.116 5.539   -2.256  1.00 12.38 ? 279 HOH A O   1 
HETATM 1263 O O   . HOH B 2 .   ? 4.161   -15.416 21.364  1.00 19.54 ? 280 HOH A O   1 
HETATM 1264 O O   . HOH B 2 .   ? -9.182  24.584  -20.820 1.00 10.65 ? 281 HOH A O   1 
HETATM 1265 O O   . HOH B 2 .   ? -8.315  5.832   -21.415 1.00 9.13  ? 282 HOH A O   1 
HETATM 1266 O O   . HOH B 2 .   ? 3.484   10.933  -14.050 1.00 6.67  ? 283 HOH A O   1 
HETATM 1267 O O   . HOH B 2 .   ? 2.686   8.329   -17.189 1.00 12.62 ? 284 HOH A O   1 
HETATM 1268 O O   . HOH B 2 .   ? 6.438   20.163  -2.275  1.00 2.69  ? 285 HOH A O   1 
HETATM 1269 O O   . HOH B 2 .   ? 6.514   16.874  -3.203  1.00 1.75  ? 286 HOH A O   1 
HETATM 1270 O O   . HOH B 2 .   ? -2.833  18.447  -9.624  1.00 3.20  ? 287 HOH A O   1 
HETATM 1271 O O   . HOH B 2 .   ? -25.410 -1.048  -10.505 1.00 1.00  ? 288 HOH A O   1 
HETATM 1272 O O   . HOH B 2 .   ? -12.735 -2.018  -12.020 1.00 1.00  ? 289 HOH A O   1 
HETATM 1273 O O   . HOH B 2 .   ? -22.381 -1.609  -0.788  1.00 8.09  ? 290 HOH A O   1 
HETATM 1274 O O   . HOH B 2 .   ? -2.380  -12.828 -4.089  1.00 10.73 ? 291 HOH A O   1 
HETATM 1275 O O   . HOH B 2 .   ? 6.210   14.068  1.353   1.00 15.82 ? 292 HOH A O   1 
HETATM 1276 O O   . HOH B 2 .   ? -4.735  25.887  -11.475 1.00 7.30  ? 293 HOH A O   1 
HETATM 1277 O O   . HOH B 2 .   ? 10.658  12.579  -4.598  1.00 1.00  ? 294 HOH A O   1 
HETATM 1278 O O   . HOH B 2 .   ? 12.477  15.600  -8.036  1.00 1.00  ? 295 HOH A O   1 
HETATM 1279 O O   . HOH B 2 .   ? -16.751 1.064   -9.517  1.00 26.82 ? 296 HOH A O   1 
HETATM 1280 O O   . HOH B 2 .   ? -15.836 -5.095  1.067   1.00 11.90 ? 297 HOH A O   1 
HETATM 1281 O O   . HOH B 2 .   ? -15.405 -3.404  -1.777  1.00 1.73  ? 298 HOH A O   1 
HETATM 1282 O O   . HOH B 2 .   ? 9.120   5.494   -14.081 1.00 3.83  ? 299 HOH A O   1 
HETATM 1283 O O   . HOH B 2 .   ? -1.176  18.364  -17.138 1.00 15.31 ? 300 HOH A O   1 
HETATM 1284 O O   . HOH B 2 .   ? -5.092  24.087  -8.382  1.00 27.87 ? 301 HOH A O   1 
HETATM 1285 O O   . HOH B 2 .   ? 1.196   22.263  -15.331 1.00 12.32 ? 302 HOH A O   1 
HETATM 1286 O O   . HOH B 2 .   ? 1.756   -0.508  0.868   1.00 34.53 ? 303 HOH A O   1 
# 
loop_
_pdbx_poly_seq_scheme.asym_id 
_pdbx_poly_seq_scheme.entity_id 
_pdbx_poly_seq_scheme.seq_id 
_pdbx_poly_seq_scheme.mon_id 
_pdbx_poly_seq_scheme.ndb_seq_num 
_pdbx_poly_seq_scheme.pdb_seq_num 
_pdbx_poly_seq_scheme.auth_seq_num 
_pdbx_poly_seq_scheme.pdb_mon_id 
_pdbx_poly_seq_scheme.auth_mon_id 
_pdbx_poly_seq_scheme.pdb_strand_id 
_pdbx_poly_seq_scheme.pdb_ins_code 
_pdbx_poly_seq_scheme.hetero 
A 1 1   THR 1   7   ?   ?   ?   A . n 
A 1 2   ALA 2   8   ?   ?   ?   A . n 
A 1 3   ALA 3   9   ?   ?   ?   A . n 
A 1 4   ALA 4   10  ?   ?   ?   A . n 
A 1 5   LYS 5   11  ?   ?   ?   A . n 
A 1 6   PHE 6   12  ?   ?   ?   A . n 
A 1 7   GLU 7   13  ?   ?   ?   A . n 
A 1 8   ARG 8   14  ?   ?   ?   A . n 
A 1 9   GLN 9   15  ?   ?   ?   A . n 
A 1 10  HIS 10  16  ?   ?   ?   A . n 
A 1 11  MET 11  17  ?   ?   ?   A . n 
A 1 12  ASP 12  18  ?   ?   ?   A . n 
A 1 13  SER 13  19  ?   ?   ?   A . n 
A 1 14  PRO 14  20  ?   ?   ?   A . n 
A 1 15  ASP 15  21  ?   ?   ?   A . n 
A 1 16  LEU 16  22  ?   ?   ?   A . n 
A 1 17  GLY 17  23  ?   ?   ?   A . n 
A 1 18  THR 18  24  ?   ?   ?   A . n 
A 1 19  ASP 19  25  ?   ?   ?   A . n 
A 1 20  ASP 20  26  ?   ?   ?   A . n 
A 1 21  ASP 21  27  ?   ?   ?   A . n 
A 1 22  ASP 22  28  ?   ?   ?   A . n 
A 1 23  LYS 23  29  ?   ?   ?   A . n 
A 1 24  ALA 24  30  ?   ?   ?   A . n 
A 1 25  MET 25  31  ?   ?   ?   A . n 
A 1 26  ALA 26  32  ?   ?   ?   A . n 
A 1 27  ASP 27  33  ?   ?   ?   A . n 
A 1 28  ILE 28  34  ?   ?   ?   A . n 
A 1 29  GLY 29  35  ?   ?   ?   A . n 
A 1 30  SER 30  36  ?   ?   ?   A . n 
A 1 31  ASP 31  37  ?   ?   ?   A . n 
A 1 32  PHE 32  38  ?   ?   ?   A . n 
A 1 33  MET 33  39  39  MET MET A . n 
A 1 34  LEU 34  40  40  LEU LEU A . n 
A 1 35  SER 35  41  41  SER SER A . n 
A 1 36  GLN 36  42  42  GLN GLN A . n 
A 1 37  GLU 37  43  43  GLU GLU A . n 
A 1 38  PHE 38  44  44  PHE PHE A . n 
A 1 39  PHE 39  45  45  PHE PHE A . n 
A 1 40  ASN 40  46  46  ASN ASN A . n 
A 1 41  SER 41  47  47  SER SER A . n 
A 1 42  PHE 42  48  48  PHE PHE A . n 
A 1 43  ILE 43  49  49  ILE ILE A . n 
A 1 44  THR 44  50  50  THR THR A . n 
A 1 45  ILE 45  51  51  ILE ILE A . n 
A 1 46  TYR 46  52  52  TYR TYR A . n 
A 1 47  ARG 47  53  53  ARG ARG A . n 
A 1 48  PRO 48  54  54  PRO PRO A . n 
A 1 49  TYR 49  55  55  TYR TYR A . n 
A 1 50  LEU 50  56  56  LEU LEU A . n 
A 1 51  LYS 51  57  57  LYS LYS A . n 
A 1 52  LEU 52  58  58  LEU LEU A . n 
A 1 53  THR 53  59  59  THR THR A . n 
A 1 54  GLU 54  60  60  GLU GLU A . n 
A 1 55  PRO 55  61  61  PRO PRO A . n 
A 1 56  ILE 56  62  62  ILE ILE A . n 
A 1 57  LEU 57  63  63  LEU LEU A . n 
A 1 58  GLU 58  64  64  GLU GLU A . n 
A 1 59  LYS 59  65  65  LYS LYS A . n 
A 1 60  HIS 60  66  66  HIS HIS A . n 
A 1 61  ASN 61  67  67  ASN ASN A . n 
A 1 62  ILE 62  68  68  ILE ILE A . n 
A 1 63  TYR 63  69  69  TYR TYR A . n 
A 1 64  TYR 64  70  70  TYR TYR A . n 
A 1 65  GLY 65  71  71  GLY GLY A . n 
A 1 66  GLN 66  72  72  GLN GLN A . n 
A 1 67  TRP 67  73  73  TRP TRP A . n 
A 1 68  LEU 68  74  74  LEU LEU A . n 
A 1 69  ILE 69  75  75  ILE ILE A . n 
A 1 70  LEU 70  76  76  LEU LEU A . n 
A 1 71  ARG 71  77  77  ARG ARG A . n 
A 1 72  ASP 72  78  78  ASP ASP A . n 
A 1 73  ILE 73  79  79  ILE ILE A . n 
A 1 74  ALA 74  80  80  ALA ALA A . n 
A 1 75  LYS 75  81  81  LYS LYS A . n 
A 1 76  HIS 76  82  82  HIS HIS A . n 
A 1 77  GLN 77  83  83  GLN GLN A . n 
A 1 78  PRO 78  84  84  PRO PRO A . n 
A 1 79  THR 79  85  85  THR THR A . n 
A 1 80  THR 80  86  86  THR THR A . n 
A 1 81  LEU 81  87  87  LEU LEU A . n 
A 1 82  ILE 82  88  88  ILE ILE A . n 
A 1 83  GLU 83  89  89  GLU GLU A . n 
A 1 84  ILE 84  90  90  ILE ILE A . n 
A 1 85  SER 85  91  91  SER SER A . n 
A 1 86  HIS 86  92  92  HIS HIS A . n 
A 1 87  ARG 87  93  93  ARG ARG A . n 
A 1 88  ARG 88  94  94  ARG ARG A . n 
A 1 89  ALA 89  95  95  ALA ALA A . n 
A 1 90  ILE 90  96  96  ILE ILE A . n 
A 1 91  GLU 91  97  97  GLU GLU A . n 
A 1 92  LYS 92  98  98  LYS LYS A . n 
A 1 93  PRO 93  99  99  PRO PRO A . n 
A 1 94  THR 94  100 100 THR THR A . n 
A 1 95  ALA 95  101 101 ALA ALA A . n 
A 1 96  ARG 96  102 102 ARG ARG A . n 
A 1 97  LYS 97  103 103 LYS LYS A . n 
A 1 98  THR 98  104 104 THR THR A . n 
A 1 99  LEU 99  105 105 LEU LEU A . n 
A 1 100 LYS 100 106 106 LYS LYS A . n 
A 1 101 ALA 101 107 107 ALA ALA A . n 
A 1 102 LEU 102 108 108 LEU LEU A . n 
A 1 103 ILE 103 109 109 ILE ILE A . n 
A 1 104 GLU 104 110 110 GLU GLU A . n 
A 1 105 ASN 105 111 111 ASN ASN A . n 
A 1 106 ASP 106 112 112 ASP ASP A . n 
A 1 107 LEU 107 113 113 LEU LEU A . n 
A 1 108 ILE 108 114 114 ILE ILE A . n 
A 1 109 THR 109 115 115 THR THR A . n 
A 1 110 VAL 110 116 116 VAL VAL A . n 
A 1 111 GLU 111 117 117 GLU GLU A . n 
A 1 112 ASN 112 118 118 ASN ASN A . n 
A 1 113 SER 113 119 119 SER SER A . n 
A 1 114 LEU 114 120 120 LEU LEU A . n 
A 1 115 GLU 115 121 121 GLU GLU A . n 
A 1 116 ASP 116 122 122 ASP ASP A . n 
A 1 117 LYS 117 123 123 LYS LYS A . n 
A 1 118 ARG 118 124 124 ARG ARG A . n 
A 1 119 GLN 119 125 125 GLN GLN A . n 
A 1 120 LYS 120 126 126 LYS LYS A . n 
A 1 121 PHE 121 127 127 PHE PHE A . n 
A 1 122 LEU 122 128 128 LEU LEU A . n 
A 1 123 THR 123 129 129 THR THR A . n 
A 1 124 LEU 124 130 130 LEU LEU A . n 
A 1 125 THR 125 131 131 THR THR A . n 
A 1 126 PRO 126 132 132 PRO PRO A . n 
A 1 127 LYS 127 133 133 LYS LYS A . n 
A 1 128 GLY 128 134 134 GLY GLY A . n 
A 1 129 HIS 129 135 135 HIS HIS A . n 
A 1 130 GLU 130 136 136 GLU GLU A . n 
A 1 131 LEU 131 137 137 LEU LEU A . n 
A 1 132 TYR 132 138 138 TYR TYR A . n 
A 1 133 GLU 133 139 139 GLU GLU A . n 
A 1 134 ILE 134 140 140 ILE ILE A . n 
A 1 135 VAL 135 141 141 VAL VAL A . n 
A 1 136 CYS 136 142 142 CYS CYS A . n 
A 1 137 LEU 137 143 143 LEU LEU A . n 
A 1 138 ASP 138 144 144 ASP ASP A . n 
A 1 139 VAL 139 145 145 VAL VAL A . n 
A 1 140 GLN 140 146 146 GLN GLN A . n 
A 1 141 LYS 141 147 147 LYS LYS A . n 
A 1 142 LEU 142 148 148 LEU LEU A . n 
A 1 143 GLN 143 149 149 GLN GLN A . n 
A 1 144 GLN 144 150 150 GLN GLN A . n 
A 1 145 ALA 145 151 151 ALA ALA A . n 
A 1 146 VAL 146 152 152 VAL VAL A . n 
A 1 147 VAL 147 153 153 VAL VAL A . n 
A 1 148 ALA 148 154 154 ALA ALA A . n 
A 1 149 LYS 149 155 155 LYS LYS A . n 
A 1 150 THR 150 156 156 THR THR A . n 
A 1 151 ASN 151 157 157 ASN ASN A . n 
A 1 152 ILE 152 158 158 ILE ILE A . n 
A 1 153 SER 153 159 159 SER SER A . n 
A 1 154 GLN 154 160 160 GLN GLN A . n 
A 1 155 ASP 155 161 161 ASP ASP A . n 
A 1 156 GLN 156 162 162 GLN GLN A . n 
A 1 157 MET 157 163 163 MET MET A . n 
A 1 158 GLN 158 164 164 GLN GLN A . n 
A 1 159 GLU 159 165 165 GLU GLU A . n 
A 1 160 THR 160 166 166 THR THR A . n 
A 1 161 ILE 161 167 167 ILE ILE A . n 
A 1 162 ASN 162 168 168 ASN ASN A . n 
A 1 163 VAL 163 169 169 VAL VAL A . n 
A 1 164 MET 164 170 170 MET MET A . n 
A 1 165 ASN 165 171 171 ASN ASN A . n 
A 1 166 GLN 166 172 172 GLN GLN A . n 
A 1 167 ILE 167 173 173 ILE ILE A . n 
A 1 168 HIS 168 174 174 HIS HIS A . n 
A 1 169 GLU 169 175 175 GLU GLU A . n 
A 1 170 ILE 170 176 176 ILE ILE A . n 
A 1 171 LEU 171 177 177 LEU LEU A . n 
A 1 172 LEU 172 178 178 LEU LEU A . n 
A 1 173 LYS 173 179 179 LYS LYS A . n 
A 1 174 GLU 174 180 180 GLU GLU A . n 
A 1 175 ALA 175 181 181 ALA ALA A . n 
A 1 176 HIS 176 182 ?   ?   ?   A . n 
A 1 177 ASN 177 183 ?   ?   ?   A . n 
A 1 178 ASP 178 184 ?   ?   ?   A . n 
# 
loop_
_pdbx_nonpoly_scheme.asym_id 
_pdbx_nonpoly_scheme.entity_id 
_pdbx_nonpoly_scheme.mon_id 
_pdbx_nonpoly_scheme.ndb_seq_num 
_pdbx_nonpoly_scheme.pdb_seq_num 
_pdbx_nonpoly_scheme.auth_seq_num 
_pdbx_nonpoly_scheme.pdb_mon_id 
_pdbx_nonpoly_scheme.auth_mon_id 
_pdbx_nonpoly_scheme.pdb_strand_id 
_pdbx_nonpoly_scheme.pdb_ins_code 
B 2 HOH 1   201 182 HOH WAT A . 
B 2 HOH 2   202 183 HOH WAT A . 
B 2 HOH 3   203 184 HOH WAT A . 
B 2 HOH 4   204 185 HOH WAT A . 
B 2 HOH 5   205 186 HOH WAT A . 
B 2 HOH 6   206 187 HOH WAT A . 
B 2 HOH 7   207 188 HOH WAT A . 
B 2 HOH 8   208 189 HOH WAT A . 
B 2 HOH 9   209 190 HOH WAT A . 
B 2 HOH 10  210 191 HOH WAT A . 
B 2 HOH 11  211 192 HOH WAT A . 
B 2 HOH 12  212 193 HOH WAT A . 
B 2 HOH 13  213 194 HOH WAT A . 
B 2 HOH 14  214 195 HOH WAT A . 
B 2 HOH 15  215 196 HOH WAT A . 
B 2 HOH 16  216 197 HOH WAT A . 
B 2 HOH 17  217 198 HOH WAT A . 
B 2 HOH 18  218 199 HOH WAT A . 
B 2 HOH 19  219 200 HOH WAT A . 
B 2 HOH 20  220 201 HOH WAT A . 
B 2 HOH 21  221 202 HOH WAT A . 
B 2 HOH 22  222 203 HOH WAT A . 
B 2 HOH 23  223 204 HOH WAT A . 
B 2 HOH 24  224 205 HOH WAT A . 
B 2 HOH 25  225 206 HOH WAT A . 
B 2 HOH 26  226 207 HOH WAT A . 
B 2 HOH 27  227 208 HOH WAT A . 
B 2 HOH 28  228 209 HOH WAT A . 
B 2 HOH 29  229 210 HOH WAT A . 
B 2 HOH 30  230 211 HOH WAT A . 
B 2 HOH 31  231 212 HOH WAT A . 
B 2 HOH 32  232 213 HOH WAT A . 
B 2 HOH 33  233 214 HOH WAT A . 
B 2 HOH 34  234 215 HOH WAT A . 
B 2 HOH 35  235 216 HOH WAT A . 
B 2 HOH 36  236 217 HOH WAT A . 
B 2 HOH 37  237 218 HOH WAT A . 
B 2 HOH 38  238 219 HOH WAT A . 
B 2 HOH 39  239 220 HOH WAT A . 
B 2 HOH 40  240 221 HOH WAT A . 
B 2 HOH 41  241 222 HOH WAT A . 
B 2 HOH 42  242 223 HOH WAT A . 
B 2 HOH 43  243 224 HOH WAT A . 
B 2 HOH 44  244 225 HOH WAT A . 
B 2 HOH 45  245 226 HOH WAT A . 
B 2 HOH 46  246 227 HOH WAT A . 
B 2 HOH 47  247 228 HOH WAT A . 
B 2 HOH 48  248 229 HOH WAT A . 
B 2 HOH 49  249 230 HOH WAT A . 
B 2 HOH 50  250 231 HOH WAT A . 
B 2 HOH 51  251 233 HOH WAT A . 
B 2 HOH 52  252 234 HOH WAT A . 
B 2 HOH 53  253 235 HOH WAT A . 
B 2 HOH 54  254 236 HOH WAT A . 
B 2 HOH 55  255 237 HOH WAT A . 
B 2 HOH 56  256 238 HOH WAT A . 
B 2 HOH 57  257 239 HOH WAT A . 
B 2 HOH 58  258 240 HOH WAT A . 
B 2 HOH 59  259 241 HOH WAT A . 
B 2 HOH 60  260 242 HOH WAT A . 
B 2 HOH 61  261 243 HOH WAT A . 
B 2 HOH 62  262 244 HOH WAT A . 
B 2 HOH 63  263 245 HOH WAT A . 
B 2 HOH 64  264 246 HOH WAT A . 
B 2 HOH 65  265 247 HOH WAT A . 
B 2 HOH 66  266 248 HOH WAT A . 
B 2 HOH 67  267 249 HOH WAT A . 
B 2 HOH 68  268 250 HOH WAT A . 
B 2 HOH 69  269 251 HOH WAT A . 
B 2 HOH 70  270 252 HOH WAT A . 
B 2 HOH 71  271 253 HOH WAT A . 
B 2 HOH 72  272 254 HOH WAT A . 
B 2 HOH 73  273 255 HOH WAT A . 
B 2 HOH 74  274 256 HOH WAT A . 
B 2 HOH 75  275 257 HOH WAT A . 
B 2 HOH 76  276 258 HOH WAT A . 
B 2 HOH 77  277 259 HOH WAT A . 
B 2 HOH 78  278 260 HOH WAT A . 
B 2 HOH 79  279 261 HOH WAT A . 
B 2 HOH 80  280 262 HOH WAT A . 
B 2 HOH 81  281 263 HOH WAT A . 
B 2 HOH 82  282 264 HOH WAT A . 
B 2 HOH 83  283 265 HOH WAT A . 
B 2 HOH 84  284 266 HOH WAT A . 
B 2 HOH 85  285 267 HOH WAT A . 
B 2 HOH 86  286 268 HOH WAT A . 
B 2 HOH 87  287 269 HOH WAT A . 
B 2 HOH 88  288 270 HOH WAT A . 
B 2 HOH 89  289 271 HOH WAT A . 
B 2 HOH 90  290 272 HOH WAT A . 
B 2 HOH 91  291 273 HOH WAT A . 
B 2 HOH 92  292 274 HOH WAT A . 
B 2 HOH 93  293 275 HOH WAT A . 
B 2 HOH 94  294 276 HOH WAT A . 
B 2 HOH 95  295 277 HOH WAT A . 
B 2 HOH 96  296 278 HOH WAT A . 
B 2 HOH 97  297 279 HOH WAT A . 
B 2 HOH 98  298 280 HOH WAT A . 
B 2 HOH 99  299 281 HOH WAT A . 
B 2 HOH 100 300 282 HOH WAT A . 
B 2 HOH 101 301 283 HOH WAT A . 
B 2 HOH 102 302 284 HOH WAT A . 
B 2 HOH 103 303 285 HOH WAT A . 
# 
loop_
_pdbx_struct_assembly.id 
_pdbx_struct_assembly.details 
_pdbx_struct_assembly.method_details 
_pdbx_struct_assembly.oligomeric_details 
_pdbx_struct_assembly.oligomeric_count 
1 author_defined_assembly   ?    monomeric 1 
2 software_defined_assembly PISA dimeric   2 
# 
loop_
_pdbx_struct_assembly_gen.assembly_id 
_pdbx_struct_assembly_gen.oper_expression 
_pdbx_struct_assembly_gen.asym_id_list 
1 1   A,B 
2 1,2 A,B 
# 
loop_
_pdbx_struct_assembly_prop.biol_id 
_pdbx_struct_assembly_prop.type 
_pdbx_struct_assembly_prop.value 
_pdbx_struct_assembly_prop.details 
2 'ABSA (A^2)' 5260  ? 
2 MORE         -36   ? 
2 'SSA (A^2)'  16350 ? 
# 
loop_
_pdbx_struct_oper_list.id 
_pdbx_struct_oper_list.type 
_pdbx_struct_oper_list.name 
_pdbx_struct_oper_list.symmetry_operation 
_pdbx_struct_oper_list.matrix[1][1] 
_pdbx_struct_oper_list.matrix[1][2] 
_pdbx_struct_oper_list.matrix[1][3] 
_pdbx_struct_oper_list.vector[1] 
_pdbx_struct_oper_list.matrix[2][1] 
_pdbx_struct_oper_list.matrix[2][2] 
_pdbx_struct_oper_list.matrix[2][3] 
_pdbx_struct_oper_list.vector[2] 
_pdbx_struct_oper_list.matrix[3][1] 
_pdbx_struct_oper_list.matrix[3][2] 
_pdbx_struct_oper_list.matrix[3][3] 
_pdbx_struct_oper_list.vector[3] 
1 'identity operation'         1_555 x,y,z   1.0000000000  0.0000000000 0.0000000000 0.0000000000  0.0000000000 1.0000000000  0.0000000000 0.0000000000   0.0000000000 0.0000000000 1.0000000000 0.0000000000  
2 'crystal symmetry operation' 4_555 x,-y,-z -0.1292760365 0.2237104599 0.9660441690 13.9741725202 0.2237104599 -0.9425232657 0.2482005715 -16.8421574405 0.9660441690 0.2482005715 0.0717993023 -8.6951304766 
# 
loop_
_pdbx_audit_revision_history.ordinal 
_pdbx_audit_revision_history.data_content_type 
_pdbx_audit_revision_history.major_revision 
_pdbx_audit_revision_history.minor_revision 
_pdbx_audit_revision_history.revision_date 
1 'Structure model' 1 0 2013-04-17 
2 'Structure model' 1 1 2023-11-08 
# 
_pdbx_audit_revision_details.ordinal             1 
_pdbx_audit_revision_details.revision_ordinal    1 
_pdbx_audit_revision_details.data_content_type   'Structure model' 
_pdbx_audit_revision_details.provider            repository 
_pdbx_audit_revision_details.type                'Initial release' 
_pdbx_audit_revision_details.description         ? 
_pdbx_audit_revision_details.details             ? 
# 
loop_
_pdbx_audit_revision_group.ordinal 
_pdbx_audit_revision_group.revision_ordinal 
_pdbx_audit_revision_group.data_content_type 
_pdbx_audit_revision_group.group 
1 2 'Structure model' 'Data collection'        
2 2 'Structure model' 'Database references'    
3 2 'Structure model' 'Refinement description' 
# 
loop_
_pdbx_audit_revision_category.ordinal 
_pdbx_audit_revision_category.revision_ordinal 
_pdbx_audit_revision_category.data_content_type 
_pdbx_audit_revision_category.category 
1 2 'Structure model' chem_comp_atom                
2 2 'Structure model' chem_comp_bond                
3 2 'Structure model' database_2                    
4 2 'Structure model' pdbx_initial_refinement_model 
5 2 'Structure model' struct_ref_seq_dif            
# 
loop_
_pdbx_audit_revision_item.ordinal 
_pdbx_audit_revision_item.revision_ordinal 
_pdbx_audit_revision_item.data_content_type 
_pdbx_audit_revision_item.item 
1 2 'Structure model' '_database_2.pdbx_DOI'                
2 2 'Structure model' '_database_2.pdbx_database_accession' 
3 2 'Structure model' '_struct_ref_seq_dif.details'         
# 
loop_
_software.name 
_software.classification 
_software.version 
_software.citation_id 
_software.pdbx_ordinal 
HKL-2000 'data collection' . ? 1 
CNS      refinement        . ? 2 
HKL-2000 'data reduction'  . ? 3 
HKL-2000 'data scaling'    . ? 4 
CNS      phasing           . ? 5 
# 
loop_
_pdbx_validate_close_contact.id 
_pdbx_validate_close_contact.PDB_model_num 
_pdbx_validate_close_contact.auth_atom_id_1 
_pdbx_validate_close_contact.auth_asym_id_1 
_pdbx_validate_close_contact.auth_comp_id_1 
_pdbx_validate_close_contact.auth_seq_id_1 
_pdbx_validate_close_contact.PDB_ins_code_1 
_pdbx_validate_close_contact.label_alt_id_1 
_pdbx_validate_close_contact.auth_atom_id_2 
_pdbx_validate_close_contact.auth_asym_id_2 
_pdbx_validate_close_contact.auth_comp_id_2 
_pdbx_validate_close_contact.auth_seq_id_2 
_pdbx_validate_close_contact.PDB_ins_code_2 
_pdbx_validate_close_contact.label_alt_id_2 
_pdbx_validate_close_contact.dist 
1 1 O   A HIS 82  ? ? OG1 A THR 85  ? ? 1.88 
2 1 OE2 A GLU 60  ? ? O   A HOH 291 ? ? 1.96 
3 1 NE2 A GLN 164 ? ? OD1 A ASN 168 ? ? 2.01 
4 1 OD1 A ASP 122 ? ? O   A HOH 206 ? ? 2.15 
5 1 O   A GLN 149 ? ? CG1 A VAL 152 ? ? 2.16 
6 1 NH1 A ARG 77  ? ? NZ  A LYS 81  ? ? 2.16 
7 1 O   A GLN 42  ? ? ND2 A ASN 46  ? ? 2.19 
# 
_pdbx_validate_symm_contact.id                1 
_pdbx_validate_symm_contact.PDB_model_num     1 
_pdbx_validate_symm_contact.auth_atom_id_1    OH 
_pdbx_validate_symm_contact.auth_asym_id_1    A 
_pdbx_validate_symm_contact.auth_comp_id_1    TYR 
_pdbx_validate_symm_contact.auth_seq_id_1     69 
_pdbx_validate_symm_contact.PDB_ins_code_1    ? 
_pdbx_validate_symm_contact.label_alt_id_1    ? 
_pdbx_validate_symm_contact.site_symmetry_1   1_555 
_pdbx_validate_symm_contact.auth_atom_id_2    O 
_pdbx_validate_symm_contact.auth_asym_id_2    A 
_pdbx_validate_symm_contact.auth_comp_id_2    GLN 
_pdbx_validate_symm_contact.auth_seq_id_2     160 
_pdbx_validate_symm_contact.PDB_ins_code_2    ? 
_pdbx_validate_symm_contact.label_alt_id_2    ? 
_pdbx_validate_symm_contact.site_symmetry_2   1_455 
_pdbx_validate_symm_contact.dist              1.77 
# 
loop_
_pdbx_validate_rmsd_bond.id 
_pdbx_validate_rmsd_bond.PDB_model_num 
_pdbx_validate_rmsd_bond.auth_atom_id_1 
_pdbx_validate_rmsd_bond.auth_asym_id_1 
_pdbx_validate_rmsd_bond.auth_comp_id_1 
_pdbx_validate_rmsd_bond.auth_seq_id_1 
_pdbx_validate_rmsd_bond.PDB_ins_code_1 
_pdbx_validate_rmsd_bond.label_alt_id_1 
_pdbx_validate_rmsd_bond.auth_atom_id_2 
_pdbx_validate_rmsd_bond.auth_asym_id_2 
_pdbx_validate_rmsd_bond.auth_comp_id_2 
_pdbx_validate_rmsd_bond.auth_seq_id_2 
_pdbx_validate_rmsd_bond.PDB_ins_code_2 
_pdbx_validate_rmsd_bond.label_alt_id_2 
_pdbx_validate_rmsd_bond.bond_value 
_pdbx_validate_rmsd_bond.bond_target_value 
_pdbx_validate_rmsd_bond.bond_deviation 
_pdbx_validate_rmsd_bond.bond_standard_deviation 
_pdbx_validate_rmsd_bond.linker_flag 
1 1 CB A LEU 108 ? ? CG A LEU 108 ? ? 1.845 1.521 0.324 0.029 N 
2 1 CA A VAL 152 ? ? CB A VAL 152 ? ? 1.672 1.543 0.129 0.021 N 
3 1 CB A LEU 178 ? ? CG A LEU 178 ? ? 1.902 1.521 0.381 0.029 N 
# 
loop_
_pdbx_validate_rmsd_angle.id 
_pdbx_validate_rmsd_angle.PDB_model_num 
_pdbx_validate_rmsd_angle.auth_atom_id_1 
_pdbx_validate_rmsd_angle.auth_asym_id_1 
_pdbx_validate_rmsd_angle.auth_comp_id_1 
_pdbx_validate_rmsd_angle.auth_seq_id_1 
_pdbx_validate_rmsd_angle.PDB_ins_code_1 
_pdbx_validate_rmsd_angle.label_alt_id_1 
_pdbx_validate_rmsd_angle.auth_atom_id_2 
_pdbx_validate_rmsd_angle.auth_asym_id_2 
_pdbx_validate_rmsd_angle.auth_comp_id_2 
_pdbx_validate_rmsd_angle.auth_seq_id_2 
_pdbx_validate_rmsd_angle.PDB_ins_code_2 
_pdbx_validate_rmsd_angle.label_alt_id_2 
_pdbx_validate_rmsd_angle.auth_atom_id_3 
_pdbx_validate_rmsd_angle.auth_asym_id_3 
_pdbx_validate_rmsd_angle.auth_comp_id_3 
_pdbx_validate_rmsd_angle.auth_seq_id_3 
_pdbx_validate_rmsd_angle.PDB_ins_code_3 
_pdbx_validate_rmsd_angle.label_alt_id_3 
_pdbx_validate_rmsd_angle.angle_value 
_pdbx_validate_rmsd_angle.angle_target_value 
_pdbx_validate_rmsd_angle.angle_deviation 
_pdbx_validate_rmsd_angle.angle_standard_deviation 
_pdbx_validate_rmsd_angle.linker_flag 
1  1 C  A ARG 53  ? ? N  A PRO 54  ? ? CD  A PRO 54  ? ? 114.84 128.40 -13.56 2.10 Y 
2  1 CA A LEU 58  ? ? CB A LEU 58  ? ? CG  A LEU 58  ? ? 129.25 115.30 13.95  2.30 N 
3  1 C  A LYS 98  ? ? N  A PRO 99  ? ? CA  A PRO 99  ? ? 128.66 119.30 9.36   1.50 Y 
4  1 CA A LEU 108 ? ? CB A LEU 108 ? ? CG  A LEU 108 ? ? 87.55  115.30 -27.75 2.30 N 
5  1 CB A LEU 108 ? ? CG A LEU 108 ? ? CD2 A LEU 108 ? ? 99.20  111.00 -11.80 1.70 N 
6  1 N  A ASN 111 ? ? CA A ASN 111 ? ? C   A ASN 111 ? ? 130.79 111.00 19.79  2.70 N 
7  1 CA A LEU 120 ? ? CB A LEU 120 ? ? CG  A LEU 120 ? ? 135.89 115.30 20.59  2.30 N 
8  1 C  A THR 131 ? ? N  A PRO 132 ? ? CD  A PRO 132 ? ? 115.02 128.40 -13.38 2.10 Y 
9  1 CB A VAL 152 ? ? CA A VAL 152 ? ? C   A VAL 152 ? ? 131.15 111.40 19.75  1.90 N 
10 1 N  A VAL 152 ? ? CA A VAL 152 ? ? CB  A VAL 152 ? ? 88.11  111.50 -23.39 2.20 N 
11 1 CA A LEU 178 ? ? CB A LEU 178 ? ? CG  A LEU 178 ? ? 132.28 115.30 16.98  2.30 N 
12 1 CB A LEU 178 ? ? CG A LEU 178 ? ? CD2 A LEU 178 ? ? 96.24  111.00 -14.76 1.70 N 
# 
loop_
_pdbx_validate_torsion.id 
_pdbx_validate_torsion.PDB_model_num 
_pdbx_validate_torsion.auth_comp_id 
_pdbx_validate_torsion.auth_asym_id 
_pdbx_validate_torsion.auth_seq_id 
_pdbx_validate_torsion.PDB_ins_code 
_pdbx_validate_torsion.label_alt_id 
_pdbx_validate_torsion.phi 
_pdbx_validate_torsion.psi 
1  1 LEU A 40  ? ? -95.47  -63.95  
2  1 SER A 41  ? ? -32.61  -27.53  
3  1 THR A 50  ? ? -82.11  36.86   
4  1 PRO A 84  ? ? -44.07  -8.60   
5  1 THR A 85  ? ? -33.29  149.25  
6  1 ALA A 95  ? ? 31.71   71.62   
7  1 GLU A 97  ? ? -31.21  149.93  
8  1 ASN A 111 ? ? -60.69  15.43   
9  1 LEU A 113 ? ? -96.02  -148.79 
10 1 ILE A 114 ? ? -34.81  144.60  
11 1 SER A 119 ? ? 171.30  -173.29 
12 1 GLU A 121 ? ? -34.61  123.16  
13 1 ASP A 122 ? ? -28.91  152.46  
14 1 PHE A 127 ? ? -11.93  92.81   
15 1 LEU A 128 ? ? -77.14  49.93   
16 1 THR A 129 ? ? -65.86  -179.96 
17 1 PRO A 132 ? ? -56.90  -75.35  
18 1 ASN A 157 ? ? -92.18  59.31   
19 1 GLN A 160 ? ? -48.51  -18.54  
20 1 GLU A 165 ? ? -60.51  3.49    
21 1 GLU A 180 ? ? -135.73 -52.57  
# 
loop_
_pdbx_unobs_or_zero_occ_residues.id 
_pdbx_unobs_or_zero_occ_residues.PDB_model_num 
_pdbx_unobs_or_zero_occ_residues.polymer_flag 
_pdbx_unobs_or_zero_occ_residues.occupancy_flag 
_pdbx_unobs_or_zero_occ_residues.auth_asym_id 
_pdbx_unobs_or_zero_occ_residues.auth_comp_id 
_pdbx_unobs_or_zero_occ_residues.auth_seq_id 
_pdbx_unobs_or_zero_occ_residues.PDB_ins_code 
_pdbx_unobs_or_zero_occ_residues.label_asym_id 
_pdbx_unobs_or_zero_occ_residues.label_comp_id 
_pdbx_unobs_or_zero_occ_residues.label_seq_id 
1  1 Y 1 A THR 7   ? A THR 1   
2  1 Y 1 A ALA 8   ? A ALA 2   
3  1 Y 1 A ALA 9   ? A ALA 3   
4  1 Y 1 A ALA 10  ? A ALA 4   
5  1 Y 1 A LYS 11  ? A LYS 5   
6  1 Y 1 A PHE 12  ? A PHE 6   
7  1 Y 1 A GLU 13  ? A GLU 7   
8  1 Y 1 A ARG 14  ? A ARG 8   
9  1 Y 1 A GLN 15  ? A GLN 9   
10 1 Y 1 A HIS 16  ? A HIS 10  
11 1 Y 1 A MET 17  ? A MET 11  
12 1 Y 1 A ASP 18  ? A ASP 12  
13 1 Y 1 A SER 19  ? A SER 13  
14 1 Y 1 A PRO 20  ? A PRO 14  
15 1 Y 1 A ASP 21  ? A ASP 15  
16 1 Y 1 A LEU 22  ? A LEU 16  
17 1 Y 1 A GLY 23  ? A GLY 17  
18 1 Y 1 A THR 24  ? A THR 18  
19 1 Y 1 A ASP 25  ? A ASP 19  
20 1 Y 1 A ASP 26  ? A ASP 20  
21 1 Y 1 A ASP 27  ? A ASP 21  
22 1 Y 1 A ASP 28  ? A ASP 22  
23 1 Y 1 A LYS 29  ? A LYS 23  
24 1 Y 1 A ALA 30  ? A ALA 24  
25 1 Y 1 A MET 31  ? A MET 25  
26 1 Y 1 A ALA 32  ? A ALA 26  
27 1 Y 1 A ASP 33  ? A ASP 27  
28 1 Y 1 A ILE 34  ? A ILE 28  
29 1 Y 1 A GLY 35  ? A GLY 29  
30 1 Y 1 A SER 36  ? A SER 30  
31 1 Y 1 A ASP 37  ? A ASP 31  
32 1 Y 1 A PHE 38  ? A PHE 32  
33 1 Y 1 A HIS 182 ? A HIS 176 
34 1 Y 1 A ASN 183 ? A ASN 177 
35 1 Y 1 A ASP 184 ? A ASP 178 
# 
loop_
_chem_comp_atom.comp_id 
_chem_comp_atom.atom_id 
_chem_comp_atom.type_symbol 
_chem_comp_atom.pdbx_aromatic_flag 
_chem_comp_atom.pdbx_stereo_config 
_chem_comp_atom.pdbx_ordinal 
ALA N    N N N 1   
ALA CA   C N S 2   
ALA C    C N N 3   
ALA O    O N N 4   
ALA CB   C N N 5   
ALA OXT  O N N 6   
ALA H    H N N 7   
ALA H2   H N N 8   
ALA HA   H N N 9   
ALA HB1  H N N 10  
ALA HB2  H N N 11  
ALA HB3  H N N 12  
ALA HXT  H N N 13  
ARG N    N N N 14  
ARG CA   C N S 15  
ARG C    C N N 16  
ARG O    O N N 17  
ARG CB   C N N 18  
ARG CG   C N N 19  
ARG CD   C N N 20  
ARG NE   N N N 21  
ARG CZ   C N N 22  
ARG NH1  N N N 23  
ARG NH2  N N N 24  
ARG OXT  O N N 25  
ARG H    H N N 26  
ARG H2   H N N 27  
ARG HA   H N N 28  
ARG HB2  H N N 29  
ARG HB3  H N N 30  
ARG HG2  H N N 31  
ARG HG3  H N N 32  
ARG HD2  H N N 33  
ARG HD3  H N N 34  
ARG HE   H N N 35  
ARG HH11 H N N 36  
ARG HH12 H N N 37  
ARG HH21 H N N 38  
ARG HH22 H N N 39  
ARG HXT  H N N 40  
ASN N    N N N 41  
ASN CA   C N S 42  
ASN C    C N N 43  
ASN O    O N N 44  
ASN CB   C N N 45  
ASN CG   C N N 46  
ASN OD1  O N N 47  
ASN ND2  N N N 48  
ASN OXT  O N N 49  
ASN H    H N N 50  
ASN H2   H N N 51  
ASN HA   H N N 52  
ASN HB2  H N N 53  
ASN HB3  H N N 54  
ASN HD21 H N N 55  
ASN HD22 H N N 56  
ASN HXT  H N N 57  
ASP N    N N N 58  
ASP CA   C N S 59  
ASP C    C N N 60  
ASP O    O N N 61  
ASP CB   C N N 62  
ASP CG   C N N 63  
ASP OD1  O N N 64  
ASP OD2  O N N 65  
ASP OXT  O N N 66  
ASP H    H N N 67  
ASP H2   H N N 68  
ASP HA   H N N 69  
ASP HB2  H N N 70  
ASP HB3  H N N 71  
ASP HD2  H N N 72  
ASP HXT  H N N 73  
CYS N    N N N 74  
CYS CA   C N R 75  
CYS C    C N N 76  
CYS O    O N N 77  
CYS CB   C N N 78  
CYS SG   S N N 79  
CYS OXT  O N N 80  
CYS H    H N N 81  
CYS H2   H N N 82  
CYS HA   H N N 83  
CYS HB2  H N N 84  
CYS HB3  H N N 85  
CYS HG   H N N 86  
CYS HXT  H N N 87  
GLN N    N N N 88  
GLN CA   C N S 89  
GLN C    C N N 90  
GLN O    O N N 91  
GLN CB   C N N 92  
GLN CG   C N N 93  
GLN CD   C N N 94  
GLN OE1  O N N 95  
GLN NE2  N N N 96  
GLN OXT  O N N 97  
GLN H    H N N 98  
GLN H2   H N N 99  
GLN HA   H N N 100 
GLN HB2  H N N 101 
GLN HB3  H N N 102 
GLN HG2  H N N 103 
GLN HG3  H N N 104 
GLN HE21 H N N 105 
GLN HE22 H N N 106 
GLN HXT  H N N 107 
GLU N    N N N 108 
GLU CA   C N S 109 
GLU C    C N N 110 
GLU O    O N N 111 
GLU CB   C N N 112 
GLU CG   C N N 113 
GLU CD   C N N 114 
GLU OE1  O N N 115 
GLU OE2  O N N 116 
GLU OXT  O N N 117 
GLU H    H N N 118 
GLU H2   H N N 119 
GLU HA   H N N 120 
GLU HB2  H N N 121 
GLU HB3  H N N 122 
GLU HG2  H N N 123 
GLU HG3  H N N 124 
GLU HE2  H N N 125 
GLU HXT  H N N 126 
GLY N    N N N 127 
GLY CA   C N N 128 
GLY C    C N N 129 
GLY O    O N N 130 
GLY OXT  O N N 131 
GLY H    H N N 132 
GLY H2   H N N 133 
GLY HA2  H N N 134 
GLY HA3  H N N 135 
GLY HXT  H N N 136 
HIS N    N N N 137 
HIS CA   C N S 138 
HIS C    C N N 139 
HIS O    O N N 140 
HIS CB   C N N 141 
HIS CG   C Y N 142 
HIS ND1  N Y N 143 
HIS CD2  C Y N 144 
HIS CE1  C Y N 145 
HIS NE2  N Y N 146 
HIS OXT  O N N 147 
HIS H    H N N 148 
HIS H2   H N N 149 
HIS HA   H N N 150 
HIS HB2  H N N 151 
HIS HB3  H N N 152 
HIS HD1  H N N 153 
HIS HD2  H N N 154 
HIS HE1  H N N 155 
HIS HE2  H N N 156 
HIS HXT  H N N 157 
HOH O    O N N 158 
HOH H1   H N N 159 
HOH H2   H N N 160 
ILE N    N N N 161 
ILE CA   C N S 162 
ILE C    C N N 163 
ILE O    O N N 164 
ILE CB   C N S 165 
ILE CG1  C N N 166 
ILE CG2  C N N 167 
ILE CD1  C N N 168 
ILE OXT  O N N 169 
ILE H    H N N 170 
ILE H2   H N N 171 
ILE HA   H N N 172 
ILE HB   H N N 173 
ILE HG12 H N N 174 
ILE HG13 H N N 175 
ILE HG21 H N N 176 
ILE HG22 H N N 177 
ILE HG23 H N N 178 
ILE HD11 H N N 179 
ILE HD12 H N N 180 
ILE HD13 H N N 181 
ILE HXT  H N N 182 
LEU N    N N N 183 
LEU CA   C N S 184 
LEU C    C N N 185 
LEU O    O N N 186 
LEU CB   C N N 187 
LEU CG   C N N 188 
LEU CD1  C N N 189 
LEU CD2  C N N 190 
LEU OXT  O N N 191 
LEU H    H N N 192 
LEU H2   H N N 193 
LEU HA   H N N 194 
LEU HB2  H N N 195 
LEU HB3  H N N 196 
LEU HG   H N N 197 
LEU HD11 H N N 198 
LEU HD12 H N N 199 
LEU HD13 H N N 200 
LEU HD21 H N N 201 
LEU HD22 H N N 202 
LEU HD23 H N N 203 
LEU HXT  H N N 204 
LYS N    N N N 205 
LYS CA   C N S 206 
LYS C    C N N 207 
LYS O    O N N 208 
LYS CB   C N N 209 
LYS CG   C N N 210 
LYS CD   C N N 211 
LYS CE   C N N 212 
LYS NZ   N N N 213 
LYS OXT  O N N 214 
LYS H    H N N 215 
LYS H2   H N N 216 
LYS HA   H N N 217 
LYS HB2  H N N 218 
LYS HB3  H N N 219 
LYS HG2  H N N 220 
LYS HG3  H N N 221 
LYS HD2  H N N 222 
LYS HD3  H N N 223 
LYS HE2  H N N 224 
LYS HE3  H N N 225 
LYS HZ1  H N N 226 
LYS HZ2  H N N 227 
LYS HZ3  H N N 228 
LYS HXT  H N N 229 
MET N    N N N 230 
MET CA   C N S 231 
MET C    C N N 232 
MET O    O N N 233 
MET CB   C N N 234 
MET CG   C N N 235 
MET SD   S N N 236 
MET CE   C N N 237 
MET OXT  O N N 238 
MET H    H N N 239 
MET H2   H N N 240 
MET HA   H N N 241 
MET HB2  H N N 242 
MET HB3  H N N 243 
MET HG2  H N N 244 
MET HG3  H N N 245 
MET HE1  H N N 246 
MET HE2  H N N 247 
MET HE3  H N N 248 
MET HXT  H N N 249 
PHE N    N N N 250 
PHE CA   C N S 251 
PHE C    C N N 252 
PHE O    O N N 253 
PHE CB   C N N 254 
PHE CG   C Y N 255 
PHE CD1  C Y N 256 
PHE CD2  C Y N 257 
PHE CE1  C Y N 258 
PHE CE2  C Y N 259 
PHE CZ   C Y N 260 
PHE OXT  O N N 261 
PHE H    H N N 262 
PHE H2   H N N 263 
PHE HA   H N N 264 
PHE HB2  H N N 265 
PHE HB3  H N N 266 
PHE HD1  H N N 267 
PHE HD2  H N N 268 
PHE HE1  H N N 269 
PHE HE2  H N N 270 
PHE HZ   H N N 271 
PHE HXT  H N N 272 
PRO N    N N N 273 
PRO CA   C N S 274 
PRO C    C N N 275 
PRO O    O N N 276 
PRO CB   C N N 277 
PRO CG   C N N 278 
PRO CD   C N N 279 
PRO OXT  O N N 280 
PRO H    H N N 281 
PRO HA   H N N 282 
PRO HB2  H N N 283 
PRO HB3  H N N 284 
PRO HG2  H N N 285 
PRO HG3  H N N 286 
PRO HD2  H N N 287 
PRO HD3  H N N 288 
PRO HXT  H N N 289 
SER N    N N N 290 
SER CA   C N S 291 
SER C    C N N 292 
SER O    O N N 293 
SER CB   C N N 294 
SER OG   O N N 295 
SER OXT  O N N 296 
SER H    H N N 297 
SER H2   H N N 298 
SER HA   H N N 299 
SER HB2  H N N 300 
SER HB3  H N N 301 
SER HG   H N N 302 
SER HXT  H N N 303 
THR N    N N N 304 
THR CA   C N S 305 
THR C    C N N 306 
THR O    O N N 307 
THR CB   C N R 308 
THR OG1  O N N 309 
THR CG2  C N N 310 
THR OXT  O N N 311 
THR H    H N N 312 
THR H2   H N N 313 
THR HA   H N N 314 
THR HB   H N N 315 
THR HG1  H N N 316 
THR HG21 H N N 317 
THR HG22 H N N 318 
THR HG23 H N N 319 
THR HXT  H N N 320 
TRP N    N N N 321 
TRP CA   C N S 322 
TRP C    C N N 323 
TRP O    O N N 324 
TRP CB   C N N 325 
TRP CG   C Y N 326 
TRP CD1  C Y N 327 
TRP CD2  C Y N 328 
TRP NE1  N Y N 329 
TRP CE2  C Y N 330 
TRP CE3  C Y N 331 
TRP CZ2  C Y N 332 
TRP CZ3  C Y N 333 
TRP CH2  C Y N 334 
TRP OXT  O N N 335 
TRP H    H N N 336 
TRP H2   H N N 337 
TRP HA   H N N 338 
TRP HB2  H N N 339 
TRP HB3  H N N 340 
TRP HD1  H N N 341 
TRP HE1  H N N 342 
TRP HE3  H N N 343 
TRP HZ2  H N N 344 
TRP HZ3  H N N 345 
TRP HH2  H N N 346 
TRP HXT  H N N 347 
TYR N    N N N 348 
TYR CA   C N S 349 
TYR C    C N N 350 
TYR O    O N N 351 
TYR CB   C N N 352 
TYR CG   C Y N 353 
TYR CD1  C Y N 354 
TYR CD2  C Y N 355 
TYR CE1  C Y N 356 
TYR CE2  C Y N 357 
TYR CZ   C Y N 358 
TYR OH   O N N 359 
TYR OXT  O N N 360 
TYR H    H N N 361 
TYR H2   H N N 362 
TYR HA   H N N 363 
TYR HB2  H N N 364 
TYR HB3  H N N 365 
TYR HD1  H N N 366 
TYR HD2  H N N 367 
TYR HE1  H N N 368 
TYR HE2  H N N 369 
TYR HH   H N N 370 
TYR HXT  H N N 371 
VAL N    N N N 372 
VAL CA   C N S 373 
VAL C    C N N 374 
VAL O    O N N 375 
VAL CB   C N N 376 
VAL CG1  C N N 377 
VAL CG2  C N N 378 
VAL OXT  O N N 379 
VAL H    H N N 380 
VAL H2   H N N 381 
VAL HA   H N N 382 
VAL HB   H N N 383 
VAL HG11 H N N 384 
VAL HG12 H N N 385 
VAL HG13 H N N 386 
VAL HG21 H N N 387 
VAL HG22 H N N 388 
VAL HG23 H N N 389 
VAL HXT  H N N 390 
# 
loop_
_chem_comp_bond.comp_id 
_chem_comp_bond.atom_id_1 
_chem_comp_bond.atom_id_2 
_chem_comp_bond.value_order 
_chem_comp_bond.pdbx_aromatic_flag 
_chem_comp_bond.pdbx_stereo_config 
_chem_comp_bond.pdbx_ordinal 
ALA N   CA   sing N N 1   
ALA N   H    sing N N 2   
ALA N   H2   sing N N 3   
ALA CA  C    sing N N 4   
ALA CA  CB   sing N N 5   
ALA CA  HA   sing N N 6   
ALA C   O    doub N N 7   
ALA C   OXT  sing N N 8   
ALA CB  HB1  sing N N 9   
ALA CB  HB2  sing N N 10  
ALA CB  HB3  sing N N 11  
ALA OXT HXT  sing N N 12  
ARG N   CA   sing N N 13  
ARG N   H    sing N N 14  
ARG N   H2   sing N N 15  
ARG CA  C    sing N N 16  
ARG CA  CB   sing N N 17  
ARG CA  HA   sing N N 18  
ARG C   O    doub N N 19  
ARG C   OXT  sing N N 20  
ARG CB  CG   sing N N 21  
ARG CB  HB2  sing N N 22  
ARG CB  HB3  sing N N 23  
ARG CG  CD   sing N N 24  
ARG CG  HG2  sing N N 25  
ARG CG  HG3  sing N N 26  
ARG CD  NE   sing N N 27  
ARG CD  HD2  sing N N 28  
ARG CD  HD3  sing N N 29  
ARG NE  CZ   sing N N 30  
ARG NE  HE   sing N N 31  
ARG CZ  NH1  sing N N 32  
ARG CZ  NH2  doub N N 33  
ARG NH1 HH11 sing N N 34  
ARG NH1 HH12 sing N N 35  
ARG NH2 HH21 sing N N 36  
ARG NH2 HH22 sing N N 37  
ARG OXT HXT  sing N N 38  
ASN N   CA   sing N N 39  
ASN N   H    sing N N 40  
ASN N   H2   sing N N 41  
ASN CA  C    sing N N 42  
ASN CA  CB   sing N N 43  
ASN CA  HA   sing N N 44  
ASN C   O    doub N N 45  
ASN C   OXT  sing N N 46  
ASN CB  CG   sing N N 47  
ASN CB  HB2  sing N N 48  
ASN CB  HB3  sing N N 49  
ASN CG  OD1  doub N N 50  
ASN CG  ND2  sing N N 51  
ASN ND2 HD21 sing N N 52  
ASN ND2 HD22 sing N N 53  
ASN OXT HXT  sing N N 54  
ASP N   CA   sing N N 55  
ASP N   H    sing N N 56  
ASP N   H2   sing N N 57  
ASP CA  C    sing N N 58  
ASP CA  CB   sing N N 59  
ASP CA  HA   sing N N 60  
ASP C   O    doub N N 61  
ASP C   OXT  sing N N 62  
ASP CB  CG   sing N N 63  
ASP CB  HB2  sing N N 64  
ASP CB  HB3  sing N N 65  
ASP CG  OD1  doub N N 66  
ASP CG  OD2  sing N N 67  
ASP OD2 HD2  sing N N 68  
ASP OXT HXT  sing N N 69  
CYS N   CA   sing N N 70  
CYS N   H    sing N N 71  
CYS N   H2   sing N N 72  
CYS CA  C    sing N N 73  
CYS CA  CB   sing N N 74  
CYS CA  HA   sing N N 75  
CYS C   O    doub N N 76  
CYS C   OXT  sing N N 77  
CYS CB  SG   sing N N 78  
CYS CB  HB2  sing N N 79  
CYS CB  HB3  sing N N 80  
CYS SG  HG   sing N N 81  
CYS OXT HXT  sing N N 82  
GLN N   CA   sing N N 83  
GLN N   H    sing N N 84  
GLN N   H2   sing N N 85  
GLN CA  C    sing N N 86  
GLN CA  CB   sing N N 87  
GLN CA  HA   sing N N 88  
GLN C   O    doub N N 89  
GLN C   OXT  sing N N 90  
GLN CB  CG   sing N N 91  
GLN CB  HB2  sing N N 92  
GLN CB  HB3  sing N N 93  
GLN CG  CD   sing N N 94  
GLN CG  HG2  sing N N 95  
GLN CG  HG3  sing N N 96  
GLN CD  OE1  doub N N 97  
GLN CD  NE2  sing N N 98  
GLN NE2 HE21 sing N N 99  
GLN NE2 HE22 sing N N 100 
GLN OXT HXT  sing N N 101 
GLU N   CA   sing N N 102 
GLU N   H    sing N N 103 
GLU N   H2   sing N N 104 
GLU CA  C    sing N N 105 
GLU CA  CB   sing N N 106 
GLU CA  HA   sing N N 107 
GLU C   O    doub N N 108 
GLU C   OXT  sing N N 109 
GLU CB  CG   sing N N 110 
GLU CB  HB2  sing N N 111 
GLU CB  HB3  sing N N 112 
GLU CG  CD   sing N N 113 
GLU CG  HG2  sing N N 114 
GLU CG  HG3  sing N N 115 
GLU CD  OE1  doub N N 116 
GLU CD  OE2  sing N N 117 
GLU OE2 HE2  sing N N 118 
GLU OXT HXT  sing N N 119 
GLY N   CA   sing N N 120 
GLY N   H    sing N N 121 
GLY N   H2   sing N N 122 
GLY CA  C    sing N N 123 
GLY CA  HA2  sing N N 124 
GLY CA  HA3  sing N N 125 
GLY C   O    doub N N 126 
GLY C   OXT  sing N N 127 
GLY OXT HXT  sing N N 128 
HIS N   CA   sing N N 129 
HIS N   H    sing N N 130 
HIS N   H2   sing N N 131 
HIS CA  C    sing N N 132 
HIS CA  CB   sing N N 133 
HIS CA  HA   sing N N 134 
HIS C   O    doub N N 135 
HIS C   OXT  sing N N 136 
HIS CB  CG   sing N N 137 
HIS CB  HB2  sing N N 138 
HIS CB  HB3  sing N N 139 
HIS CG  ND1  sing Y N 140 
HIS CG  CD2  doub Y N 141 
HIS ND1 CE1  doub Y N 142 
HIS ND1 HD1  sing N N 143 
HIS CD2 NE2  sing Y N 144 
HIS CD2 HD2  sing N N 145 
HIS CE1 NE2  sing Y N 146 
HIS CE1 HE1  sing N N 147 
HIS NE2 HE2  sing N N 148 
HIS OXT HXT  sing N N 149 
HOH O   H1   sing N N 150 
HOH O   H2   sing N N 151 
ILE N   CA   sing N N 152 
ILE N   H    sing N N 153 
ILE N   H2   sing N N 154 
ILE CA  C    sing N N 155 
ILE CA  CB   sing N N 156 
ILE CA  HA   sing N N 157 
ILE C   O    doub N N 158 
ILE C   OXT  sing N N 159 
ILE CB  CG1  sing N N 160 
ILE CB  CG2  sing N N 161 
ILE CB  HB   sing N N 162 
ILE CG1 CD1  sing N N 163 
ILE CG1 HG12 sing N N 164 
ILE CG1 HG13 sing N N 165 
ILE CG2 HG21 sing N N 166 
ILE CG2 HG22 sing N N 167 
ILE CG2 HG23 sing N N 168 
ILE CD1 HD11 sing N N 169 
ILE CD1 HD12 sing N N 170 
ILE CD1 HD13 sing N N 171 
ILE OXT HXT  sing N N 172 
LEU N   CA   sing N N 173 
LEU N   H    sing N N 174 
LEU N   H2   sing N N 175 
LEU CA  C    sing N N 176 
LEU CA  CB   sing N N 177 
LEU CA  HA   sing N N 178 
LEU C   O    doub N N 179 
LEU C   OXT  sing N N 180 
LEU CB  CG   sing N N 181 
LEU CB  HB2  sing N N 182 
LEU CB  HB3  sing N N 183 
LEU CG  CD1  sing N N 184 
LEU CG  CD2  sing N N 185 
LEU CG  HG   sing N N 186 
LEU CD1 HD11 sing N N 187 
LEU CD1 HD12 sing N N 188 
LEU CD1 HD13 sing N N 189 
LEU CD2 HD21 sing N N 190 
LEU CD2 HD22 sing N N 191 
LEU CD2 HD23 sing N N 192 
LEU OXT HXT  sing N N 193 
LYS N   CA   sing N N 194 
LYS N   H    sing N N 195 
LYS N   H2   sing N N 196 
LYS CA  C    sing N N 197 
LYS CA  CB   sing N N 198 
LYS CA  HA   sing N N 199 
LYS C   O    doub N N 200 
LYS C   OXT  sing N N 201 
LYS CB  CG   sing N N 202 
LYS CB  HB2  sing N N 203 
LYS CB  HB3  sing N N 204 
LYS CG  CD   sing N N 205 
LYS CG  HG2  sing N N 206 
LYS CG  HG3  sing N N 207 
LYS CD  CE   sing N N 208 
LYS CD  HD2  sing N N 209 
LYS CD  HD3  sing N N 210 
LYS CE  NZ   sing N N 211 
LYS CE  HE2  sing N N 212 
LYS CE  HE3  sing N N 213 
LYS NZ  HZ1  sing N N 214 
LYS NZ  HZ2  sing N N 215 
LYS NZ  HZ3  sing N N 216 
LYS OXT HXT  sing N N 217 
MET N   CA   sing N N 218 
MET N   H    sing N N 219 
MET N   H2   sing N N 220 
MET CA  C    sing N N 221 
MET CA  CB   sing N N 222 
MET CA  HA   sing N N 223 
MET C   O    doub N N 224 
MET C   OXT  sing N N 225 
MET CB  CG   sing N N 226 
MET CB  HB2  sing N N 227 
MET CB  HB3  sing N N 228 
MET CG  SD   sing N N 229 
MET CG  HG2  sing N N 230 
MET CG  HG3  sing N N 231 
MET SD  CE   sing N N 232 
MET CE  HE1  sing N N 233 
MET CE  HE2  sing N N 234 
MET CE  HE3  sing N N 235 
MET OXT HXT  sing N N 236 
PHE N   CA   sing N N 237 
PHE N   H    sing N N 238 
PHE N   H2   sing N N 239 
PHE CA  C    sing N N 240 
PHE CA  CB   sing N N 241 
PHE CA  HA   sing N N 242 
PHE C   O    doub N N 243 
PHE C   OXT  sing N N 244 
PHE CB  CG   sing N N 245 
PHE CB  HB2  sing N N 246 
PHE CB  HB3  sing N N 247 
PHE CG  CD1  doub Y N 248 
PHE CG  CD2  sing Y N 249 
PHE CD1 CE1  sing Y N 250 
PHE CD1 HD1  sing N N 251 
PHE CD2 CE2  doub Y N 252 
PHE CD2 HD2  sing N N 253 
PHE CE1 CZ   doub Y N 254 
PHE CE1 HE1  sing N N 255 
PHE CE2 CZ   sing Y N 256 
PHE CE2 HE2  sing N N 257 
PHE CZ  HZ   sing N N 258 
PHE OXT HXT  sing N N 259 
PRO N   CA   sing N N 260 
PRO N   CD   sing N N 261 
PRO N   H    sing N N 262 
PRO CA  C    sing N N 263 
PRO CA  CB   sing N N 264 
PRO CA  HA   sing N N 265 
PRO C   O    doub N N 266 
PRO C   OXT  sing N N 267 
PRO CB  CG   sing N N 268 
PRO CB  HB2  sing N N 269 
PRO CB  HB3  sing N N 270 
PRO CG  CD   sing N N 271 
PRO CG  HG2  sing N N 272 
PRO CG  HG3  sing N N 273 
PRO CD  HD2  sing N N 274 
PRO CD  HD3  sing N N 275 
PRO OXT HXT  sing N N 276 
SER N   CA   sing N N 277 
SER N   H    sing N N 278 
SER N   H2   sing N N 279 
SER CA  C    sing N N 280 
SER CA  CB   sing N N 281 
SER CA  HA   sing N N 282 
SER C   O    doub N N 283 
SER C   OXT  sing N N 284 
SER CB  OG   sing N N 285 
SER CB  HB2  sing N N 286 
SER CB  HB3  sing N N 287 
SER OG  HG   sing N N 288 
SER OXT HXT  sing N N 289 
THR N   CA   sing N N 290 
THR N   H    sing N N 291 
THR N   H2   sing N N 292 
THR CA  C    sing N N 293 
THR CA  CB   sing N N 294 
THR CA  HA   sing N N 295 
THR C   O    doub N N 296 
THR C   OXT  sing N N 297 
THR CB  OG1  sing N N 298 
THR CB  CG2  sing N N 299 
THR CB  HB   sing N N 300 
THR OG1 HG1  sing N N 301 
THR CG2 HG21 sing N N 302 
THR CG2 HG22 sing N N 303 
THR CG2 HG23 sing N N 304 
THR OXT HXT  sing N N 305 
TRP N   CA   sing N N 306 
TRP N   H    sing N N 307 
TRP N   H2   sing N N 308 
TRP CA  C    sing N N 309 
TRP CA  CB   sing N N 310 
TRP CA  HA   sing N N 311 
TRP C   O    doub N N 312 
TRP C   OXT  sing N N 313 
TRP CB  CG   sing N N 314 
TRP CB  HB2  sing N N 315 
TRP CB  HB3  sing N N 316 
TRP CG  CD1  doub Y N 317 
TRP CG  CD2  sing Y N 318 
TRP CD1 NE1  sing Y N 319 
TRP CD1 HD1  sing N N 320 
TRP CD2 CE2  doub Y N 321 
TRP CD2 CE3  sing Y N 322 
TRP NE1 CE2  sing Y N 323 
TRP NE1 HE1  sing N N 324 
TRP CE2 CZ2  sing Y N 325 
TRP CE3 CZ3  doub Y N 326 
TRP CE3 HE3  sing N N 327 
TRP CZ2 CH2  doub Y N 328 
TRP CZ2 HZ2  sing N N 329 
TRP CZ3 CH2  sing Y N 330 
TRP CZ3 HZ3  sing N N 331 
TRP CH2 HH2  sing N N 332 
TRP OXT HXT  sing N N 333 
TYR N   CA   sing N N 334 
TYR N   H    sing N N 335 
TYR N   H2   sing N N 336 
TYR CA  C    sing N N 337 
TYR CA  CB   sing N N 338 
TYR CA  HA   sing N N 339 
TYR C   O    doub N N 340 
TYR C   OXT  sing N N 341 
TYR CB  CG   sing N N 342 
TYR CB  HB2  sing N N 343 
TYR CB  HB3  sing N N 344 
TYR CG  CD1  doub Y N 345 
TYR CG  CD2  sing Y N 346 
TYR CD1 CE1  sing Y N 347 
TYR CD1 HD1  sing N N 348 
TYR CD2 CE2  doub Y N 349 
TYR CD2 HD2  sing N N 350 
TYR CE1 CZ   doub Y N 351 
TYR CE1 HE1  sing N N 352 
TYR CE2 CZ   sing Y N 353 
TYR CE2 HE2  sing N N 354 
TYR CZ  OH   sing N N 355 
TYR OH  HH   sing N N 356 
TYR OXT HXT  sing N N 357 
VAL N   CA   sing N N 358 
VAL N   H    sing N N 359 
VAL N   H2   sing N N 360 
VAL CA  C    sing N N 361 
VAL CA  CB   sing N N 362 
VAL CA  HA   sing N N 363 
VAL C   O    doub N N 364 
VAL C   OXT  sing N N 365 
VAL CB  CG1  sing N N 366 
VAL CB  CG2  sing N N 367 
VAL CB  HB   sing N N 368 
VAL CG1 HG11 sing N N 369 
VAL CG1 HG12 sing N N 370 
VAL CG1 HG13 sing N N 371 
VAL CG2 HG21 sing N N 372 
VAL CG2 HG22 sing N N 373 
VAL CG2 HG23 sing N N 374 
VAL OXT HXT  sing N N 375 
# 
_pdbx_entity_nonpoly.entity_id   2 
_pdbx_entity_nonpoly.name        water 
_pdbx_entity_nonpoly.comp_id     HOH 
# 
_pdbx_initial_refinement_model.id               1 
_pdbx_initial_refinement_model.entity_id_list   ? 
_pdbx_initial_refinement_model.type             'experimental model' 
_pdbx_initial_refinement_model.source_name      PDB 
_pdbx_initial_refinement_model.accession_code   4EM2 
_pdbx_initial_refinement_model.details          'PDB ENTRY 4EM2' 
# 
